data_2CTM
#
_entry.id   2CTM
#
_entity_poly.entity_id   1
_entity_poly.type   'polypeptide(L)'
_entity_poly.pdbx_seq_one_letter_code
;GSSGSSGRIVGELEQMVSEDVPLDHRVHARIIGARGKAIRKIMDEFKVDIRFPQSGAPDPNCVTVTGLPENVEEAIDHIL
NLEEEYLADSGPSSG
;
_entity_poly.pdbx_strand_id   A
#
# COMPACT_ATOMS: atom_id res chain seq x y z
N GLY A 1 -29.21 14.03 -8.52
CA GLY A 1 -29.73 14.12 -7.17
C GLY A 1 -29.34 12.94 -6.31
N SER A 2 -28.06 12.85 -5.98
CA SER A 2 -27.55 11.75 -5.16
C SER A 2 -27.34 12.21 -3.72
N SER A 3 -27.65 11.32 -2.77
CA SER A 3 -27.48 11.64 -1.36
C SER A 3 -26.04 11.98 -1.04
N GLY A 4 -25.79 13.26 -0.77
CA GLY A 4 -24.44 13.71 -0.46
C GLY A 4 -23.53 13.66 -1.66
N SER A 5 -22.22 13.54 -1.40
CA SER A 5 -21.24 13.49 -2.47
C SER A 5 -21.75 12.68 -3.65
N SER A 6 -21.55 13.21 -4.86
CA SER A 6 -22.00 12.53 -6.07
C SER A 6 -20.84 11.83 -6.76
N GLY A 7 -19.74 12.56 -6.94
CA GLY A 7 -18.57 11.98 -7.60
C GLY A 7 -17.45 11.69 -6.62
N ARG A 8 -16.36 11.12 -7.12
CA ARG A 8 -15.21 10.79 -6.29
C ARG A 8 -14.43 12.04 -5.92
N ILE A 9 -13.57 11.92 -4.91
CA ILE A 9 -12.76 13.05 -4.47
C ILE A 9 -11.48 12.56 -3.78
N VAL A 10 -10.62 13.51 -3.41
CA VAL A 10 -9.37 13.19 -2.74
C VAL A 10 -9.45 13.43 -1.24
N GLY A 11 -10.19 14.47 -0.88
CA GLY A 11 -10.35 14.81 0.53
C GLY A 11 -9.38 15.88 0.98
N GLU A 12 -9.33 16.12 2.29
CA GLU A 12 -8.44 17.14 2.84
C GLU A 12 -7.22 16.48 3.48
N LEU A 13 -6.08 17.18 3.41
CA LEU A 13 -4.84 16.67 3.97
C LEU A 13 -5.04 16.23 5.42
N GLU A 14 -5.47 17.16 6.27
CA GLU A 14 -5.70 16.86 7.68
C GLU A 14 -6.71 15.73 7.84
N GLN A 15 -7.72 15.72 6.97
CA GLN A 15 -8.76 14.69 7.02
C GLN A 15 -8.15 13.30 6.89
N MET A 16 -7.03 13.22 6.18
CA MET A 16 -6.35 11.94 6.00
C MET A 16 -5.95 11.33 7.34
N VAL A 17 -5.87 10.00 7.37
CA VAL A 17 -5.49 9.30 8.60
C VAL A 17 -4.35 8.32 8.34
N SER A 18 -3.36 8.34 9.22
CA SER A 18 -2.20 7.46 9.09
C SER A 18 -2.49 6.09 9.71
N GLU A 19 -2.21 5.04 8.95
CA GLU A 19 -2.43 3.68 9.42
C GLU A 19 -1.17 2.84 9.28
N ASP A 20 -1.12 1.72 10.01
CA ASP A 20 0.02 0.83 9.96
C ASP A 20 -0.36 -0.51 9.36
N VAL A 21 0.28 -0.86 8.24
CA VAL A 21 0.01 -2.11 7.55
C VAL A 21 1.19 -3.07 7.67
N PRO A 22 0.93 -4.26 8.23
CA PRO A 22 1.96 -5.29 8.42
C PRO A 22 2.41 -5.90 7.09
N LEU A 23 3.57 -5.46 6.60
CA LEU A 23 4.10 -5.97 5.34
C LEU A 23 5.47 -6.60 5.56
N ASP A 24 5.65 -7.81 5.04
CA ASP A 24 6.92 -8.52 5.17
C ASP A 24 8.00 -7.85 4.34
N HIS A 25 9.22 -7.82 4.87
CA HIS A 25 10.35 -7.21 4.18
C HIS A 25 10.72 -8.00 2.93
N ARG A 26 10.19 -9.22 2.84
CA ARG A 26 10.47 -10.09 1.70
C ARG A 26 9.64 -9.68 0.49
N VAL A 27 8.60 -8.88 0.74
CA VAL A 27 7.73 -8.41 -0.32
C VAL A 27 7.76 -6.89 -0.45
N HIS A 28 8.68 -6.27 0.29
CA HIS A 28 8.81 -4.82 0.27
C HIS A 28 9.25 -4.34 -1.12
N ALA A 29 10.49 -4.64 -1.48
CA ALA A 29 11.03 -4.24 -2.77
C ALA A 29 10.13 -4.72 -3.92
N ARG A 30 9.77 -5.99 -3.88
CA ARG A 30 8.92 -6.57 -4.91
C ARG A 30 7.74 -5.65 -5.23
N ILE A 31 7.20 -5.02 -4.18
CA ILE A 31 6.08 -4.11 -4.35
C ILE A 31 6.54 -2.71 -4.75
N ILE A 32 7.58 -2.23 -4.07
CA ILE A 32 8.12 -0.90 -4.37
C ILE A 32 8.46 -0.76 -5.85
N GLY A 33 8.97 -1.84 -6.43
CA GLY A 33 9.33 -1.82 -7.84
C GLY A 33 10.79 -1.46 -8.06
N ALA A 34 11.09 -0.91 -9.23
CA ALA A 34 12.45 -0.51 -9.57
C ALA A 34 12.73 0.93 -9.17
N ARG A 35 11.98 1.85 -9.76
CA ARG A 35 12.15 3.27 -9.47
C ARG A 35 10.96 3.80 -8.67
N GLY A 36 10.28 2.90 -7.97
CA GLY A 36 9.14 3.30 -7.17
C GLY A 36 7.88 3.45 -8.00
N LYS A 37 7.76 2.65 -9.06
CA LYS A 37 6.60 2.71 -9.93
C LYS A 37 5.50 1.76 -9.45
N ALA A 38 5.87 0.50 -9.25
CA ALA A 38 4.92 -0.51 -8.78
C ALA A 38 4.10 0.01 -7.59
N ILE A 39 4.72 0.88 -6.79
CA ILE A 39 4.05 1.45 -5.62
C ILE A 39 3.36 2.76 -5.99
N ARG A 40 3.77 3.36 -7.10
CA ARG A 40 3.18 4.61 -7.55
C ARG A 40 1.75 4.41 -8.04
N LYS A 41 1.54 3.30 -8.75
CA LYS A 41 0.22 2.99 -9.29
C LYS A 41 -0.77 2.67 -8.16
N ILE A 42 -0.26 2.03 -7.11
CA ILE A 42 -1.09 1.67 -5.97
C ILE A 42 -1.54 2.91 -5.21
N MET A 43 -0.62 3.86 -5.03
CA MET A 43 -0.93 5.09 -4.32
C MET A 43 -2.03 5.87 -5.04
N ASP A 44 -1.81 6.16 -6.32
CA ASP A 44 -2.79 6.89 -7.11
C ASP A 44 -4.11 6.15 -7.17
N GLU A 45 -4.05 4.83 -7.18
CA GLU A 45 -5.25 4.00 -7.23
C GLU A 45 -6.25 4.41 -6.16
N PHE A 46 -5.78 4.41 -4.91
CA PHE A 46 -6.63 4.79 -3.78
C PHE A 46 -6.33 6.21 -3.31
N LYS A 47 -5.44 6.88 -4.05
CA LYS A 47 -5.07 8.25 -3.71
C LYS A 47 -4.50 8.33 -2.30
N VAL A 48 -3.64 7.37 -1.95
CA VAL A 48 -3.03 7.33 -0.62
C VAL A 48 -1.53 7.56 -0.71
N ASP A 49 -0.88 7.64 0.45
CA ASP A 49 0.55 7.86 0.51
C ASP A 49 1.24 6.78 1.35
N ILE A 50 1.76 5.76 0.68
CA ILE A 50 2.45 4.68 1.37
C ILE A 50 3.87 5.07 1.75
N ARG A 51 4.20 4.91 3.03
CA ARG A 51 5.53 5.25 3.53
C ARG A 51 6.23 4.01 4.08
N PHE A 52 7.14 3.45 3.29
CA PHE A 52 7.88 2.26 3.69
C PHE A 52 8.88 2.60 4.80
N PRO A 53 9.15 1.61 5.67
CA PRO A 53 10.09 1.78 6.79
C PRO A 53 11.53 1.90 6.31
N GLN A 54 12.20 2.96 6.76
CA GLN A 54 13.59 3.20 6.39
C GLN A 54 14.53 2.24 7.12
N SER A 55 15.77 2.19 6.68
CA SER A 55 16.76 1.31 7.29
C SER A 55 16.75 1.44 8.82
N GLY A 56 16.83 2.68 9.29
CA GLY A 56 16.82 2.92 10.72
C GLY A 56 15.41 2.99 11.29
N ALA A 57 14.46 2.41 10.57
CA ALA A 57 13.07 2.40 11.01
C ALA A 57 12.85 1.42 12.15
N PRO A 58 11.93 1.75 13.05
CA PRO A 58 11.60 0.91 14.21
C PRO A 58 10.90 -0.38 13.80
N ASP A 59 10.21 -0.34 12.67
CA ASP A 59 9.48 -1.51 12.17
C ASP A 59 9.75 -1.72 10.68
N PRO A 60 10.80 -2.50 10.38
CA PRO A 60 11.18 -2.79 9.00
C PRO A 60 10.18 -3.70 8.29
N ASN A 61 9.14 -4.10 9.02
CA ASN A 61 8.11 -4.97 8.46
C ASN A 61 6.74 -4.28 8.48
N CYS A 62 6.75 -2.98 8.76
CA CYS A 62 5.51 -2.20 8.81
C CYS A 62 5.63 -0.95 7.95
N VAL A 63 4.55 -0.63 7.24
CA VAL A 63 4.52 0.54 6.38
C VAL A 63 3.41 1.51 6.79
N THR A 64 3.75 2.79 6.86
CA THR A 64 2.79 3.82 7.24
C THR A 64 2.09 4.40 6.02
N VAL A 65 0.79 4.14 5.91
CA VAL A 65 0.00 4.64 4.79
C VAL A 65 -0.88 5.81 5.22
N THR A 66 -0.85 6.89 4.43
CA THR A 66 -1.65 8.07 4.73
C THR A 66 -2.83 8.19 3.78
N GLY A 67 -3.85 8.92 4.21
CA GLY A 67 -5.03 9.10 3.39
C GLY A 67 -6.32 8.82 4.14
N LEU A 68 -7.45 9.21 3.55
CA LEU A 68 -8.75 9.01 4.18
C LEU A 68 -8.87 7.58 4.72
N PRO A 69 -9.71 7.41 5.75
CA PRO A 69 -9.95 6.11 6.38
C PRO A 69 -10.72 5.16 5.46
N GLU A 70 -11.39 5.72 4.46
CA GLU A 70 -12.17 4.92 3.52
C GLU A 70 -11.31 4.46 2.36
N ASN A 71 -10.30 5.27 2.01
CA ASN A 71 -9.40 4.94 0.91
C ASN A 71 -8.25 4.07 1.40
N VAL A 72 -7.71 4.40 2.57
CA VAL A 72 -6.61 3.64 3.14
C VAL A 72 -6.98 2.17 3.34
N GLU A 73 -8.08 1.93 4.03
CA GLU A 73 -8.56 0.58 4.27
C GLU A 73 -8.48 -0.26 3.00
N GLU A 74 -8.98 0.29 1.90
CA GLU A 74 -8.98 -0.41 0.62
C GLU A 74 -7.55 -0.69 0.16
N ALA A 75 -6.68 0.30 0.32
CA ALA A 75 -5.28 0.15 -0.08
C ALA A 75 -4.62 -1.03 0.63
N ILE A 76 -4.86 -1.13 1.93
CA ILE A 76 -4.30 -2.22 2.72
C ILE A 76 -4.65 -3.58 2.11
N ASP A 77 -5.93 -3.86 1.98
CA ASP A 77 -6.39 -5.12 1.42
C ASP A 77 -5.63 -5.45 0.13
N HIS A 78 -5.30 -4.42 -0.64
CA HIS A 78 -4.57 -4.59 -1.89
C HIS A 78 -3.10 -4.91 -1.61
N ILE A 79 -2.58 -4.35 -0.52
CA ILE A 79 -1.18 -4.57 -0.15
C ILE A 79 -0.94 -6.01 0.27
N LEU A 80 -1.69 -6.46 1.27
CA LEU A 80 -1.57 -7.82 1.77
C LEU A 80 -1.78 -8.83 0.65
N ASN A 81 -2.63 -8.49 -0.31
CA ASN A 81 -2.91 -9.37 -1.44
C ASN A 81 -1.64 -9.69 -2.21
N LEU A 82 -0.84 -8.67 -2.48
CA LEU A 82 0.42 -8.85 -3.20
C LEU A 82 1.45 -9.57 -2.34
N GLU A 83 1.36 -9.37 -1.03
CA GLU A 83 2.28 -10.01 -0.10
C GLU A 83 2.28 -11.53 -0.28
N GLU A 84 1.10 -12.12 -0.13
CA GLU A 84 0.97 -13.58 -0.28
C GLU A 84 1.46 -14.03 -1.65
N GLU A 85 0.81 -13.54 -2.70
CA GLU A 85 1.18 -13.90 -4.06
C GLU A 85 2.71 -13.97 -4.21
N TYR A 86 3.38 -12.90 -3.82
CA TYR A 86 4.84 -12.84 -3.91
C TYR A 86 5.48 -13.92 -3.04
N LEU A 87 5.13 -13.94 -1.77
CA LEU A 87 5.68 -14.92 -0.83
C LEU A 87 5.66 -16.32 -1.44
N ALA A 88 4.51 -16.70 -2.00
CA ALA A 88 4.37 -18.01 -2.63
C ALA A 88 5.64 -18.41 -3.35
N ASP A 89 6.33 -17.44 -3.92
CA ASP A 89 7.57 -17.69 -4.64
C ASP A 89 8.79 -17.28 -3.82
N SER A 90 9.01 -17.99 -2.72
CA SER A 90 10.13 -17.70 -1.83
C SER A 90 10.91 -18.96 -1.49
N GLY A 91 11.96 -19.22 -2.27
CA GLY A 91 12.77 -20.40 -2.04
C GLY A 91 14.17 -20.07 -1.56
N PRO A 92 14.74 -20.93 -0.72
CA PRO A 92 16.09 -20.74 -0.17
C PRO A 92 17.17 -20.91 -1.22
N SER A 93 17.64 -19.80 -1.79
CA SER A 93 18.67 -19.83 -2.81
C SER A 93 19.94 -20.47 -2.28
N SER A 94 20.79 -20.93 -3.19
CA SER A 94 22.05 -21.57 -2.80
C SER A 94 22.88 -20.65 -1.92
N GLY A 95 23.04 -19.41 -2.36
CA GLY A 95 23.82 -18.45 -1.59
C GLY A 95 23.48 -17.01 -1.94
N GLY A 1 -29.18 -4.61 -13.33
CA GLY A 1 -28.39 -3.42 -13.64
C GLY A 1 -28.49 -2.37 -12.55
N SER A 2 -27.84 -2.63 -11.42
CA SER A 2 -27.86 -1.70 -10.30
C SER A 2 -26.74 -0.68 -10.42
N SER A 3 -27.10 0.59 -10.54
CA SER A 3 -26.13 1.67 -10.67
C SER A 3 -26.11 2.53 -9.42
N GLY A 4 -25.13 3.43 -9.34
CA GLY A 4 -25.01 4.30 -8.19
C GLY A 4 -24.29 5.60 -8.51
N SER A 5 -23.83 6.29 -7.47
CA SER A 5 -23.11 7.55 -7.66
C SER A 5 -21.78 7.53 -6.93
N SER A 6 -20.71 7.26 -7.67
CA SER A 6 -19.37 7.20 -7.10
C SER A 6 -18.40 8.08 -7.89
N GLY A 7 -17.37 8.59 -7.21
CA GLY A 7 -16.40 9.44 -7.86
C GLY A 7 -15.15 9.63 -7.02
N ARG A 8 -14.23 8.68 -7.11
CA ARG A 8 -12.98 8.74 -6.35
C ARG A 8 -12.50 10.18 -6.22
N ILE A 9 -11.92 10.50 -5.06
CA ILE A 9 -11.42 11.84 -4.81
C ILE A 9 -10.13 11.80 -3.99
N VAL A 10 -9.63 12.98 -3.63
CA VAL A 10 -8.40 13.08 -2.84
C VAL A 10 -8.71 13.42 -1.39
N GLY A 11 -9.66 14.33 -1.20
CA GLY A 11 -10.03 14.74 0.14
C GLY A 11 -9.13 15.82 0.70
N GLU A 12 -9.19 16.03 2.01
CA GLU A 12 -8.36 17.04 2.65
C GLU A 12 -7.24 16.40 3.46
N LEU A 13 -6.07 17.02 3.44
CA LEU A 13 -4.91 16.51 4.17
C LEU A 13 -5.29 16.15 5.61
N GLU A 14 -5.63 17.18 6.39
CA GLU A 14 -6.00 16.97 7.79
C GLU A 14 -6.93 15.77 7.93
N GLN A 15 -7.93 15.70 7.05
CA GLN A 15 -8.88 14.60 7.09
C GLN A 15 -8.18 13.26 6.97
N MET A 16 -7.13 13.22 6.15
CA MET A 16 -6.36 12.00 5.95
C MET A 16 -5.93 11.39 7.28
N VAL A 17 -5.79 10.07 7.31
CA VAL A 17 -5.39 9.37 8.53
C VAL A 17 -4.22 8.43 8.25
N SER A 18 -3.31 8.31 9.23
CA SER A 18 -2.16 7.44 9.09
C SER A 18 -2.42 6.08 9.72
N GLU A 19 -2.17 5.02 8.96
CA GLU A 19 -2.39 3.66 9.45
C GLU A 19 -1.12 2.82 9.30
N ASP A 20 -1.05 1.73 10.05
CA ASP A 20 0.11 0.84 10.00
C ASP A 20 -0.27 -0.52 9.42
N VAL A 21 0.28 -0.83 8.26
CA VAL A 21 0.00 -2.11 7.61
C VAL A 21 1.23 -3.01 7.61
N PRO A 22 1.08 -4.20 8.21
CA PRO A 22 2.16 -5.18 8.30
C PRO A 22 2.50 -5.80 6.96
N LEU A 23 3.62 -5.36 6.38
CA LEU A 23 4.06 -5.87 5.08
C LEU A 23 5.42 -6.54 5.20
N ASP A 24 5.47 -7.81 4.79
CA ASP A 24 6.71 -8.57 4.85
C ASP A 24 7.80 -7.91 4.01
N HIS A 25 8.96 -7.67 4.62
CA HIS A 25 10.08 -7.04 3.93
C HIS A 25 10.50 -7.86 2.72
N ARG A 26 10.21 -9.15 2.76
CA ARG A 26 10.57 -10.05 1.68
C ARG A 26 9.86 -9.66 0.39
N VAL A 27 8.80 -8.87 0.52
CA VAL A 27 8.02 -8.41 -0.63
C VAL A 27 8.09 -6.90 -0.77
N HIS A 28 8.52 -6.23 0.30
CA HIS A 28 8.62 -4.77 0.29
C HIS A 28 9.16 -4.27 -1.06
N ALA A 29 10.44 -4.52 -1.31
CA ALA A 29 11.06 -4.10 -2.56
C ALA A 29 10.29 -4.61 -3.77
N ARG A 30 9.99 -5.91 -3.76
CA ARG A 30 9.25 -6.52 -4.86
C ARG A 30 8.04 -5.66 -5.25
N ILE A 31 7.45 -5.00 -4.26
CA ILE A 31 6.29 -4.15 -4.49
C ILE A 31 6.71 -2.74 -4.87
N ILE A 32 7.66 -2.19 -4.12
CA ILE A 32 8.16 -0.84 -4.37
C ILE A 32 8.47 -0.65 -5.85
N GLY A 33 9.24 -1.57 -6.41
CA GLY A 33 9.60 -1.49 -7.81
C GLY A 33 10.94 -0.80 -8.02
N ALA A 34 11.56 -1.05 -9.17
CA ALA A 34 12.85 -0.45 -9.50
C ALA A 34 12.75 1.07 -9.52
N ARG A 35 11.83 1.58 -10.33
CA ARG A 35 11.65 3.03 -10.44
C ARG A 35 10.50 3.50 -9.55
N GLY A 36 10.18 2.70 -8.55
CA GLY A 36 9.09 3.05 -7.64
C GLY A 36 7.78 3.24 -8.36
N LYS A 37 7.59 2.52 -9.46
CA LYS A 37 6.36 2.61 -10.23
C LYS A 37 5.30 1.64 -9.70
N ALA A 38 5.73 0.40 -9.42
CA ALA A 38 4.82 -0.60 -8.90
C ALA A 38 4.01 -0.08 -7.73
N ILE A 39 4.64 0.77 -6.91
CA ILE A 39 3.97 1.35 -5.76
C ILE A 39 3.27 2.65 -6.12
N ARG A 40 3.73 3.29 -7.20
CA ARG A 40 3.14 4.54 -7.65
C ARG A 40 1.70 4.33 -8.10
N LYS A 41 1.45 3.23 -8.80
CA LYS A 41 0.11 2.93 -9.28
C LYS A 41 -0.85 2.67 -8.11
N ILE A 42 -0.32 2.07 -7.05
CA ILE A 42 -1.13 1.77 -5.88
C ILE A 42 -1.52 3.04 -5.14
N MET A 43 -0.56 3.93 -4.94
CA MET A 43 -0.80 5.19 -4.25
C MET A 43 -1.86 6.01 -4.99
N ASP A 44 -1.70 6.15 -6.29
CA ASP A 44 -2.64 6.91 -7.11
C ASP A 44 -4.00 6.22 -7.15
N GLU A 45 -3.98 4.89 -7.13
CA GLU A 45 -5.21 4.11 -7.17
C GLU A 45 -6.15 4.51 -6.03
N PHE A 46 -5.66 4.40 -4.80
CA PHE A 46 -6.44 4.75 -3.62
C PHE A 46 -6.08 6.14 -3.13
N LYS A 47 -5.33 6.89 -3.94
CA LYS A 47 -4.92 8.23 -3.57
C LYS A 47 -4.35 8.27 -2.16
N VAL A 48 -3.46 7.33 -1.87
CA VAL A 48 -2.84 7.25 -0.55
C VAL A 48 -1.33 7.39 -0.63
N ASP A 49 -0.68 7.62 0.50
CA ASP A 49 0.76 7.77 0.54
C ASP A 49 1.40 6.64 1.36
N ILE A 50 1.92 5.63 0.67
CA ILE A 50 2.55 4.50 1.32
C ILE A 50 4.00 4.81 1.69
N ARG A 51 4.27 4.93 2.98
CA ARG A 51 5.61 5.23 3.46
C ARG A 51 6.27 3.99 4.04
N PHE A 52 7.22 3.43 3.30
CA PHE A 52 7.93 2.23 3.75
C PHE A 52 8.95 2.57 4.84
N PRO A 53 9.25 1.57 5.68
CA PRO A 53 10.20 1.74 6.77
C PRO A 53 11.64 1.90 6.28
N GLN A 54 12.28 3.00 6.65
CA GLN A 54 13.65 3.27 6.25
C GLN A 54 14.63 2.37 7.01
N SER A 55 15.90 2.44 6.62
CA SER A 55 16.94 1.65 7.27
C SER A 55 16.89 1.81 8.79
N GLY A 56 16.71 3.05 9.24
CA GLY A 56 16.64 3.32 10.66
C GLY A 56 15.22 3.41 11.18
N ALA A 57 14.37 2.49 10.73
CA ALA A 57 12.97 2.48 11.14
C ALA A 57 12.74 1.44 12.24
N PRO A 58 11.79 1.72 13.14
CA PRO A 58 11.45 0.82 14.24
C PRO A 58 10.76 -0.45 13.76
N ASP A 59 10.06 -0.35 12.65
CA ASP A 59 9.34 -1.50 12.08
C ASP A 59 9.67 -1.67 10.61
N PRO A 60 10.73 -2.44 10.32
CA PRO A 60 11.18 -2.71 8.94
C PRO A 60 10.20 -3.59 8.19
N ASN A 61 9.15 -4.03 8.87
CA ASN A 61 8.14 -4.89 8.25
C ASN A 61 6.77 -4.23 8.29
N CYS A 62 6.74 -2.95 8.68
CA CYS A 62 5.49 -2.21 8.76
C CYS A 62 5.55 -0.95 7.91
N VAL A 63 4.47 -0.68 7.19
CA VAL A 63 4.39 0.49 6.32
C VAL A 63 3.35 1.48 6.82
N THR A 64 3.66 2.76 6.72
CA THR A 64 2.75 3.81 7.17
C THR A 64 1.98 4.41 5.99
N VAL A 65 0.73 3.99 5.82
CA VAL A 65 -0.11 4.48 4.73
C VAL A 65 -0.96 5.65 5.19
N THR A 66 -0.93 6.74 4.43
CA THR A 66 -1.72 7.93 4.76
C THR A 66 -2.90 8.08 3.82
N GLY A 67 -3.91 8.82 4.27
CA GLY A 67 -5.09 9.03 3.45
C GLY A 67 -6.38 8.79 4.22
N LEU A 68 -7.50 9.18 3.62
CA LEU A 68 -8.80 9.00 4.26
C LEU A 68 -8.97 7.57 4.77
N PRO A 69 -9.78 7.41 5.82
CA PRO A 69 -10.04 6.11 6.43
C PRO A 69 -10.88 5.20 5.53
N GLU A 70 -11.56 5.81 4.56
CA GLU A 70 -12.40 5.07 3.63
C GLU A 70 -11.58 4.57 2.44
N ASN A 71 -10.52 5.29 2.12
CA ASN A 71 -9.65 4.93 1.00
C ASN A 71 -8.53 4.01 1.46
N VAL A 72 -7.98 4.29 2.64
CA VAL A 72 -6.90 3.48 3.19
C VAL A 72 -7.30 2.01 3.29
N GLU A 73 -8.43 1.76 3.95
CA GLU A 73 -8.92 0.40 4.11
C GLU A 73 -8.81 -0.39 2.80
N GLU A 74 -9.20 0.24 1.71
CA GLU A 74 -9.14 -0.38 0.40
C GLU A 74 -7.70 -0.68 -0.01
N ALA A 75 -6.82 0.29 0.25
CA ALA A 75 -5.41 0.13 -0.09
C ALA A 75 -4.80 -1.08 0.60
N ILE A 76 -4.94 -1.13 1.93
CA ILE A 76 -4.41 -2.23 2.70
C ILE A 76 -4.74 -3.58 2.07
N ASP A 77 -6.04 -3.81 1.86
CA ASP A 77 -6.49 -5.06 1.25
C ASP A 77 -5.64 -5.42 0.04
N HIS A 78 -5.26 -4.41 -0.73
CA HIS A 78 -4.44 -4.61 -1.92
C HIS A 78 -3.01 -4.97 -1.53
N ILE A 79 -2.51 -4.34 -0.48
CA ILE A 79 -1.16 -4.60 -0.01
C ILE A 79 -0.99 -6.05 0.45
N LEU A 80 -1.85 -6.48 1.37
CA LEU A 80 -1.80 -7.84 1.89
C LEU A 80 -2.05 -8.85 0.77
N ASN A 81 -2.90 -8.47 -0.19
CA ASN A 81 -3.21 -9.34 -1.31
C ASN A 81 -1.95 -9.78 -2.04
N LEU A 82 -1.05 -8.84 -2.27
CA LEU A 82 0.21 -9.14 -2.96
C LEU A 82 1.19 -9.84 -2.02
N GLU A 83 1.24 -9.38 -0.77
CA GLU A 83 2.14 -9.96 0.23
C GLU A 83 2.16 -11.47 0.11
N GLU A 84 0.98 -12.07 -0.02
CA GLU A 84 0.86 -13.52 -0.15
C GLU A 84 1.45 -14.01 -1.46
N GLU A 85 0.77 -13.69 -2.55
CA GLU A 85 1.24 -14.09 -3.88
C GLU A 85 2.74 -13.92 -4.02
N TYR A 86 3.20 -12.69 -3.82
CA TYR A 86 4.62 -12.38 -3.92
C TYR A 86 5.46 -13.43 -3.20
N LEU A 87 5.15 -13.65 -1.93
CA LEU A 87 5.88 -14.63 -1.12
C LEU A 87 5.90 -15.99 -1.81
N ALA A 88 4.75 -16.41 -2.31
CA ALA A 88 4.64 -17.69 -3.01
C ALA A 88 5.83 -17.92 -3.93
N ASP A 89 6.36 -16.84 -4.49
CA ASP A 89 7.50 -16.92 -5.39
C ASP A 89 8.79 -16.56 -4.67
N SER A 90 8.92 -17.03 -3.43
CA SER A 90 10.10 -16.76 -2.63
C SER A 90 11.36 -16.80 -3.48
N GLY A 91 11.42 -17.78 -4.39
CA GLY A 91 12.57 -17.92 -5.26
C GLY A 91 12.19 -18.25 -6.69
N PRO A 92 13.14 -18.80 -7.44
CA PRO A 92 12.92 -19.18 -8.84
C PRO A 92 11.99 -20.38 -8.98
N SER A 93 10.85 -20.17 -9.64
CA SER A 93 9.87 -21.23 -9.83
C SER A 93 10.53 -22.48 -10.41
N SER A 94 9.94 -23.64 -10.13
CA SER A 94 10.47 -24.90 -10.63
C SER A 94 9.50 -25.56 -11.59
N GLY A 95 8.23 -25.60 -11.21
CA GLY A 95 7.21 -26.21 -12.05
C GLY A 95 6.31 -27.16 -11.28
N GLY A 1 -24.12 2.84 -20.50
CA GLY A 1 -23.44 1.75 -21.18
C GLY A 1 -22.27 1.22 -20.36
N SER A 2 -21.10 1.81 -20.56
CA SER A 2 -19.91 1.38 -19.85
C SER A 2 -19.44 2.45 -18.87
N SER A 3 -19.36 3.69 -19.35
CA SER A 3 -18.92 4.81 -18.52
C SER A 3 -19.99 5.15 -17.47
N GLY A 4 -19.66 4.91 -16.21
CA GLY A 4 -20.58 5.19 -15.13
C GLY A 4 -20.29 6.51 -14.45
N SER A 5 -21.11 7.53 -14.74
CA SER A 5 -20.92 8.85 -14.15
C SER A 5 -20.55 8.74 -12.67
N SER A 6 -19.39 9.28 -12.33
CA SER A 6 -18.92 9.23 -10.94
C SER A 6 -18.07 10.46 -10.62
N GLY A 7 -18.19 10.95 -9.39
CA GLY A 7 -17.43 12.12 -8.98
C GLY A 7 -16.57 11.85 -7.76
N ARG A 8 -15.33 11.46 -7.99
CA ARG A 8 -14.39 11.16 -6.91
C ARG A 8 -13.64 12.42 -6.49
N ILE A 9 -12.79 12.28 -5.47
CA ILE A 9 -12.00 13.40 -4.98
C ILE A 9 -10.76 12.92 -4.25
N VAL A 10 -9.96 13.87 -3.76
CA VAL A 10 -8.74 13.54 -3.03
C VAL A 10 -8.93 13.69 -1.53
N GLY A 11 -9.67 14.73 -1.14
CA GLY A 11 -9.93 14.97 0.27
C GLY A 11 -8.97 15.99 0.87
N GLU A 12 -9.12 16.25 2.16
CA GLU A 12 -8.27 17.21 2.85
C GLU A 12 -7.11 16.50 3.55
N LEU A 13 -5.99 17.20 3.69
CA LEU A 13 -4.81 16.65 4.34
C LEU A 13 -5.15 16.15 5.75
N GLU A 14 -5.50 17.08 6.63
CA GLU A 14 -5.84 16.75 8.00
C GLU A 14 -6.84 15.58 8.04
N GLN A 15 -7.83 15.63 7.16
CA GLN A 15 -8.85 14.59 7.09
C GLN A 15 -8.21 13.21 6.95
N MET A 16 -7.06 13.17 6.27
CA MET A 16 -6.34 11.92 6.06
C MET A 16 -5.97 11.27 7.40
N VAL A 17 -5.81 9.95 7.38
CA VAL A 17 -5.47 9.21 8.58
C VAL A 17 -4.31 8.26 8.33
N SER A 18 -3.45 8.11 9.33
CA SER A 18 -2.29 7.23 9.20
C SER A 18 -2.59 5.85 9.79
N GLU A 19 -2.22 4.81 9.05
CA GLU A 19 -2.45 3.44 9.49
C GLU A 19 -1.20 2.58 9.29
N ASP A 20 -0.94 1.71 10.25
CA ASP A 20 0.24 0.83 10.18
C ASP A 20 -0.15 -0.52 9.59
N VAL A 21 0.41 -0.84 8.44
CA VAL A 21 0.14 -2.11 7.77
C VAL A 21 1.34 -3.04 7.83
N PRO A 22 1.14 -4.22 8.42
CA PRO A 22 2.20 -5.23 8.55
C PRO A 22 2.59 -5.85 7.21
N LEU A 23 3.69 -5.37 6.64
CA LEU A 23 4.17 -5.88 5.36
C LEU A 23 5.57 -6.46 5.49
N ASP A 24 5.73 -7.72 5.09
CA ASP A 24 7.02 -8.39 5.17
C ASP A 24 8.04 -7.71 4.25
N HIS A 25 9.27 -7.61 4.72
CA HIS A 25 10.34 -6.99 3.95
C HIS A 25 10.68 -7.81 2.72
N ARG A 26 10.15 -9.03 2.67
CA ARG A 26 10.40 -9.93 1.55
C ARG A 26 9.60 -9.49 0.32
N VAL A 27 8.45 -8.88 0.56
CA VAL A 27 7.58 -8.42 -0.52
C VAL A 27 7.74 -6.90 -0.73
N HIS A 28 8.33 -6.23 0.25
CA HIS A 28 8.53 -4.79 0.16
C HIS A 28 9.03 -4.39 -1.22
N ALA A 29 10.21 -4.88 -1.58
CA ALA A 29 10.81 -4.58 -2.87
C ALA A 29 9.89 -5.01 -4.00
N ARG A 30 9.49 -6.28 -3.99
CA ARG A 30 8.61 -6.82 -5.01
C ARG A 30 7.50 -5.83 -5.36
N ILE A 31 7.00 -5.14 -4.34
CA ILE A 31 5.93 -4.16 -4.54
C ILE A 31 6.50 -2.82 -4.99
N ILE A 32 7.48 -2.31 -4.25
CA ILE A 32 8.10 -1.03 -4.57
C ILE A 32 8.37 -0.92 -6.06
N GLY A 33 9.04 -1.93 -6.61
CA GLY A 33 9.36 -1.92 -8.04
C GLY A 33 10.72 -1.33 -8.33
N ALA A 34 11.55 -2.08 -9.06
CA ALA A 34 12.89 -1.62 -9.40
C ALA A 34 12.91 -0.11 -9.60
N ARG A 35 12.10 0.37 -10.55
CA ARG A 35 12.03 1.80 -10.85
C ARG A 35 11.27 2.54 -9.76
N GLY A 36 10.35 1.85 -9.10
CA GLY A 36 9.56 2.46 -8.04
C GLY A 36 8.23 2.98 -8.54
N LYS A 37 7.76 2.43 -9.66
CA LYS A 37 6.49 2.84 -10.25
C LYS A 37 5.36 1.95 -9.76
N ALA A 38 5.68 0.70 -9.45
CA ALA A 38 4.69 -0.26 -8.99
C ALA A 38 3.99 0.25 -7.73
N ILE A 39 4.69 1.07 -6.96
CA ILE A 39 4.14 1.63 -5.73
C ILE A 39 3.42 2.95 -6.00
N ARG A 40 3.76 3.58 -7.13
CA ARG A 40 3.15 4.85 -7.50
C ARG A 40 1.71 4.65 -7.96
N LYS A 41 1.50 3.64 -8.81
CA LYS A 41 0.17 3.34 -9.32
C LYS A 41 -0.80 3.04 -8.19
N ILE A 42 -0.29 2.39 -7.14
CA ILE A 42 -1.11 2.05 -5.98
C ILE A 42 -1.49 3.30 -5.19
N MET A 43 -0.51 4.14 -4.92
CA MET A 43 -0.75 5.37 -4.17
C MET A 43 -1.78 6.24 -4.88
N ASP A 44 -1.62 6.39 -6.19
CA ASP A 44 -2.54 7.20 -6.98
C ASP A 44 -3.88 6.49 -7.15
N GLU A 45 -3.84 5.18 -7.30
CA GLU A 45 -5.05 4.38 -7.47
C GLU A 45 -6.07 4.72 -6.39
N PHE A 46 -5.66 4.57 -5.13
CA PHE A 46 -6.53 4.85 -4.00
C PHE A 46 -6.30 6.25 -3.47
N LYS A 47 -5.39 6.97 -4.10
CA LYS A 47 -5.08 8.34 -3.69
C LYS A 47 -4.50 8.37 -2.29
N VAL A 48 -3.71 7.36 -1.96
CA VAL A 48 -3.08 7.27 -0.64
C VAL A 48 -1.59 7.54 -0.72
N ASP A 49 -0.94 7.61 0.44
CA ASP A 49 0.49 7.88 0.50
C ASP A 49 1.20 6.82 1.35
N ILE A 50 1.69 5.77 0.69
CA ILE A 50 2.39 4.69 1.39
C ILE A 50 3.83 5.08 1.69
N ARG A 51 4.28 4.79 2.91
CA ARG A 51 5.64 5.10 3.32
C ARG A 51 6.32 3.87 3.91
N PHE A 52 7.36 3.40 3.23
CA PHE A 52 8.10 2.22 3.67
C PHE A 52 9.07 2.59 4.79
N PRO A 53 9.36 1.61 5.68
CA PRO A 53 10.26 1.81 6.81
C PRO A 53 11.71 1.97 6.37
N GLN A 54 12.25 3.17 6.51
CA GLN A 54 13.63 3.46 6.13
C GLN A 54 14.60 2.56 6.88
N SER A 55 15.88 2.68 6.57
CA SER A 55 16.91 1.87 7.22
C SER A 55 16.83 2.02 8.74
N GLY A 56 16.82 3.28 9.21
CA GLY A 56 16.75 3.53 10.64
C GLY A 56 15.31 3.57 11.14
N ALA A 57 14.47 2.72 10.57
CA ALA A 57 13.07 2.65 10.98
C ALA A 57 12.87 1.64 12.10
N PRO A 58 11.91 1.94 13.00
CA PRO A 58 11.60 1.08 14.14
C PRO A 58 10.93 -0.23 13.70
N ASP A 59 10.13 -0.16 12.65
CA ASP A 59 9.43 -1.33 12.14
C ASP A 59 9.74 -1.54 10.66
N PRO A 60 10.81 -2.32 10.39
CA PRO A 60 11.23 -2.61 9.02
C PRO A 60 10.26 -3.54 8.29
N ASN A 61 9.25 -4.00 9.01
CA ASN A 61 8.25 -4.90 8.44
C ASN A 61 6.87 -4.25 8.46
N CYS A 62 6.84 -2.95 8.73
CA CYS A 62 5.58 -2.21 8.78
C CYS A 62 5.64 -0.98 7.88
N VAL A 63 4.53 -0.68 7.21
CA VAL A 63 4.47 0.48 6.32
C VAL A 63 3.37 1.45 6.77
N THR A 64 3.71 2.74 6.81
CA THR A 64 2.76 3.77 7.22
C THR A 64 1.97 4.28 6.03
N VAL A 65 0.70 3.91 5.95
CA VAL A 65 -0.16 4.34 4.85
C VAL A 65 -1.03 5.52 5.28
N THR A 66 -0.93 6.62 4.54
CA THR A 66 -1.71 7.81 4.83
C THR A 66 -2.88 7.97 3.86
N GLY A 67 -3.86 8.79 4.24
CA GLY A 67 -5.01 9.01 3.39
C GLY A 67 -6.32 8.74 4.10
N LEU A 68 -7.42 9.14 3.47
CA LEU A 68 -8.74 8.94 4.05
C LEU A 68 -8.90 7.51 4.58
N PRO A 69 -9.75 7.35 5.60
CA PRO A 69 -10.01 6.04 6.21
C PRO A 69 -10.80 5.12 5.28
N GLU A 70 -11.45 5.70 4.29
CA GLU A 70 -12.25 4.94 3.34
C GLU A 70 -11.37 4.40 2.22
N ASN A 71 -10.32 5.14 1.88
CA ASN A 71 -9.40 4.75 0.82
C ASN A 71 -8.32 3.81 1.36
N VAL A 72 -7.84 4.11 2.57
CA VAL A 72 -6.81 3.29 3.20
C VAL A 72 -7.26 1.85 3.36
N GLU A 73 -8.44 1.67 3.96
CA GLU A 73 -8.99 0.33 4.18
C GLU A 73 -8.87 -0.51 2.92
N GLU A 74 -9.11 0.11 1.76
CA GLU A 74 -9.03 -0.60 0.48
C GLU A 74 -7.59 -0.86 0.10
N ALA A 75 -6.76 0.18 0.15
CA ALA A 75 -5.35 0.06 -0.19
C ALA A 75 -4.70 -1.08 0.59
N ILE A 76 -4.87 -1.09 1.90
CA ILE A 76 -4.30 -2.13 2.75
C ILE A 76 -4.63 -3.52 2.22
N ASP A 77 -5.91 -3.76 1.97
CA ASP A 77 -6.36 -5.05 1.45
C ASP A 77 -5.58 -5.42 0.19
N HIS A 78 -5.39 -4.45 -0.70
CA HIS A 78 -4.67 -4.67 -1.94
C HIS A 78 -3.20 -5.00 -1.67
N ILE A 79 -2.67 -4.46 -0.58
CA ILE A 79 -1.29 -4.70 -0.20
C ILE A 79 -1.07 -6.14 0.23
N LEU A 80 -1.75 -6.55 1.30
CA LEU A 80 -1.64 -7.91 1.81
C LEU A 80 -1.93 -8.92 0.72
N ASN A 81 -2.68 -8.51 -0.29
CA ASN A 81 -3.03 -9.40 -1.40
C ASN A 81 -1.78 -9.81 -2.17
N LEU A 82 -0.93 -8.83 -2.49
CA LEU A 82 0.30 -9.09 -3.23
C LEU A 82 1.34 -9.74 -2.32
N GLU A 83 1.36 -9.33 -1.06
CA GLU A 83 2.32 -9.87 -0.09
C GLU A 83 2.29 -11.40 -0.10
N GLU A 84 1.08 -11.95 -0.20
CA GLU A 84 0.91 -13.41 -0.20
C GLU A 84 1.40 -13.99 -1.52
N GLU A 85 1.04 -13.35 -2.62
CA GLU A 85 1.44 -13.82 -3.95
C GLU A 85 2.95 -13.92 -4.05
N TYR A 86 3.65 -12.86 -3.64
CA TYR A 86 5.10 -12.83 -3.69
C TYR A 86 5.71 -13.82 -2.70
N LEU A 87 5.23 -13.77 -1.46
CA LEU A 87 5.71 -14.67 -0.42
C LEU A 87 5.62 -16.13 -0.87
N ALA A 88 4.58 -16.44 -1.62
CA ALA A 88 4.38 -17.81 -2.12
C ALA A 88 5.62 -18.31 -2.83
N ASP A 89 6.44 -17.38 -3.33
CA ASP A 89 7.67 -17.74 -4.03
C ASP A 89 8.88 -17.62 -3.12
N SER A 90 8.87 -18.39 -2.03
CA SER A 90 9.97 -18.36 -1.07
C SER A 90 10.71 -19.69 -1.07
N GLY A 91 10.94 -20.23 -2.26
CA GLY A 91 11.64 -21.50 -2.37
C GLY A 91 12.10 -21.78 -3.80
N PRO A 92 13.24 -22.47 -3.93
CA PRO A 92 13.81 -22.82 -5.23
C PRO A 92 12.97 -23.86 -5.97
N SER A 93 12.49 -23.50 -7.15
CA SER A 93 11.68 -24.40 -7.96
C SER A 93 12.23 -24.50 -9.38
N SER A 94 13.13 -25.45 -9.60
CA SER A 94 13.73 -25.64 -10.91
C SER A 94 12.68 -26.09 -11.93
N GLY A 95 12.57 -25.34 -13.02
CA GLY A 95 11.59 -25.67 -14.04
C GLY A 95 10.90 -24.44 -14.61
N GLY A 1 -25.72 -0.83 -21.28
CA GLY A 1 -24.74 -0.34 -20.34
C GLY A 1 -25.27 -0.29 -18.92
N SER A 2 -24.45 0.23 -18.01
CA SER A 2 -24.84 0.33 -16.60
C SER A 2 -25.01 1.79 -16.19
N SER A 3 -25.75 2.00 -15.10
CA SER A 3 -26.00 3.35 -14.60
C SER A 3 -25.40 3.53 -13.22
N GLY A 4 -24.89 4.73 -12.96
CA GLY A 4 -24.29 5.02 -11.66
C GLY A 4 -23.93 6.48 -11.50
N SER A 5 -23.55 6.86 -10.29
CA SER A 5 -23.19 8.24 -10.00
C SER A 5 -21.68 8.38 -9.79
N SER A 6 -21.16 9.57 -10.09
CA SER A 6 -19.73 9.82 -9.93
C SER A 6 -19.49 10.95 -8.94
N GLY A 7 -18.66 10.66 -7.93
CA GLY A 7 -18.37 11.67 -6.92
C GLY A 7 -17.07 11.37 -6.18
N ARG A 8 -15.97 11.32 -6.92
CA ARG A 8 -14.67 11.04 -6.32
C ARG A 8 -14.04 12.31 -5.77
N ILE A 9 -13.04 12.14 -4.90
CA ILE A 9 -12.35 13.28 -4.31
C ILE A 9 -11.04 12.85 -3.67
N VAL A 10 -10.27 13.83 -3.18
CA VAL A 10 -9.00 13.55 -2.54
C VAL A 10 -9.08 13.77 -1.03
N GLY A 11 -9.80 14.80 -0.62
CA GLY A 11 -9.95 15.11 0.78
C GLY A 11 -8.94 16.12 1.27
N GLU A 12 -8.87 16.32 2.59
CA GLU A 12 -7.94 17.27 3.17
C GLU A 12 -6.80 16.55 3.90
N LEU A 13 -5.59 17.04 3.72
CA LEU A 13 -4.42 16.45 4.36
C LEU A 13 -4.73 16.03 5.79
N GLU A 14 -5.24 16.99 6.57
CA GLU A 14 -5.58 16.73 7.97
C GLU A 14 -6.62 15.61 8.07
N GLN A 15 -7.62 15.67 7.19
CA GLN A 15 -8.68 14.67 7.18
C GLN A 15 -8.11 13.26 6.99
N MET A 16 -7.03 13.17 6.22
CA MET A 16 -6.38 11.89 5.96
C MET A 16 -5.94 11.23 7.26
N VAL A 17 -5.85 9.91 7.23
CA VAL A 17 -5.44 9.15 8.42
C VAL A 17 -4.23 8.27 8.12
N SER A 18 -3.29 8.22 9.05
CA SER A 18 -2.09 7.42 8.88
C SER A 18 -2.23 6.06 9.56
N GLU A 19 -2.34 5.01 8.75
CA GLU A 19 -2.48 3.65 9.28
C GLU A 19 -1.18 2.87 9.12
N ASP A 20 -1.07 1.77 9.85
CA ASP A 20 0.12 0.93 9.80
C ASP A 20 -0.22 -0.47 9.29
N VAL A 21 0.30 -0.80 8.11
CA VAL A 21 0.04 -2.10 7.50
C VAL A 21 1.27 -3.00 7.61
N PRO A 22 1.09 -4.17 8.24
CA PRO A 22 2.18 -5.14 8.42
C PRO A 22 2.58 -5.81 7.11
N LEU A 23 3.67 -5.31 6.52
CA LEU A 23 4.16 -5.86 5.26
C LEU A 23 5.55 -6.45 5.43
N ASP A 24 5.70 -7.72 5.08
CA ASP A 24 6.99 -8.41 5.20
C ASP A 24 8.08 -7.64 4.44
N HIS A 25 9.31 -7.78 4.91
CA HIS A 25 10.44 -7.09 4.28
C HIS A 25 10.88 -7.83 3.01
N ARG A 26 10.40 -9.06 2.85
CA ARG A 26 10.74 -9.87 1.69
C ARG A 26 9.92 -9.44 0.47
N VAL A 27 8.73 -8.91 0.71
CA VAL A 27 7.86 -8.46 -0.36
C VAL A 27 7.91 -6.94 -0.52
N HIS A 28 8.55 -6.28 0.44
CA HIS A 28 8.67 -4.82 0.40
C HIS A 28 9.13 -4.35 -0.97
N ALA A 29 10.38 -4.61 -1.30
CA ALA A 29 10.94 -4.22 -2.58
C ALA A 29 10.08 -4.73 -3.73
N ARG A 30 9.58 -5.95 -3.59
CA ARG A 30 8.74 -6.55 -4.62
C ARG A 30 7.58 -5.63 -4.99
N ILE A 31 7.03 -4.95 -3.99
CA ILE A 31 5.92 -4.04 -4.21
C ILE A 31 6.41 -2.65 -4.61
N ILE A 32 7.37 -2.13 -3.86
CA ILE A 32 7.94 -0.82 -4.14
C ILE A 32 8.23 -0.65 -5.63
N GLY A 33 8.91 -1.62 -6.21
CA GLY A 33 9.24 -1.56 -7.62
C GLY A 33 10.69 -1.17 -7.86
N ALA A 34 11.09 -1.17 -9.13
CA ALA A 34 12.46 -0.82 -9.50
C ALA A 34 12.72 0.67 -9.25
N ARG A 35 11.93 1.52 -9.88
CA ARG A 35 12.08 2.96 -9.73
C ARG A 35 10.95 3.54 -8.87
N GLY A 36 10.24 2.66 -8.17
CA GLY A 36 9.14 3.10 -7.32
C GLY A 36 7.88 3.35 -8.11
N LYS A 37 7.73 2.64 -9.23
CA LYS A 37 6.55 2.79 -10.08
C LYS A 37 5.44 1.85 -9.64
N ALA A 38 5.80 0.58 -9.43
CA ALA A 38 4.84 -0.43 -9.01
C ALA A 38 3.99 0.09 -7.85
N ILE A 39 4.62 0.76 -6.91
CA ILE A 39 3.93 1.30 -5.74
C ILE A 39 3.16 2.57 -6.11
N ARG A 40 3.66 3.29 -7.12
CA ARG A 40 3.03 4.52 -7.56
C ARG A 40 1.58 4.27 -8.00
N LYS A 41 1.40 3.32 -8.92
CA LYS A 41 0.08 2.98 -9.41
C LYS A 41 -0.86 2.61 -8.27
N ILE A 42 -0.28 2.04 -7.20
CA ILE A 42 -1.07 1.64 -6.04
C ILE A 42 -1.52 2.86 -5.24
N MET A 43 -0.64 3.83 -5.10
CA MET A 43 -0.95 5.05 -4.36
C MET A 43 -2.03 5.86 -5.08
N ASP A 44 -1.78 6.18 -6.34
CA ASP A 44 -2.73 6.95 -7.13
C ASP A 44 -4.07 6.23 -7.23
N GLU A 45 -4.02 4.90 -7.30
CA GLU A 45 -5.23 4.09 -7.39
C GLU A 45 -6.23 4.47 -6.31
N PHE A 46 -5.78 4.45 -5.06
CA PHE A 46 -6.63 4.79 -3.94
C PHE A 46 -6.32 6.20 -3.41
N LYS A 47 -5.42 6.88 -4.12
CA LYS A 47 -5.04 8.24 -3.74
C LYS A 47 -4.48 8.26 -2.31
N VAL A 48 -3.61 7.31 -2.00
CA VAL A 48 -3.01 7.22 -0.68
C VAL A 48 -1.49 7.36 -0.75
N ASP A 49 -0.89 7.77 0.35
CA ASP A 49 0.57 7.94 0.40
C ASP A 49 1.20 6.87 1.29
N ILE A 50 1.75 5.84 0.65
CA ILE A 50 2.40 4.75 1.38
C ILE A 50 3.84 5.11 1.73
N ARG A 51 4.19 4.93 3.00
CA ARG A 51 5.54 5.23 3.47
C ARG A 51 6.21 3.98 4.04
N PHE A 52 7.22 3.48 3.34
CA PHE A 52 7.93 2.29 3.78
C PHE A 52 8.94 2.63 4.88
N PRO A 53 9.27 1.64 5.71
CA PRO A 53 10.23 1.81 6.80
C PRO A 53 11.65 2.01 6.31
N GLN A 54 12.25 3.13 6.70
CA GLN A 54 13.62 3.44 6.29
C GLN A 54 14.61 2.48 6.93
N SER A 55 15.89 2.62 6.57
CA SER A 55 16.93 1.76 7.09
C SER A 55 16.99 1.85 8.61
N GLY A 56 16.62 3.01 9.14
CA GLY A 56 16.65 3.21 10.58
C GLY A 56 15.25 3.25 11.19
N ALA A 57 14.31 2.58 10.53
CA ALA A 57 12.93 2.55 11.01
C ALA A 57 12.76 1.52 12.11
N PRO A 58 11.86 1.80 13.05
CA PRO A 58 11.58 0.91 14.18
C PRO A 58 10.88 -0.37 13.75
N ASP A 59 10.13 -0.28 12.65
CA ASP A 59 9.40 -1.43 12.13
C ASP A 59 9.73 -1.67 10.66
N PRO A 60 10.77 -2.47 10.40
CA PRO A 60 11.22 -2.79 9.05
C PRO A 60 10.23 -3.68 8.30
N ASN A 61 9.15 -4.06 9.00
CA ASN A 61 8.13 -4.91 8.39
C ASN A 61 6.77 -4.23 8.44
N CYS A 62 6.76 -2.95 8.76
CA CYS A 62 5.52 -2.18 8.83
C CYS A 62 5.60 -0.92 7.96
N VAL A 63 4.48 -0.55 7.36
CA VAL A 63 4.43 0.63 6.51
C VAL A 63 3.34 1.59 6.98
N THR A 64 3.59 2.89 6.80
CA THR A 64 2.65 3.91 7.21
C THR A 64 1.89 4.47 6.01
N VAL A 65 0.66 4.01 5.82
CA VAL A 65 -0.17 4.47 4.71
C VAL A 65 -1.05 5.64 5.13
N THR A 66 -0.94 6.75 4.41
CA THR A 66 -1.74 7.94 4.71
C THR A 66 -2.92 8.06 3.76
N GLY A 67 -3.97 8.75 4.20
CA GLY A 67 -5.15 8.94 3.38
C GLY A 67 -6.43 8.67 4.14
N LEU A 68 -7.55 9.08 3.56
CA LEU A 68 -8.86 8.89 4.19
C LEU A 68 -9.00 7.46 4.71
N PRO A 69 -9.83 7.29 5.74
CA PRO A 69 -10.09 5.99 6.35
C PRO A 69 -10.88 5.07 5.43
N GLU A 70 -11.53 5.65 4.43
CA GLU A 70 -12.33 4.89 3.49
C GLU A 70 -11.47 4.36 2.34
N ASN A 71 -10.45 5.13 1.97
CA ASN A 71 -9.55 4.75 0.90
C ASN A 71 -8.41 3.86 1.42
N VAL A 72 -7.81 4.29 2.53
CA VAL A 72 -6.72 3.53 3.13
C VAL A 72 -7.09 2.06 3.29
N GLU A 73 -8.30 1.80 3.80
CA GLU A 73 -8.76 0.44 4.00
C GLU A 73 -8.71 -0.36 2.70
N GLU A 74 -9.13 0.29 1.61
CA GLU A 74 -9.14 -0.35 0.30
C GLU A 74 -7.71 -0.65 -0.17
N ALA A 75 -6.81 0.29 0.09
CA ALA A 75 -5.42 0.12 -0.30
C ALA A 75 -4.79 -1.09 0.38
N ILE A 76 -4.88 -1.12 1.71
CA ILE A 76 -4.32 -2.23 2.48
C ILE A 76 -4.67 -3.57 1.84
N ASP A 77 -5.95 -3.82 1.62
CA ASP A 77 -6.40 -5.06 1.01
C ASP A 77 -5.55 -5.42 -0.21
N HIS A 78 -5.28 -4.41 -1.05
CA HIS A 78 -4.47 -4.62 -2.24
C HIS A 78 -3.03 -4.94 -1.88
N ILE A 79 -2.55 -4.32 -0.80
CA ILE A 79 -1.18 -4.54 -0.35
C ILE A 79 -0.98 -5.97 0.14
N LEU A 80 -1.81 -6.38 1.09
CA LEU A 80 -1.73 -7.73 1.64
C LEU A 80 -1.92 -8.78 0.56
N ASN A 81 -2.76 -8.46 -0.43
CA ASN A 81 -3.02 -9.38 -1.53
C ASN A 81 -1.72 -9.77 -2.23
N LEU A 82 -0.87 -8.77 -2.49
CA LEU A 82 0.40 -9.01 -3.16
C LEU A 82 1.40 -9.65 -2.21
N GLU A 83 1.26 -9.35 -0.92
CA GLU A 83 2.16 -9.89 0.09
C GLU A 83 2.24 -11.41 -0.01
N GLU A 84 1.09 -12.06 -0.13
CA GLU A 84 1.02 -13.51 -0.24
C GLU A 84 1.55 -13.98 -1.59
N GLU A 85 0.95 -13.45 -2.66
CA GLU A 85 1.36 -13.81 -4.01
C GLU A 85 2.89 -13.87 -4.12
N TYR A 86 3.55 -12.87 -3.56
CA TYR A 86 5.01 -12.82 -3.59
C TYR A 86 5.63 -13.84 -2.65
N LEU A 87 5.19 -13.82 -1.39
CA LEU A 87 5.69 -14.75 -0.39
C LEU A 87 5.73 -16.17 -0.94
N ALA A 88 4.68 -16.55 -1.65
CA ALA A 88 4.59 -17.89 -2.23
C ALA A 88 5.94 -18.34 -2.78
N ASP A 89 6.71 -17.37 -3.29
CA ASP A 89 8.02 -17.67 -3.86
C ASP A 89 9.10 -17.55 -2.80
N SER A 90 8.87 -18.19 -1.65
CA SER A 90 9.83 -18.15 -0.55
C SER A 90 11.20 -18.63 -1.01
N GLY A 91 11.21 -19.72 -1.76
CA GLY A 91 12.46 -20.27 -2.25
C GLY A 91 12.41 -20.59 -3.73
N PRO A 92 13.56 -20.43 -4.42
CA PRO A 92 13.66 -20.70 -5.85
C PRO A 92 13.57 -22.18 -6.17
N SER A 93 12.64 -22.55 -7.04
CA SER A 93 12.45 -23.94 -7.43
C SER A 93 12.70 -24.13 -8.93
N SER A 94 13.37 -25.23 -9.27
CA SER A 94 13.69 -25.52 -10.67
C SER A 94 12.43 -25.89 -11.44
N GLY A 95 12.53 -25.90 -12.76
CA GLY A 95 11.40 -26.23 -13.60
C GLY A 95 11.29 -25.33 -14.81
N GLY A 1 -32.11 3.31 -15.47
CA GLY A 1 -31.14 4.35 -15.71
C GLY A 1 -30.64 4.99 -14.42
N SER A 2 -29.33 5.07 -14.27
CA SER A 2 -28.73 5.66 -13.07
C SER A 2 -27.68 6.70 -13.45
N SER A 3 -27.79 7.89 -12.86
CA SER A 3 -26.85 8.96 -13.14
C SER A 3 -26.33 9.58 -11.83
N GLY A 4 -25.03 9.87 -11.81
CA GLY A 4 -24.44 10.46 -10.62
C GLY A 4 -23.20 9.70 -10.16
N SER A 5 -22.29 9.44 -11.09
CA SER A 5 -21.07 8.72 -10.79
C SER A 5 -20.40 9.30 -9.55
N SER A 6 -20.16 8.46 -8.55
CA SER A 6 -19.52 8.88 -7.31
C SER A 6 -18.37 9.84 -7.60
N GLY A 7 -17.55 9.49 -8.59
CA GLY A 7 -16.42 10.33 -8.94
C GLY A 7 -15.25 10.15 -7.99
N ARG A 8 -14.03 10.25 -8.53
CA ARG A 8 -12.83 10.10 -7.72
C ARG A 8 -12.47 11.41 -7.04
N ILE A 9 -11.68 11.32 -5.98
CA ILE A 9 -11.26 12.51 -5.24
C ILE A 9 -10.03 12.21 -4.37
N VAL A 10 -9.42 13.26 -3.84
CA VAL A 10 -8.24 13.12 -3.00
C VAL A 10 -8.59 13.32 -1.53
N GLY A 11 -9.36 14.36 -1.25
CA GLY A 11 -9.75 14.65 0.12
C GLY A 11 -8.90 15.73 0.76
N GLU A 12 -9.09 15.95 2.06
CA GLU A 12 -8.34 16.97 2.77
C GLU A 12 -7.15 16.34 3.50
N LEU A 13 -6.05 17.08 3.56
CA LEU A 13 -4.84 16.60 4.23
C LEU A 13 -5.11 16.32 5.70
N GLU A 14 -5.45 17.37 6.45
CA GLU A 14 -5.74 17.24 7.87
C GLU A 14 -6.81 16.18 8.11
N GLN A 15 -7.53 15.82 7.06
CA GLN A 15 -8.60 14.83 7.16
C GLN A 15 -8.03 13.42 7.00
N MET A 16 -6.92 13.31 6.29
CA MET A 16 -6.28 12.02 6.07
C MET A 16 -5.87 11.38 7.39
N VAL A 17 -5.63 10.07 7.37
CA VAL A 17 -5.24 9.35 8.57
C VAL A 17 -4.09 8.39 8.28
N SER A 18 -3.14 8.30 9.20
CA SER A 18 -1.98 7.42 9.04
C SER A 18 -2.22 6.09 9.75
N GLU A 19 -2.19 5.00 8.98
CA GLU A 19 -2.40 3.68 9.53
C GLU A 19 -1.14 2.82 9.38
N ASP A 20 -1.05 1.76 10.18
CA ASP A 20 0.09 0.86 10.13
C ASP A 20 -0.30 -0.48 9.54
N VAL A 21 0.32 -0.82 8.40
CA VAL A 21 0.03 -2.08 7.73
C VAL A 21 1.24 -3.01 7.79
N PRO A 22 1.05 -4.20 8.40
CA PRO A 22 2.11 -5.20 8.52
C PRO A 22 2.48 -5.84 7.19
N LEU A 23 3.60 -5.40 6.62
CA LEU A 23 4.06 -5.92 5.34
C LEU A 23 5.40 -6.63 5.49
N ASP A 24 5.45 -7.90 5.09
CA ASP A 24 6.68 -8.68 5.19
C ASP A 24 7.80 -8.01 4.40
N HIS A 25 8.93 -7.78 5.08
CA HIS A 25 10.08 -7.14 4.45
C HIS A 25 10.56 -7.95 3.25
N ARG A 26 10.12 -9.21 3.17
CA ARG A 26 10.50 -10.08 2.08
C ARG A 26 9.76 -9.71 0.80
N VAL A 27 8.66 -8.98 0.95
CA VAL A 27 7.86 -8.56 -0.20
C VAL A 27 7.98 -7.05 -0.42
N HIS A 28 8.40 -6.34 0.61
CA HIS A 28 8.56 -4.89 0.52
C HIS A 28 9.08 -4.48 -0.85
N ALA A 29 10.35 -4.79 -1.10
CA ALA A 29 10.97 -4.45 -2.38
C ALA A 29 10.12 -4.92 -3.55
N ARG A 30 9.65 -6.16 -3.47
CA ARG A 30 8.81 -6.74 -4.52
C ARG A 30 7.69 -5.78 -4.91
N ILE A 31 7.10 -5.14 -3.91
CA ILE A 31 6.01 -4.20 -4.13
C ILE A 31 6.54 -2.84 -4.58
N ILE A 32 7.47 -2.29 -3.81
CA ILE A 32 8.06 -1.00 -4.12
C ILE A 32 8.38 -0.89 -5.61
N GLY A 33 9.08 -1.88 -6.14
CA GLY A 33 9.43 -1.88 -7.55
C GLY A 33 10.76 -1.20 -7.80
N ALA A 34 11.60 -1.83 -8.62
CA ALA A 34 12.91 -1.28 -8.95
C ALA A 34 12.84 0.24 -9.08
N ARG A 35 12.27 0.71 -10.19
CA ARG A 35 12.15 2.14 -10.44
C ARG A 35 11.20 2.79 -9.43
N GLY A 36 10.46 1.95 -8.71
CA GLY A 36 9.52 2.47 -7.72
C GLY A 36 8.21 2.91 -8.34
N LYS A 37 7.81 2.24 -9.41
CA LYS A 37 6.57 2.57 -10.09
C LYS A 37 5.42 1.70 -9.59
N ALA A 38 5.75 0.47 -9.20
CA ALA A 38 4.74 -0.46 -8.69
C ALA A 38 4.01 0.12 -7.48
N ILE A 39 4.72 0.90 -6.68
CA ILE A 39 4.15 1.53 -5.50
C ILE A 39 3.41 2.81 -5.85
N ARG A 40 3.78 3.40 -6.99
CA ARG A 40 3.15 4.63 -7.44
C ARG A 40 1.71 4.39 -7.88
N LYS A 41 1.50 3.37 -8.70
CA LYS A 41 0.17 3.03 -9.20
C LYS A 41 -0.76 2.70 -8.03
N ILE A 42 -0.26 1.94 -7.06
CA ILE A 42 -1.05 1.57 -5.91
C ILE A 42 -1.53 2.80 -5.15
N MET A 43 -0.64 3.76 -4.96
CA MET A 43 -0.98 4.99 -4.25
C MET A 43 -2.05 5.77 -5.01
N ASP A 44 -1.78 6.06 -6.27
CA ASP A 44 -2.73 6.80 -7.11
C ASP A 44 -4.06 6.08 -7.19
N GLU A 45 -4.01 4.74 -7.27
CA GLU A 45 -5.22 3.94 -7.36
C GLU A 45 -6.23 4.34 -6.28
N PHE A 46 -5.79 4.27 -5.02
CA PHE A 46 -6.66 4.63 -3.91
C PHE A 46 -6.37 6.06 -3.43
N LYS A 47 -5.48 6.74 -4.14
CA LYS A 47 -5.12 8.12 -3.80
C LYS A 47 -4.57 8.20 -2.38
N VAL A 48 -3.73 7.23 -2.03
CA VAL A 48 -3.13 7.19 -0.71
C VAL A 48 -1.61 7.37 -0.78
N ASP A 49 -0.99 7.66 0.36
CA ASP A 49 0.45 7.84 0.41
C ASP A 49 1.10 6.76 1.28
N ILE A 50 1.60 5.72 0.64
CA ILE A 50 2.25 4.62 1.36
C ILE A 50 3.69 4.98 1.73
N ARG A 51 3.97 5.00 3.03
CA ARG A 51 5.31 5.32 3.51
C ARG A 51 6.00 4.08 4.06
N PHE A 52 7.07 3.66 3.40
CA PHE A 52 7.83 2.49 3.82
C PHE A 52 8.81 2.84 4.93
N PRO A 53 9.15 1.84 5.76
CA PRO A 53 10.09 2.03 6.87
C PRO A 53 11.52 2.25 6.39
N GLN A 54 12.05 3.45 6.66
CA GLN A 54 13.40 3.80 6.25
C GLN A 54 14.41 2.83 6.87
N SER A 55 15.68 3.02 6.53
CA SER A 55 16.74 2.16 7.04
C SER A 55 16.72 2.12 8.56
N GLY A 56 16.79 3.30 9.18
CA GLY A 56 16.77 3.38 10.63
C GLY A 56 15.37 3.37 11.20
N ALA A 57 14.43 2.84 10.42
CA ALA A 57 13.04 2.77 10.85
C ALA A 57 12.87 1.79 12.01
N PRO A 58 11.93 2.09 12.91
CA PRO A 58 11.65 1.25 14.08
C PRO A 58 11.01 -0.08 13.70
N ASP A 59 10.22 -0.05 12.63
CA ASP A 59 9.54 -1.26 12.16
C ASP A 59 9.75 -1.45 10.65
N PRO A 60 10.83 -2.16 10.30
CA PRO A 60 11.16 -2.43 8.90
C PRO A 60 10.18 -3.39 8.23
N ASN A 61 9.20 -3.85 9.01
CA ASN A 61 8.20 -4.79 8.50
C ASN A 61 6.81 -4.15 8.51
N CYS A 62 6.78 -2.84 8.76
CA CYS A 62 5.51 -2.11 8.81
C CYS A 62 5.56 -0.89 7.90
N VAL A 63 4.46 -0.64 7.18
CA VAL A 63 4.38 0.50 6.28
C VAL A 63 3.32 1.50 6.74
N THR A 64 3.70 2.77 6.80
CA THR A 64 2.77 3.82 7.22
C THR A 64 2.02 4.39 6.04
N VAL A 65 0.76 4.00 5.88
CA VAL A 65 -0.06 4.48 4.79
C VAL A 65 -0.90 5.69 5.22
N THR A 66 -0.88 6.73 4.40
CA THR A 66 -1.64 7.95 4.70
C THR A 66 -2.86 8.07 3.80
N GLY A 67 -3.84 8.85 4.24
CA GLY A 67 -5.05 9.04 3.46
C GLY A 67 -6.30 8.74 4.26
N LEU A 68 -7.45 9.17 3.75
CA LEU A 68 -8.72 8.94 4.42
C LEU A 68 -8.84 7.49 4.86
N PRO A 69 -9.63 7.26 5.93
CA PRO A 69 -9.87 5.92 6.47
C PRO A 69 -10.71 5.05 5.53
N GLU A 70 -11.40 5.69 4.61
CA GLU A 70 -12.24 4.98 3.66
C GLU A 70 -11.42 4.43 2.49
N ASN A 71 -10.34 5.15 2.16
CA ASN A 71 -9.47 4.74 1.06
C ASN A 71 -8.36 3.84 1.57
N VAL A 72 -7.76 4.22 2.70
CA VAL A 72 -6.67 3.45 3.29
C VAL A 72 -7.04 1.97 3.39
N GLU A 73 -8.23 1.70 3.92
CA GLU A 73 -8.70 0.33 4.08
C GLU A 73 -8.61 -0.43 2.76
N GLU A 74 -9.09 0.19 1.69
CA GLU A 74 -9.07 -0.43 0.36
C GLU A 74 -7.64 -0.71 -0.07
N ALA A 75 -6.75 0.25 0.16
CA ALA A 75 -5.35 0.10 -0.20
C ALA A 75 -4.73 -1.11 0.47
N ILE A 76 -4.87 -1.18 1.79
CA ILE A 76 -4.33 -2.29 2.57
C ILE A 76 -4.63 -3.63 1.89
N ASP A 77 -5.91 -3.90 1.69
CA ASP A 77 -6.33 -5.14 1.06
C ASP A 77 -5.45 -5.48 -0.14
N HIS A 78 -5.20 -4.49 -0.98
CA HIS A 78 -4.37 -4.68 -2.16
C HIS A 78 -2.94 -5.03 -1.77
N ILE A 79 -2.44 -4.37 -0.72
CA ILE A 79 -1.08 -4.60 -0.23
C ILE A 79 -0.91 -6.05 0.21
N LEU A 80 -1.72 -6.48 1.16
CA LEU A 80 -1.66 -7.84 1.68
C LEU A 80 -1.79 -8.86 0.55
N ASN A 81 -2.56 -8.50 -0.47
CA ASN A 81 -2.76 -9.38 -1.62
C ASN A 81 -1.44 -9.67 -2.33
N LEU A 82 -0.65 -8.62 -2.55
CA LEU A 82 0.64 -8.76 -3.22
C LEU A 82 1.63 -9.49 -2.33
N GLU A 83 1.51 -9.30 -1.02
CA GLU A 83 2.39 -9.95 -0.06
C GLU A 83 2.35 -11.46 -0.23
N GLU A 84 1.18 -12.04 -0.04
CA GLU A 84 1.01 -13.49 -0.17
C GLU A 84 1.18 -13.93 -1.62
N GLU A 85 0.77 -13.07 -2.55
CA GLU A 85 0.88 -13.37 -3.97
C GLU A 85 2.34 -13.52 -4.38
N TYR A 86 3.20 -12.68 -3.84
CA TYR A 86 4.62 -12.71 -4.15
C TYR A 86 5.30 -13.90 -3.46
N LEU A 87 5.10 -14.00 -2.15
CA LEU A 87 5.70 -15.09 -1.38
C LEU A 87 5.27 -16.45 -1.93
N ALA A 88 4.06 -16.52 -2.45
CA ALA A 88 3.53 -17.76 -3.01
C ALA A 88 4.39 -18.22 -4.19
N ASP A 89 5.14 -17.29 -4.78
CA ASP A 89 6.01 -17.62 -5.91
C ASP A 89 7.35 -18.16 -5.43
N SER A 90 7.31 -19.00 -4.41
CA SER A 90 8.52 -19.58 -3.85
C SER A 90 9.60 -18.52 -3.68
N GLY A 91 9.20 -17.34 -3.24
CA GLY A 91 10.15 -16.27 -3.04
C GLY A 91 11.26 -16.63 -2.08
N PRO A 92 11.93 -15.63 -1.51
CA PRO A 92 13.03 -15.83 -0.57
C PRO A 92 12.55 -16.40 0.76
N SER A 93 13.35 -17.29 1.34
CA SER A 93 13.00 -17.90 2.62
C SER A 93 11.81 -18.84 2.46
N SER A 94 11.75 -19.53 1.32
CA SER A 94 10.65 -20.46 1.05
C SER A 94 11.20 -21.86 0.72
N GLY A 95 11.09 -22.76 1.69
CA GLY A 95 11.58 -24.12 1.48
C GLY A 95 10.54 -25.00 0.81
N GLY A 1 -35.20 15.86 -6.52
CA GLY A 1 -33.82 15.45 -6.39
C GLY A 1 -33.17 15.20 -7.74
N SER A 2 -32.05 15.88 -7.99
CA SER A 2 -31.34 15.73 -9.25
C SER A 2 -30.54 14.43 -9.28
N SER A 3 -29.97 14.12 -10.44
CA SER A 3 -29.19 12.90 -10.59
C SER A 3 -27.76 13.09 -10.09
N GLY A 4 -27.06 11.99 -9.85
CA GLY A 4 -25.69 12.06 -9.36
C GLY A 4 -25.10 10.70 -9.09
N SER A 5 -23.77 10.62 -9.06
CA SER A 5 -23.09 9.36 -8.82
C SER A 5 -21.89 9.57 -7.90
N SER A 6 -21.61 8.58 -7.06
CA SER A 6 -20.50 8.66 -6.12
C SER A 6 -19.19 8.26 -6.80
N GLY A 7 -18.41 9.25 -7.21
CA GLY A 7 -17.15 8.98 -7.86
C GLY A 7 -15.98 9.00 -6.90
N ARG A 8 -14.78 9.25 -7.42
CA ARG A 8 -13.58 9.29 -6.61
C ARG A 8 -13.37 10.69 -6.03
N ILE A 9 -12.50 10.78 -5.02
CA ILE A 9 -12.20 12.06 -4.38
C ILE A 9 -10.86 12.00 -3.64
N VAL A 10 -10.31 13.17 -3.35
CA VAL A 10 -9.04 13.26 -2.64
C VAL A 10 -9.25 13.61 -1.18
N GLY A 11 -10.24 14.45 -0.91
CA GLY A 11 -10.53 14.84 0.46
C GLY A 11 -9.59 15.93 0.96
N GLU A 12 -9.68 16.24 2.25
CA GLU A 12 -8.83 17.26 2.85
C GLU A 12 -7.62 16.62 3.53
N LEU A 13 -6.48 17.30 3.44
CA LEU A 13 -5.24 16.81 4.04
C LEU A 13 -5.47 16.46 5.51
N GLU A 14 -5.89 17.45 6.30
CA GLU A 14 -6.14 17.25 7.72
C GLU A 14 -7.07 16.07 7.95
N GLN A 15 -8.03 15.89 7.04
CA GLN A 15 -8.98 14.80 7.15
C GLN A 15 -8.29 13.45 6.96
N MET A 16 -7.20 13.45 6.20
CA MET A 16 -6.45 12.23 5.94
C MET A 16 -5.99 11.60 7.25
N VAL A 17 -5.88 10.27 7.24
CA VAL A 17 -5.44 9.53 8.42
C VAL A 17 -4.28 8.60 8.10
N SER A 18 -3.40 8.41 9.07
CA SER A 18 -2.24 7.55 8.89
C SER A 18 -2.40 6.25 9.67
N GLU A 19 -2.41 5.13 8.95
CA GLU A 19 -2.56 3.82 9.58
C GLU A 19 -1.31 2.98 9.38
N ASP A 20 -1.16 1.95 10.22
CA ASP A 20 0.00 1.07 10.13
C ASP A 20 -0.38 -0.27 9.53
N VAL A 21 0.28 -0.63 8.44
CA VAL A 21 0.01 -1.90 7.76
C VAL A 21 1.22 -2.82 7.81
N PRO A 22 1.04 -4.00 8.41
CA PRO A 22 2.11 -5.00 8.54
C PRO A 22 2.48 -5.62 7.20
N LEU A 23 3.62 -5.20 6.65
CA LEU A 23 4.08 -5.73 5.36
C LEU A 23 5.45 -6.38 5.51
N ASP A 24 5.58 -7.59 4.97
CA ASP A 24 6.84 -8.32 5.04
C ASP A 24 7.95 -7.57 4.30
N HIS A 25 9.17 -7.67 4.83
CA HIS A 25 10.31 -6.99 4.23
C HIS A 25 10.81 -7.75 3.00
N ARG A 26 10.38 -9.00 2.87
CA ARG A 26 10.78 -9.83 1.74
C ARG A 26 10.01 -9.45 0.48
N VAL A 27 8.87 -8.79 0.67
CA VAL A 27 8.04 -8.37 -0.45
C VAL A 27 8.01 -6.85 -0.57
N HIS A 28 8.89 -6.19 0.18
CA HIS A 28 8.98 -4.73 0.15
C HIS A 28 9.47 -4.23 -1.21
N ALA A 29 10.75 -4.50 -1.49
CA ALA A 29 11.35 -4.09 -2.75
C ALA A 29 10.52 -4.57 -3.95
N ARG A 30 9.98 -5.78 -3.82
CA ARG A 30 9.17 -6.37 -4.89
C ARG A 30 8.00 -5.47 -5.24
N ILE A 31 7.34 -4.93 -4.21
CA ILE A 31 6.20 -4.05 -4.40
C ILE A 31 6.65 -2.64 -4.77
N ILE A 32 7.67 -2.14 -4.07
CA ILE A 32 8.19 -0.81 -4.32
C ILE A 32 8.52 -0.63 -5.80
N GLY A 33 9.26 -1.58 -6.35
CA GLY A 33 9.64 -1.51 -7.76
C GLY A 33 10.99 -0.83 -7.96
N ALA A 34 11.89 -1.50 -8.68
CA ALA A 34 13.22 -0.96 -8.95
C ALA A 34 13.15 0.56 -9.13
N ARG A 35 12.36 1.00 -10.10
CA ARG A 35 12.22 2.42 -10.38
C ARG A 35 11.36 3.10 -9.33
N GLY A 36 10.45 2.33 -8.73
CA GLY A 36 9.58 2.89 -7.71
C GLY A 36 8.24 3.33 -8.27
N LYS A 37 7.91 2.86 -9.47
CA LYS A 37 6.65 3.20 -10.11
C LYS A 37 5.55 2.24 -9.70
N ALA A 38 5.88 0.96 -9.61
CA ALA A 38 4.92 -0.07 -9.23
C ALA A 38 4.03 0.42 -8.09
N ILE A 39 4.64 0.71 -6.95
CA ILE A 39 3.91 1.18 -5.77
C ILE A 39 3.07 2.41 -6.11
N ARG A 40 3.51 3.15 -7.12
CA ARG A 40 2.79 4.35 -7.55
C ARG A 40 1.39 4.01 -8.04
N LYS A 41 1.24 2.82 -8.61
CA LYS A 41 -0.05 2.36 -9.12
C LYS A 41 -1.07 2.27 -7.99
N ILE A 42 -0.69 1.59 -6.91
CA ILE A 42 -1.58 1.43 -5.76
C ILE A 42 -1.80 2.75 -5.04
N MET A 43 -0.73 3.54 -4.93
CA MET A 43 -0.80 4.83 -4.27
C MET A 43 -1.77 5.77 -5.00
N ASP A 44 -1.66 5.80 -6.32
CA ASP A 44 -2.52 6.64 -7.14
C ASP A 44 -3.95 6.09 -7.19
N GLU A 45 -4.05 4.76 -7.22
CA GLU A 45 -5.35 4.10 -7.27
C GLU A 45 -6.24 4.56 -6.12
N PHE A 46 -5.73 4.44 -4.90
CA PHE A 46 -6.47 4.85 -3.71
C PHE A 46 -6.04 6.23 -3.24
N LYS A 47 -5.12 6.84 -3.99
CA LYS A 47 -4.63 8.17 -3.65
C LYS A 47 -4.01 8.17 -2.25
N VAL A 48 -3.30 7.11 -1.92
CA VAL A 48 -2.65 7.00 -0.61
C VAL A 48 -1.14 7.07 -0.74
N ASP A 49 -0.46 7.32 0.38
CA ASP A 49 0.99 7.42 0.40
C ASP A 49 1.59 6.34 1.30
N ILE A 50 2.09 5.27 0.69
CA ILE A 50 2.70 4.18 1.43
C ILE A 50 4.16 4.46 1.76
N ARG A 51 4.43 4.78 3.02
CA ARG A 51 5.78 5.08 3.46
C ARG A 51 6.45 3.83 4.06
N PHE A 52 7.39 3.27 3.31
CA PHE A 52 8.10 2.07 3.76
C PHE A 52 9.08 2.41 4.88
N PRO A 53 9.33 1.44 5.77
CA PRO A 53 10.25 1.61 6.89
C PRO A 53 11.70 1.71 6.45
N GLN A 54 12.33 2.86 6.71
CA GLN A 54 13.72 3.08 6.34
C GLN A 54 14.61 1.95 6.87
N SER A 55 15.91 2.08 6.62
CA SER A 55 16.87 1.07 7.07
C SER A 55 16.93 1.03 8.60
N GLY A 56 17.06 2.20 9.21
CA GLY A 56 17.13 2.27 10.66
C GLY A 56 15.76 2.36 11.30
N ALA A 57 14.73 1.97 10.56
CA ALA A 57 13.37 2.01 11.07
C ALA A 57 13.16 0.97 12.17
N PRO A 58 12.27 1.29 13.12
CA PRO A 58 11.96 0.40 14.25
C PRO A 58 11.19 -0.84 13.81
N ASP A 59 10.41 -0.70 12.75
CA ASP A 59 9.62 -1.81 12.23
C ASP A 59 9.79 -1.94 10.72
N PRO A 60 10.79 -2.72 10.30
CA PRO A 60 11.08 -2.94 8.87
C PRO A 60 10.01 -3.77 8.19
N ASN A 61 8.99 -4.17 8.94
CA ASN A 61 7.90 -4.98 8.41
C ASN A 61 6.57 -4.23 8.52
N CYS A 62 6.65 -2.94 8.79
CA CYS A 62 5.44 -2.12 8.92
C CYS A 62 5.53 -0.88 8.04
N VAL A 63 4.43 -0.54 7.39
CA VAL A 63 4.37 0.62 6.51
C VAL A 63 3.32 1.62 6.98
N THR A 64 3.59 2.90 6.75
CA THR A 64 2.66 3.96 7.15
C THR A 64 1.85 4.46 5.96
N VAL A 65 0.62 3.97 5.84
CA VAL A 65 -0.26 4.37 4.75
C VAL A 65 -1.09 5.60 5.13
N THR A 66 -0.93 6.67 4.36
CA THR A 66 -1.66 7.91 4.62
C THR A 66 -2.87 8.02 3.71
N GLY A 67 -3.84 8.82 4.13
CA GLY A 67 -5.05 9.01 3.34
C GLY A 67 -6.31 8.79 4.15
N LEU A 68 -7.45 9.13 3.56
CA LEU A 68 -8.74 8.97 4.24
C LEU A 68 -8.92 7.54 4.73
N PRO A 69 -9.77 7.37 5.75
CA PRO A 69 -10.05 6.06 6.34
C PRO A 69 -10.86 5.17 5.40
N GLU A 70 -11.39 5.77 4.34
CA GLU A 70 -12.18 5.02 3.36
C GLU A 70 -11.29 4.50 2.23
N ASN A 71 -10.26 5.25 1.90
CA ASN A 71 -9.34 4.87 0.83
C ASN A 71 -8.24 3.96 1.37
N VAL A 72 -7.74 4.28 2.56
CA VAL A 72 -6.69 3.49 3.19
C VAL A 72 -7.12 2.04 3.35
N GLU A 73 -8.26 1.83 4.01
CA GLU A 73 -8.77 0.49 4.23
C GLU A 73 -8.72 -0.34 2.95
N GLU A 74 -9.17 0.26 1.84
CA GLU A 74 -9.17 -0.42 0.55
C GLU A 74 -7.76 -0.72 0.10
N ALA A 75 -6.85 0.22 0.34
CA ALA A 75 -5.45 0.06 -0.05
C ALA A 75 -4.82 -1.13 0.66
N ILE A 76 -5.01 -1.21 1.97
CA ILE A 76 -4.45 -2.30 2.76
C ILE A 76 -4.77 -3.65 2.12
N ASP A 77 -6.05 -3.93 1.94
CA ASP A 77 -6.48 -5.19 1.34
C ASP A 77 -5.62 -5.55 0.14
N HIS A 78 -5.35 -4.55 -0.71
CA HIS A 78 -4.54 -4.76 -1.90
C HIS A 78 -3.09 -5.08 -1.51
N ILE A 79 -2.56 -4.33 -0.56
CA ILE A 79 -1.18 -4.54 -0.11
C ILE A 79 -0.97 -5.97 0.36
N LEU A 80 -1.73 -6.38 1.37
CA LEU A 80 -1.63 -7.73 1.91
C LEU A 80 -1.80 -8.78 0.81
N ASN A 81 -2.71 -8.50 -0.12
CA ASN A 81 -2.98 -9.41 -1.22
C ASN A 81 -1.70 -9.71 -2.00
N LEU A 82 -0.98 -8.66 -2.37
CA LEU A 82 0.27 -8.81 -3.12
C LEU A 82 1.32 -9.53 -2.28
N GLU A 83 1.30 -9.29 -0.97
CA GLU A 83 2.25 -9.92 -0.05
C GLU A 83 2.28 -11.42 -0.26
N GLU A 84 1.12 -12.07 -0.11
CA GLU A 84 1.03 -13.51 -0.27
C GLU A 84 1.38 -13.92 -1.70
N GLU A 85 0.98 -13.10 -2.67
CA GLU A 85 1.26 -13.38 -4.07
C GLU A 85 2.76 -13.48 -4.31
N TYR A 86 3.51 -12.51 -3.79
CA TYR A 86 4.96 -12.49 -3.95
C TYR A 86 5.61 -13.59 -3.13
N LEU A 87 5.21 -13.69 -1.86
CA LEU A 87 5.76 -14.70 -0.97
C LEU A 87 5.80 -16.07 -1.64
N ALA A 88 4.72 -16.41 -2.34
CA ALA A 88 4.62 -17.69 -3.04
C ALA A 88 5.93 -18.03 -3.73
N ASP A 89 6.65 -16.99 -4.16
CA ASP A 89 7.92 -17.18 -4.85
C ASP A 89 9.09 -17.16 -3.86
N SER A 90 8.99 -18.00 -2.83
CA SER A 90 10.03 -18.08 -1.81
C SER A 90 11.41 -18.20 -2.45
N GLY A 91 11.51 -19.07 -3.44
CA GLY A 91 12.77 -19.29 -4.12
C GLY A 91 12.64 -19.26 -5.63
N PRO A 92 13.67 -19.75 -6.33
CA PRO A 92 13.69 -19.79 -7.80
C PRO A 92 12.69 -20.81 -8.36
N SER A 93 12.22 -21.71 -7.50
CA SER A 93 11.27 -22.73 -7.90
C SER A 93 9.83 -22.21 -7.82
N SER A 94 8.96 -22.75 -8.66
CA SER A 94 7.57 -22.34 -8.68
C SER A 94 6.65 -23.54 -8.91
N GLY A 95 5.60 -23.63 -8.09
CA GLY A 95 4.66 -24.74 -8.22
C GLY A 95 4.36 -25.08 -9.67
N GLY A 1 -32.05 6.45 -11.53
CA GLY A 1 -31.54 6.79 -10.22
C GLY A 1 -30.31 7.67 -10.29
N SER A 2 -30.49 8.95 -9.99
CA SER A 2 -29.38 9.91 -10.04
C SER A 2 -28.92 10.27 -8.62
N SER A 3 -27.87 9.59 -8.17
CA SER A 3 -27.33 9.83 -6.83
C SER A 3 -26.85 11.27 -6.69
N GLY A 4 -27.63 12.10 -6.01
CA GLY A 4 -27.27 13.49 -5.82
C GLY A 4 -26.58 14.07 -7.04
N SER A 5 -25.26 14.24 -6.94
CA SER A 5 -24.48 14.80 -8.03
C SER A 5 -23.28 13.91 -8.36
N SER A 6 -22.53 14.30 -9.40
CA SER A 6 -21.37 13.53 -9.81
C SER A 6 -20.08 14.32 -9.55
N GLY A 7 -18.95 13.63 -9.58
CA GLY A 7 -17.66 14.27 -9.36
C GLY A 7 -16.98 13.77 -8.11
N ARG A 8 -15.88 13.05 -8.29
CA ARG A 8 -15.13 12.50 -7.17
C ARG A 8 -14.04 13.48 -6.72
N ILE A 9 -13.39 13.16 -5.59
CA ILE A 9 -12.33 14.01 -5.07
C ILE A 9 -11.31 13.18 -4.30
N VAL A 10 -10.30 13.86 -3.75
CA VAL A 10 -9.26 13.18 -3.00
C VAL A 10 -9.44 13.38 -1.50
N GLY A 11 -10.07 14.50 -1.12
CA GLY A 11 -10.30 14.79 0.27
C GLY A 11 -9.40 15.90 0.80
N GLU A 12 -9.42 16.10 2.11
CA GLU A 12 -8.59 17.12 2.73
C GLU A 12 -7.39 16.50 3.44
N LEU A 13 -6.29 17.24 3.51
CA LEU A 13 -5.08 16.76 4.17
C LEU A 13 -5.37 16.35 5.61
N GLU A 14 -5.82 17.30 6.41
CA GLU A 14 -6.13 17.03 7.81
C GLU A 14 -7.06 15.82 7.94
N GLN A 15 -8.05 15.74 7.06
CA GLN A 15 -8.99 14.63 7.08
C GLN A 15 -8.26 13.29 6.99
N MET A 16 -7.23 13.25 6.15
CA MET A 16 -6.45 12.03 5.97
C MET A 16 -6.07 11.43 7.33
N VAL A 17 -5.79 10.12 7.34
CA VAL A 17 -5.42 9.43 8.56
C VAL A 17 -4.29 8.43 8.31
N SER A 18 -3.35 8.36 9.22
CA SER A 18 -2.21 7.45 9.09
C SER A 18 -2.56 6.08 9.68
N GLU A 19 -2.18 5.02 8.95
CA GLU A 19 -2.45 3.67 9.39
C GLU A 19 -1.21 2.79 9.22
N ASP A 20 -0.99 1.89 10.18
CA ASP A 20 0.15 0.99 10.13
C ASP A 20 -0.24 -0.36 9.53
N VAL A 21 0.40 -0.73 8.42
CA VAL A 21 0.12 -1.99 7.75
C VAL A 21 1.32 -2.94 7.84
N PRO A 22 1.10 -4.11 8.46
CA PRO A 22 2.15 -5.12 8.62
C PRO A 22 2.52 -5.77 7.30
N LEU A 23 3.67 -5.37 6.75
CA LEU A 23 4.13 -5.93 5.48
C LEU A 23 5.51 -6.56 5.66
N ASP A 24 5.65 -7.78 5.14
CA ASP A 24 6.92 -8.50 5.23
C ASP A 24 7.98 -7.86 4.34
N HIS A 25 9.22 -7.84 4.83
CA HIS A 25 10.31 -7.25 4.08
C HIS A 25 10.66 -8.10 2.86
N ARG A 26 10.13 -9.31 2.83
CA ARG A 26 10.39 -10.23 1.72
C ARG A 26 9.59 -9.82 0.49
N VAL A 27 8.59 -8.96 0.69
CA VAL A 27 7.75 -8.49 -0.41
C VAL A 27 7.89 -6.99 -0.60
N HIS A 28 8.47 -6.33 0.39
CA HIS A 28 8.66 -4.87 0.34
C HIS A 28 9.12 -4.44 -1.05
N ALA A 29 10.35 -4.80 -1.40
CA ALA A 29 10.91 -4.45 -2.71
C ALA A 29 10.00 -4.92 -3.83
N ARG A 30 9.48 -6.14 -3.70
CA ARG A 30 8.61 -6.71 -4.72
C ARG A 30 7.44 -5.77 -5.02
N ILE A 31 7.02 -5.03 -4.01
CA ILE A 31 5.91 -4.08 -4.17
C ILE A 31 6.42 -2.70 -4.59
N ILE A 32 7.56 -2.30 -4.04
CA ILE A 32 8.15 -1.01 -4.35
C ILE A 32 8.51 -0.92 -5.84
N GLY A 33 8.99 -2.03 -6.40
CA GLY A 33 9.36 -2.06 -7.79
C GLY A 33 10.80 -1.63 -8.03
N ALA A 34 11.08 -1.10 -9.22
CA ALA A 34 12.43 -0.67 -9.56
C ALA A 34 12.63 0.80 -9.21
N ARG A 35 12.03 1.68 -10.00
CA ARG A 35 12.15 3.12 -9.78
C ARG A 35 11.00 3.62 -8.89
N GLY A 36 10.32 2.70 -8.23
CA GLY A 36 9.21 3.07 -7.36
C GLY A 36 7.94 3.31 -8.12
N LYS A 37 7.73 2.56 -9.20
CA LYS A 37 6.53 2.70 -10.02
C LYS A 37 5.45 1.72 -9.56
N ALA A 38 5.82 0.45 -9.41
CA ALA A 38 4.88 -0.57 -8.98
C ALA A 38 4.08 -0.10 -7.77
N ILE A 39 4.68 0.77 -6.97
CA ILE A 39 4.02 1.29 -5.78
C ILE A 39 3.31 2.60 -6.08
N ARG A 40 3.73 3.27 -7.14
CA ARG A 40 3.14 4.54 -7.54
C ARG A 40 1.70 4.35 -7.98
N LYS A 41 1.47 3.36 -8.83
CA LYS A 41 0.13 3.07 -9.34
C LYS A 41 -0.82 2.76 -8.18
N ILE A 42 -0.31 2.06 -7.18
CA ILE A 42 -1.11 1.69 -6.01
C ILE A 42 -1.56 2.92 -5.24
N MET A 43 -0.63 3.85 -5.03
CA MET A 43 -0.91 5.08 -4.30
C MET A 43 -1.98 5.90 -5.02
N ASP A 44 -1.73 6.20 -6.29
CA ASP A 44 -2.67 6.98 -7.09
C ASP A 44 -4.01 6.26 -7.19
N GLU A 45 -3.97 4.93 -7.27
CA GLU A 45 -5.18 4.14 -7.37
C GLU A 45 -6.18 4.52 -6.29
N PHE A 46 -5.72 4.50 -5.05
CA PHE A 46 -6.58 4.84 -3.91
C PHE A 46 -6.28 6.25 -3.41
N LYS A 47 -5.51 7.00 -4.19
CA LYS A 47 -5.14 8.36 -3.83
C LYS A 47 -4.59 8.42 -2.41
N VAL A 48 -3.65 7.54 -2.11
CA VAL A 48 -3.04 7.49 -0.78
C VAL A 48 -1.52 7.63 -0.87
N ASP A 49 -0.87 7.67 0.29
CA ASP A 49 0.58 7.81 0.34
C ASP A 49 1.19 6.76 1.26
N ILE A 50 1.73 5.70 0.68
CA ILE A 50 2.36 4.64 1.45
C ILE A 50 3.79 4.99 1.83
N ARG A 51 4.16 4.69 3.07
CA ARG A 51 5.51 4.97 3.55
C ARG A 51 6.18 3.70 4.06
N PHE A 52 7.32 3.36 3.47
CA PHE A 52 8.06 2.16 3.86
C PHE A 52 9.08 2.49 4.93
N PRO A 53 9.36 1.51 5.80
CA PRO A 53 10.33 1.67 6.89
C PRO A 53 11.76 1.77 6.39
N GLN A 54 12.46 2.83 6.80
CA GLN A 54 13.85 3.03 6.39
C GLN A 54 14.78 2.05 7.07
N SER A 55 16.02 1.97 6.60
CA SER A 55 17.00 1.07 7.17
C SER A 55 17.07 1.22 8.69
N GLY A 56 17.21 2.45 9.15
CA GLY A 56 17.29 2.70 10.58
C GLY A 56 15.92 2.67 11.24
N ALA A 57 14.90 2.32 10.48
CA ALA A 57 13.54 2.24 11.00
C ALA A 57 13.41 1.15 12.06
N PRO A 58 12.54 1.38 13.04
CA PRO A 58 12.31 0.44 14.14
C PRO A 58 11.58 -0.82 13.67
N ASP A 59 10.57 -0.63 12.83
CA ASP A 59 9.79 -1.75 12.30
C ASP A 59 9.96 -1.86 10.78
N PRO A 60 10.98 -2.62 10.37
CA PRO A 60 11.27 -2.83 8.95
C PRO A 60 10.21 -3.68 8.25
N ASN A 61 9.21 -4.11 9.02
CA ASN A 61 8.13 -4.93 8.48
C ASN A 61 6.79 -4.22 8.59
N CYS A 62 6.84 -2.92 8.87
CA CYS A 62 5.63 -2.12 9.01
C CYS A 62 5.70 -0.88 8.14
N VAL A 63 4.59 -0.55 7.49
CA VAL A 63 4.52 0.62 6.62
C VAL A 63 3.44 1.59 7.09
N THR A 64 3.64 2.88 6.79
CA THR A 64 2.69 3.91 7.18
C THR A 64 1.95 4.46 5.97
N VAL A 65 0.68 4.12 5.85
CA VAL A 65 -0.15 4.57 4.73
C VAL A 65 -1.00 5.77 5.13
N THR A 66 -0.87 6.86 4.39
CA THR A 66 -1.62 8.07 4.67
C THR A 66 -2.83 8.19 3.76
N GLY A 67 -3.82 8.97 4.18
CA GLY A 67 -5.02 9.16 3.39
C GLY A 67 -6.29 8.84 4.17
N LEU A 68 -7.43 9.25 3.62
CA LEU A 68 -8.71 9.01 4.27
C LEU A 68 -8.78 7.60 4.84
N PRO A 69 -9.60 7.42 5.88
CA PRO A 69 -9.78 6.12 6.55
C PRO A 69 -10.52 5.13 5.66
N GLU A 70 -11.31 5.64 4.72
CA GLU A 70 -12.08 4.80 3.82
C GLU A 70 -11.24 4.39 2.62
N ASN A 71 -10.30 5.23 2.24
CA ASN A 71 -9.42 4.97 1.10
C ASN A 71 -8.26 4.06 1.51
N VAL A 72 -7.74 4.29 2.71
CA VAL A 72 -6.63 3.50 3.22
C VAL A 72 -7.02 2.04 3.38
N GLU A 73 -8.17 1.81 4.01
CA GLU A 73 -8.66 0.45 4.23
C GLU A 73 -8.69 -0.33 2.92
N GLU A 74 -9.06 0.34 1.83
CA GLU A 74 -9.13 -0.29 0.52
C GLU A 74 -7.73 -0.58 -0.01
N ALA A 75 -6.82 0.35 0.22
CA ALA A 75 -5.43 0.20 -0.25
C ALA A 75 -4.78 -1.01 0.40
N ILE A 76 -4.85 -1.09 1.72
CA ILE A 76 -4.26 -2.20 2.47
C ILE A 76 -4.60 -3.54 1.82
N ASP A 77 -5.89 -3.78 1.62
CA ASP A 77 -6.35 -5.02 1.00
C ASP A 77 -5.48 -5.39 -0.19
N HIS A 78 -5.10 -4.39 -0.98
CA HIS A 78 -4.26 -4.60 -2.15
C HIS A 78 -2.83 -4.94 -1.74
N ILE A 79 -2.30 -4.19 -0.79
CA ILE A 79 -0.94 -4.41 -0.31
C ILE A 79 -0.75 -5.84 0.18
N LEU A 80 -1.64 -6.27 1.08
CA LEU A 80 -1.58 -7.61 1.64
C LEU A 80 -1.80 -8.66 0.55
N ASN A 81 -2.66 -8.34 -0.40
CA ASN A 81 -2.96 -9.25 -1.50
C ASN A 81 -1.67 -9.69 -2.21
N LEU A 82 -0.83 -8.73 -2.55
CA LEU A 82 0.43 -9.01 -3.23
C LEU A 82 1.41 -9.70 -2.28
N GLU A 83 1.28 -9.41 -0.99
CA GLU A 83 2.15 -10.00 0.02
C GLU A 83 2.16 -11.52 -0.09
N GLU A 84 0.97 -12.10 -0.25
CA GLU A 84 0.84 -13.55 -0.37
C GLU A 84 1.33 -14.03 -1.73
N GLU A 85 0.90 -13.35 -2.79
CA GLU A 85 1.29 -13.72 -4.13
C GLU A 85 2.81 -13.78 -4.26
N TYR A 86 3.46 -12.65 -3.98
CA TYR A 86 4.91 -12.56 -4.06
C TYR A 86 5.58 -13.63 -3.19
N LEU A 87 5.17 -13.68 -1.92
CA LEU A 87 5.72 -14.65 -0.98
C LEU A 87 5.66 -16.06 -1.55
N ALA A 88 4.53 -16.39 -2.19
CA ALA A 88 4.35 -17.70 -2.79
C ALA A 88 5.56 -18.10 -3.61
N ASP A 89 6.30 -17.11 -4.10
CA ASP A 89 7.49 -17.36 -4.91
C ASP A 89 8.75 -17.34 -4.04
N SER A 90 8.76 -18.19 -3.01
CA SER A 90 9.91 -18.26 -2.10
C SER A 90 10.96 -19.23 -2.63
N GLY A 91 10.50 -20.38 -3.10
CA GLY A 91 11.42 -21.37 -3.63
C GLY A 91 11.08 -21.78 -5.05
N PRO A 92 11.60 -22.94 -5.49
CA PRO A 92 11.36 -23.46 -6.83
C PRO A 92 9.92 -23.92 -7.04
N SER A 93 9.17 -23.17 -7.84
CA SER A 93 7.78 -23.50 -8.11
C SER A 93 7.66 -24.49 -9.27
N SER A 94 8.26 -24.14 -10.41
CA SER A 94 8.22 -25.00 -11.58
C SER A 94 8.56 -26.44 -11.22
N GLY A 95 8.08 -27.37 -12.03
CA GLY A 95 8.34 -28.78 -11.78
C GLY A 95 9.25 -29.40 -12.82
N GLY A 1 -34.18 5.59 -15.14
CA GLY A 1 -34.19 4.52 -14.16
C GLY A 1 -33.04 4.64 -13.16
N SER A 2 -32.76 5.86 -12.73
CA SER A 2 -31.69 6.11 -11.78
C SER A 2 -32.07 7.21 -10.79
N SER A 3 -31.39 7.24 -9.65
CA SER A 3 -31.66 8.23 -8.63
C SER A 3 -30.56 8.24 -7.58
N GLY A 4 -29.73 9.28 -7.60
CA GLY A 4 -28.65 9.39 -6.65
C GLY A 4 -27.29 9.28 -7.30
N SER A 5 -26.75 10.40 -7.77
CA SER A 5 -25.45 10.42 -8.43
C SER A 5 -24.33 10.36 -7.40
N SER A 6 -23.16 9.89 -7.83
CA SER A 6 -22.00 9.78 -6.95
C SER A 6 -20.70 10.03 -7.71
N GLY A 7 -19.66 10.42 -6.99
CA GLY A 7 -18.38 10.68 -7.63
C GLY A 7 -17.23 10.63 -6.64
N ARG A 8 -16.19 9.88 -6.98
CA ARG A 8 -15.02 9.75 -6.12
C ARG A 8 -14.50 11.12 -5.71
N ILE A 9 -13.55 11.13 -4.78
CA ILE A 9 -12.97 12.38 -4.30
C ILE A 9 -11.58 12.14 -3.70
N VAL A 10 -10.90 13.22 -3.34
CA VAL A 10 -9.57 13.13 -2.76
C VAL A 10 -9.61 13.40 -1.25
N GLY A 11 -10.33 14.45 -0.87
CA GLY A 11 -10.44 14.79 0.54
C GLY A 11 -9.46 15.89 0.94
N GLU A 12 -9.30 16.08 2.25
CA GLU A 12 -8.39 17.10 2.77
C GLU A 12 -7.20 16.46 3.46
N LEU A 13 -6.05 17.13 3.38
CA LEU A 13 -4.82 16.62 4.00
C LEU A 13 -5.08 16.22 5.45
N GLU A 14 -5.50 17.19 6.27
CA GLU A 14 -5.78 16.94 7.67
C GLU A 14 -6.75 15.78 7.83
N GLN A 15 -7.83 15.80 7.04
CA GLN A 15 -8.84 14.75 7.11
C GLN A 15 -8.19 13.37 7.01
N MET A 16 -7.23 13.23 6.12
CA MET A 16 -6.53 11.96 5.93
C MET A 16 -6.10 11.37 7.26
N VAL A 17 -5.83 10.08 7.28
CA VAL A 17 -5.40 9.39 8.50
C VAL A 17 -4.24 8.44 8.22
N SER A 18 -3.27 8.42 9.12
CA SER A 18 -2.11 7.56 8.97
C SER A 18 -2.37 6.19 9.61
N GLU A 19 -2.25 5.14 8.80
CA GLU A 19 -2.47 3.79 9.28
C GLU A 19 -1.21 2.94 9.13
N ASP A 20 -1.12 1.88 9.93
CA ASP A 20 0.04 0.99 9.88
C ASP A 20 -0.32 -0.34 9.24
N VAL A 21 0.37 -0.66 8.14
CA VAL A 21 0.11 -1.91 7.43
C VAL A 21 1.34 -2.83 7.48
N PRO A 22 1.15 -4.02 8.05
CA PRO A 22 2.22 -5.02 8.18
C PRO A 22 2.63 -5.61 6.83
N LEU A 23 3.75 -5.15 6.29
CA LEU A 23 4.24 -5.65 5.01
C LEU A 23 5.61 -6.29 5.17
N ASP A 24 5.67 -7.59 4.90
CA ASP A 24 6.93 -8.34 5.01
C ASP A 24 8.04 -7.64 4.23
N HIS A 25 9.22 -7.56 4.85
CA HIS A 25 10.37 -6.92 4.22
C HIS A 25 10.87 -7.75 3.04
N ARG A 26 10.46 -9.01 2.99
CA ARG A 26 10.87 -9.90 1.90
C ARG A 26 10.16 -9.55 0.60
N VAL A 27 9.06 -8.82 0.72
CA VAL A 27 8.28 -8.42 -0.45
C VAL A 27 8.33 -6.91 -0.65
N HIS A 28 8.78 -6.20 0.38
CA HIS A 28 8.87 -4.75 0.32
C HIS A 28 9.30 -4.28 -1.07
N ALA A 29 10.47 -4.73 -1.51
CA ALA A 29 10.99 -4.37 -2.82
C ALA A 29 10.03 -4.82 -3.93
N ARG A 30 9.74 -6.12 -3.96
CA ARG A 30 8.85 -6.67 -4.97
C ARG A 30 7.69 -5.72 -5.25
N ILE A 31 7.23 -5.03 -4.21
CA ILE A 31 6.12 -4.09 -4.33
C ILE A 31 6.62 -2.71 -4.73
N ILE A 32 7.61 -2.21 -4.01
CA ILE A 32 8.18 -0.90 -4.28
C ILE A 32 8.50 -0.74 -5.77
N GLY A 33 9.08 -1.79 -6.35
CA GLY A 33 9.42 -1.75 -7.76
C GLY A 33 10.87 -1.38 -7.99
N ALA A 34 11.22 -1.12 -9.25
CA ALA A 34 12.59 -0.77 -9.60
C ALA A 34 12.86 0.71 -9.31
N ARG A 35 12.11 1.58 -9.98
CA ARG A 35 12.27 3.03 -9.80
C ARG A 35 11.17 3.58 -8.91
N GLY A 36 10.45 2.69 -8.25
CA GLY A 36 9.37 3.12 -7.38
C GLY A 36 8.08 3.38 -8.13
N LYS A 37 7.83 2.58 -9.16
CA LYS A 37 6.62 2.74 -9.97
C LYS A 37 5.51 1.81 -9.48
N ALA A 38 5.85 0.54 -9.28
CA ALA A 38 4.89 -0.45 -8.81
C ALA A 38 4.12 0.08 -7.61
N ILE A 39 4.77 0.91 -6.80
CA ILE A 39 4.14 1.47 -5.62
C ILE A 39 3.41 2.77 -5.96
N ARG A 40 3.83 3.41 -7.03
CA ARG A 40 3.22 4.67 -7.47
C ARG A 40 1.77 4.45 -7.89
N LYS A 41 1.54 3.37 -8.64
CA LYS A 41 0.20 3.04 -9.12
C LYS A 41 -0.74 2.78 -7.94
N ILE A 42 -0.26 2.02 -6.97
CA ILE A 42 -1.06 1.70 -5.79
C ILE A 42 -1.48 2.95 -5.05
N MET A 43 -0.56 3.91 -4.94
CA MET A 43 -0.84 5.16 -4.25
C MET A 43 -1.91 5.96 -4.99
N ASP A 44 -1.67 6.23 -6.27
CA ASP A 44 -2.62 6.98 -7.09
C ASP A 44 -3.97 6.25 -7.17
N GLU A 45 -3.91 4.93 -7.16
CA GLU A 45 -5.12 4.12 -7.24
C GLU A 45 -6.14 4.56 -6.18
N PHE A 46 -5.71 4.55 -4.92
CA PHE A 46 -6.58 4.95 -3.82
C PHE A 46 -6.21 6.33 -3.30
N LYS A 47 -5.30 7.00 -4.02
CA LYS A 47 -4.86 8.34 -3.64
C LYS A 47 -4.29 8.35 -2.22
N VAL A 48 -3.48 7.34 -1.92
CA VAL A 48 -2.86 7.22 -0.60
C VAL A 48 -1.34 7.30 -0.69
N ASP A 49 -0.70 7.55 0.43
CA ASP A 49 0.76 7.65 0.48
C ASP A 49 1.35 6.52 1.32
N ILE A 50 2.07 5.62 0.66
CA ILE A 50 2.69 4.50 1.35
C ILE A 50 4.13 4.80 1.74
N ARG A 51 4.38 4.98 3.03
CA ARG A 51 5.71 5.28 3.52
C ARG A 51 6.38 4.04 4.10
N PHE A 52 7.38 3.52 3.40
CA PHE A 52 8.09 2.33 3.85
C PHE A 52 9.08 2.68 4.96
N PRO A 53 9.41 1.68 5.79
CA PRO A 53 10.35 1.86 6.91
C PRO A 53 11.78 2.05 6.43
N GLN A 54 12.43 3.10 6.90
CA GLN A 54 13.81 3.40 6.52
C GLN A 54 14.77 2.50 7.26
N SER A 55 16.07 2.68 7.00
CA SER A 55 17.09 1.87 7.63
C SER A 55 17.05 2.03 9.15
N GLY A 56 16.72 3.24 9.61
CA GLY A 56 16.65 3.50 11.03
C GLY A 56 15.22 3.51 11.54
N ALA A 57 14.37 2.68 10.95
CA ALA A 57 12.97 2.60 11.35
C ALA A 57 12.77 1.56 12.45
N PRO A 58 11.80 1.82 13.34
CA PRO A 58 11.49 0.92 14.45
C PRO A 58 10.84 -0.38 13.97
N ASP A 59 10.14 -0.31 12.85
CA ASP A 59 9.47 -1.48 12.30
C ASP A 59 9.80 -1.64 10.81
N PRO A 60 10.87 -2.38 10.51
CA PRO A 60 11.30 -2.62 9.13
C PRO A 60 10.34 -3.52 8.37
N ASN A 61 9.29 -3.97 9.04
CA ASN A 61 8.29 -4.83 8.43
C ASN A 61 6.92 -4.18 8.44
N CYS A 62 6.89 -2.89 8.78
CA CYS A 62 5.63 -2.15 8.83
C CYS A 62 5.71 -0.89 7.97
N VAL A 63 4.60 -0.56 7.31
CA VAL A 63 4.54 0.61 6.45
C VAL A 63 3.46 1.58 6.91
N THR A 64 3.72 2.87 6.74
CA THR A 64 2.77 3.91 7.14
C THR A 64 2.01 4.44 5.94
N VAL A 65 0.74 4.07 5.82
CA VAL A 65 -0.10 4.53 4.71
C VAL A 65 -1.00 5.68 5.15
N THR A 66 -0.89 6.80 4.45
CA THR A 66 -1.69 7.97 4.75
C THR A 66 -2.89 8.08 3.82
N GLY A 67 -3.92 8.81 4.27
CA GLY A 67 -5.11 8.98 3.46
C GLY A 67 -6.38 8.71 4.24
N LEU A 68 -7.52 9.10 3.68
CA LEU A 68 -8.81 8.91 4.33
C LEU A 68 -8.95 7.47 4.84
N PRO A 69 -9.77 7.30 5.89
CA PRO A 69 -10.01 5.98 6.48
C PRO A 69 -10.82 5.06 5.57
N GLU A 70 -11.47 5.66 4.58
CA GLU A 70 -12.29 4.90 3.63
C GLU A 70 -11.44 4.40 2.46
N ASN A 71 -10.36 5.12 2.18
CA ASN A 71 -9.47 4.76 1.09
C ASN A 71 -8.33 3.87 1.57
N VAL A 72 -7.78 4.21 2.75
CA VAL A 72 -6.69 3.44 3.34
C VAL A 72 -7.05 1.96 3.43
N GLU A 73 -8.22 1.67 4.01
CA GLU A 73 -8.67 0.31 4.16
C GLU A 73 -8.61 -0.44 2.84
N GLU A 74 -9.10 0.20 1.78
CA GLU A 74 -9.09 -0.41 0.45
C GLU A 74 -7.67 -0.69 -0.02
N ALA A 75 -6.75 0.22 0.31
CA ALA A 75 -5.36 0.08 -0.07
C ALA A 75 -4.73 -1.15 0.59
N ILE A 76 -4.93 -1.28 1.89
CA ILE A 76 -4.39 -2.40 2.64
C ILE A 76 -4.79 -3.74 2.01
N ASP A 77 -6.09 -3.90 1.79
CA ASP A 77 -6.60 -5.13 1.18
C ASP A 77 -5.83 -5.48 -0.09
N HIS A 78 -5.39 -4.45 -0.80
CA HIS A 78 -4.62 -4.66 -2.04
C HIS A 78 -3.16 -5.00 -1.73
N ILE A 79 -2.66 -4.43 -0.64
CA ILE A 79 -1.27 -4.67 -0.24
C ILE A 79 -1.07 -6.11 0.20
N LEU A 80 -1.83 -6.55 1.20
CA LEU A 80 -1.74 -7.91 1.70
C LEU A 80 -2.01 -8.92 0.60
N ASN A 81 -2.84 -8.52 -0.37
CA ASN A 81 -3.17 -9.40 -1.49
C ASN A 81 -1.92 -9.82 -2.25
N LEU A 82 -1.04 -8.85 -2.52
CA LEU A 82 0.20 -9.13 -3.23
C LEU A 82 1.21 -9.83 -2.33
N GLU A 83 1.21 -9.45 -1.05
CA GLU A 83 2.12 -10.04 -0.09
C GLU A 83 2.09 -11.56 -0.15
N GLU A 84 0.88 -12.11 -0.29
CA GLU A 84 0.70 -13.55 -0.36
C GLU A 84 1.12 -14.09 -1.73
N GLU A 85 0.76 -13.36 -2.78
CA GLU A 85 1.11 -13.75 -4.14
C GLU A 85 2.62 -13.83 -4.32
N TYR A 86 3.34 -12.90 -3.71
CA TYR A 86 4.79 -12.86 -3.79
C TYR A 86 5.42 -13.95 -2.93
N LEU A 87 5.12 -13.91 -1.64
CA LEU A 87 5.66 -14.90 -0.70
C LEU A 87 5.41 -16.31 -1.21
N ALA A 88 4.24 -16.55 -1.77
CA ALA A 88 3.88 -17.85 -2.30
C ALA A 88 4.95 -18.37 -3.27
N ASP A 89 5.70 -17.44 -3.84
CA ASP A 89 6.76 -17.80 -4.78
C ASP A 89 8.09 -18.01 -4.06
N SER A 90 8.05 -18.75 -2.96
CA SER A 90 9.25 -19.03 -2.17
C SER A 90 9.69 -20.48 -2.36
N GLY A 91 10.55 -20.70 -3.35
CA GLY A 91 11.05 -22.05 -3.61
C GLY A 91 11.25 -22.30 -5.08
N PRO A 92 12.41 -21.90 -5.62
CA PRO A 92 12.75 -22.08 -7.03
C PRO A 92 12.99 -23.55 -7.38
N SER A 93 12.81 -24.42 -6.39
CA SER A 93 13.02 -25.85 -6.60
C SER A 93 12.04 -26.67 -5.75
N SER A 94 11.18 -27.42 -6.43
CA SER A 94 10.19 -28.25 -5.75
C SER A 94 10.79 -28.89 -4.50
N GLY A 95 10.55 -28.27 -3.35
CA GLY A 95 11.07 -28.79 -2.10
C GLY A 95 10.11 -29.78 -1.45
N GLY A 1 -33.21 11.34 -16.54
CA GLY A 1 -31.86 11.30 -16.01
C GLY A 1 -31.70 10.27 -14.90
N SER A 2 -30.67 9.45 -15.00
CA SER A 2 -30.40 8.42 -13.99
C SER A 2 -29.12 8.72 -13.22
N SER A 3 -29.04 8.20 -12.00
CA SER A 3 -27.86 8.42 -11.16
C SER A 3 -26.60 7.93 -11.86
N GLY A 4 -25.64 8.84 -12.02
CA GLY A 4 -24.39 8.48 -12.67
C GLY A 4 -23.24 9.40 -12.27
N SER A 5 -23.08 10.49 -13.01
CA SER A 5 -22.02 11.44 -12.73
C SER A 5 -21.78 11.57 -11.23
N SER A 6 -20.58 11.20 -10.80
CA SER A 6 -20.22 11.27 -9.38
C SER A 6 -18.87 11.94 -9.19
N GLY A 7 -18.89 13.24 -8.94
CA GLY A 7 -17.65 13.98 -8.74
C GLY A 7 -16.79 13.38 -7.64
N ARG A 8 -15.65 12.83 -8.04
CA ARG A 8 -14.72 12.22 -7.09
C ARG A 8 -13.79 13.26 -6.48
N ILE A 9 -13.10 12.89 -5.42
CA ILE A 9 -12.17 13.79 -4.75
C ILE A 9 -11.08 13.02 -4.02
N VAL A 10 -10.10 13.74 -3.49
CA VAL A 10 -8.99 13.13 -2.78
C VAL A 10 -9.14 13.33 -1.27
N GLY A 11 -9.93 14.32 -0.89
CA GLY A 11 -10.14 14.60 0.52
C GLY A 11 -9.30 15.76 1.01
N GLU A 12 -9.32 15.99 2.32
CA GLU A 12 -8.55 17.07 2.92
C GLU A 12 -7.35 16.53 3.69
N LEU A 13 -6.24 17.27 3.64
CA LEU A 13 -5.02 16.87 4.33
C LEU A 13 -5.32 16.47 5.77
N GLU A 14 -5.68 17.45 6.60
CA GLU A 14 -5.98 17.20 8.00
C GLU A 14 -6.90 15.99 8.15
N GLN A 15 -7.92 15.92 7.28
CA GLN A 15 -8.87 14.82 7.31
C GLN A 15 -8.16 13.47 7.19
N MET A 16 -7.17 13.42 6.31
CA MET A 16 -6.40 12.20 6.09
C MET A 16 -6.02 11.54 7.42
N VAL A 17 -5.76 10.25 7.39
CA VAL A 17 -5.39 9.51 8.59
C VAL A 17 -4.25 8.53 8.30
N SER A 18 -3.33 8.42 9.26
CA SER A 18 -2.19 7.52 9.11
C SER A 18 -2.43 6.21 9.85
N GLU A 19 -2.07 5.11 9.22
CA GLU A 19 -2.24 3.79 9.81
C GLU A 19 -1.02 2.91 9.58
N ASP A 20 -0.87 1.87 10.39
CA ASP A 20 0.27 0.96 10.27
C ASP A 20 -0.17 -0.37 9.67
N VAL A 21 0.47 -0.76 8.58
CA VAL A 21 0.15 -2.01 7.90
C VAL A 21 1.33 -2.96 7.93
N PRO A 22 1.10 -4.16 8.51
CA PRO A 22 2.14 -5.19 8.62
C PRO A 22 2.49 -5.81 7.28
N LEU A 23 3.59 -5.35 6.69
CA LEU A 23 4.04 -5.85 5.39
C LEU A 23 5.44 -6.45 5.50
N ASP A 24 5.56 -7.74 5.19
CA ASP A 24 6.83 -8.43 5.25
C ASP A 24 7.87 -7.72 4.37
N HIS A 25 9.11 -7.70 4.84
CA HIS A 25 10.20 -7.06 4.11
C HIS A 25 10.57 -7.87 2.86
N ARG A 26 10.13 -9.12 2.83
CA ARG A 26 10.42 -10.00 1.70
C ARG A 26 9.59 -9.62 0.49
N VAL A 27 8.64 -8.71 0.69
CA VAL A 27 7.77 -8.26 -0.39
C VAL A 27 7.83 -6.74 -0.56
N HIS A 28 8.51 -6.09 0.37
CA HIS A 28 8.64 -4.63 0.33
C HIS A 28 9.16 -4.17 -1.03
N ALA A 29 10.31 -4.69 -1.42
CA ALA A 29 10.91 -4.33 -2.71
C ALA A 29 10.04 -4.82 -3.87
N ARG A 30 9.56 -6.05 -3.76
CA ARG A 30 8.72 -6.62 -4.80
C ARG A 30 7.54 -5.71 -5.13
N ILE A 31 7.04 -5.02 -4.11
CA ILE A 31 5.92 -4.11 -4.29
C ILE A 31 6.39 -2.72 -4.68
N ILE A 32 7.42 -2.23 -3.98
CA ILE A 32 7.97 -0.91 -4.25
C ILE A 32 8.31 -0.76 -5.73
N GLY A 33 8.86 -1.81 -6.32
CA GLY A 33 9.23 -1.77 -7.72
C GLY A 33 10.67 -1.35 -7.94
N ALA A 34 11.03 -1.11 -9.19
CA ALA A 34 12.38 -0.69 -9.53
C ALA A 34 12.60 0.79 -9.19
N ARG A 35 11.91 1.67 -9.91
CA ARG A 35 12.03 3.10 -9.68
C ARG A 35 10.85 3.62 -8.85
N GLY A 36 10.19 2.71 -8.14
CA GLY A 36 9.05 3.11 -7.33
C GLY A 36 7.79 3.26 -8.14
N LYS A 37 7.69 2.51 -9.23
CA LYS A 37 6.51 2.57 -10.10
C LYS A 37 5.43 1.61 -9.61
N ALA A 38 5.78 0.34 -9.51
CA ALA A 38 4.84 -0.67 -9.05
C ALA A 38 3.99 -0.15 -7.89
N ILE A 39 4.61 0.62 -7.01
CA ILE A 39 3.91 1.18 -5.85
C ILE A 39 3.14 2.44 -6.24
N ARG A 40 3.68 3.18 -7.21
CA ARG A 40 3.03 4.41 -7.66
C ARG A 40 1.59 4.14 -8.12
N LYS A 41 1.45 3.21 -9.05
CA LYS A 41 0.13 2.85 -9.57
C LYS A 41 -0.84 2.55 -8.44
N ILE A 42 -0.31 2.07 -7.31
CA ILE A 42 -1.13 1.74 -6.16
C ILE A 42 -1.53 3.01 -5.40
N MET A 43 -0.57 3.89 -5.18
CA MET A 43 -0.81 5.14 -4.47
C MET A 43 -1.90 5.95 -5.18
N ASP A 44 -1.75 6.12 -6.48
CA ASP A 44 -2.72 6.88 -7.26
C ASP A 44 -4.06 6.16 -7.31
N GLU A 45 -4.02 4.83 -7.36
CA GLU A 45 -5.23 4.02 -7.41
C GLU A 45 -6.24 4.49 -6.37
N PHE A 46 -5.83 4.49 -5.10
CA PHE A 46 -6.69 4.91 -4.02
C PHE A 46 -6.34 6.32 -3.55
N LYS A 47 -5.38 6.94 -4.24
CA LYS A 47 -4.95 8.29 -3.90
C LYS A 47 -4.35 8.33 -2.49
N VAL A 48 -3.56 7.32 -2.16
CA VAL A 48 -2.94 7.25 -0.85
C VAL A 48 -1.41 7.36 -0.96
N ASP A 49 -0.76 7.62 0.17
CA ASP A 49 0.68 7.76 0.20
C ASP A 49 1.31 6.72 1.13
N ILE A 50 1.81 5.63 0.54
CA ILE A 50 2.44 4.57 1.32
C ILE A 50 3.85 4.95 1.73
N ARG A 51 4.16 4.77 3.01
CA ARG A 51 5.48 5.09 3.53
C ARG A 51 6.16 3.85 4.11
N PHE A 52 7.21 3.39 3.45
CA PHE A 52 7.94 2.21 3.90
C PHE A 52 8.93 2.57 5.00
N PRO A 53 9.27 1.58 5.83
CA PRO A 53 10.21 1.77 6.95
C PRO A 53 11.64 1.99 6.47
N GLN A 54 12.20 3.15 6.80
CA GLN A 54 13.57 3.48 6.41
C GLN A 54 14.56 2.48 6.98
N SER A 55 15.82 2.61 6.60
CA SER A 55 16.87 1.71 7.06
C SER A 55 16.95 1.73 8.58
N GLY A 56 16.78 2.90 9.17
CA GLY A 56 16.84 3.04 10.61
C GLY A 56 15.45 3.11 11.25
N ALA A 57 14.46 2.53 10.58
CA ALA A 57 13.10 2.53 11.08
C ALA A 57 12.93 1.51 12.20
N PRO A 58 11.98 1.80 13.11
CA PRO A 58 11.70 0.92 14.25
C PRO A 58 11.03 -0.38 13.83
N ASP A 59 10.18 -0.31 12.81
CA ASP A 59 9.48 -1.48 12.31
C ASP A 59 9.75 -1.68 10.82
N PRO A 60 10.82 -2.43 10.51
CA PRO A 60 11.20 -2.72 9.12
C PRO A 60 10.21 -3.64 8.42
N ASN A 61 9.20 -4.07 9.15
CA ASN A 61 8.18 -4.96 8.59
C ASN A 61 6.80 -4.29 8.61
N CYS A 62 6.79 -2.99 8.87
CA CYS A 62 5.55 -2.24 8.92
C CYS A 62 5.62 -1.01 8.03
N VAL A 63 4.50 -0.67 7.39
CA VAL A 63 4.45 0.49 6.51
C VAL A 63 3.39 1.48 6.96
N THR A 64 3.72 2.76 6.93
CA THR A 64 2.80 3.81 7.35
C THR A 64 2.01 4.35 6.16
N VAL A 65 0.76 3.91 6.05
CA VAL A 65 -0.11 4.35 4.96
C VAL A 65 -0.88 5.60 5.35
N THR A 66 -0.88 6.60 4.47
CA THR A 66 -1.59 7.85 4.72
C THR A 66 -2.81 7.98 3.82
N GLY A 67 -3.75 8.83 4.22
CA GLY A 67 -4.95 9.03 3.43
C GLY A 67 -6.22 8.80 4.24
N LEU A 68 -7.37 9.09 3.64
CA LEU A 68 -8.64 8.91 4.31
C LEU A 68 -8.81 7.48 4.79
N PRO A 69 -9.64 7.29 5.83
CA PRO A 69 -9.92 5.97 6.41
C PRO A 69 -10.73 5.09 5.47
N GLU A 70 -11.31 5.70 4.44
CA GLU A 70 -12.11 4.96 3.46
C GLU A 70 -11.25 4.47 2.31
N ASN A 71 -10.20 5.22 2.00
CA ASN A 71 -9.30 4.86 0.91
C ASN A 71 -8.18 3.93 1.41
N VAL A 72 -7.68 4.21 2.61
CA VAL A 72 -6.62 3.40 3.20
C VAL A 72 -7.04 1.95 3.31
N GLU A 73 -8.19 1.70 3.92
CA GLU A 73 -8.70 0.35 4.09
C GLU A 73 -8.65 -0.42 2.78
N GLU A 74 -8.99 0.27 1.68
CA GLU A 74 -8.98 -0.36 0.36
C GLU A 74 -7.56 -0.63 -0.10
N ALA A 75 -6.66 0.29 0.21
CA ALA A 75 -5.25 0.15 -0.18
C ALA A 75 -4.61 -1.04 0.51
N ILE A 76 -4.84 -1.17 1.81
CA ILE A 76 -4.29 -2.27 2.58
C ILE A 76 -4.63 -3.61 1.94
N ASP A 77 -5.91 -3.85 1.73
CA ASP A 77 -6.37 -5.10 1.12
C ASP A 77 -5.53 -5.45 -0.10
N HIS A 78 -5.16 -4.42 -0.86
CA HIS A 78 -4.35 -4.62 -2.06
C HIS A 78 -2.91 -4.95 -1.71
N ILE A 79 -2.37 -4.24 -0.71
CA ILE A 79 -1.00 -4.47 -0.26
C ILE A 79 -0.80 -5.90 0.22
N LEU A 80 -1.56 -6.29 1.22
CA LEU A 80 -1.48 -7.64 1.77
C LEU A 80 -1.77 -8.69 0.70
N ASN A 81 -2.64 -8.33 -0.24
CA ASN A 81 -3.01 -9.24 -1.32
C ASN A 81 -1.77 -9.70 -2.09
N LEU A 82 -0.91 -8.75 -2.43
CA LEU A 82 0.31 -9.05 -3.16
C LEU A 82 1.31 -9.81 -2.29
N GLU A 83 1.48 -9.33 -1.06
CA GLU A 83 2.40 -9.96 -0.12
C GLU A 83 2.40 -11.48 -0.29
N GLU A 84 1.20 -12.06 -0.34
CA GLU A 84 1.06 -13.50 -0.50
C GLU A 84 1.49 -13.94 -1.90
N GLU A 85 0.93 -13.30 -2.91
CA GLU A 85 1.25 -13.62 -4.29
C GLU A 85 2.76 -13.75 -4.48
N TYR A 86 3.50 -12.85 -3.86
CA TYR A 86 4.96 -12.87 -3.96
C TYR A 86 5.56 -13.95 -3.07
N LEU A 87 5.08 -14.02 -1.84
CA LEU A 87 5.57 -15.02 -0.88
C LEU A 87 5.46 -16.42 -1.46
N ALA A 88 4.45 -16.63 -2.31
CA ALA A 88 4.22 -17.93 -2.93
C ALA A 88 5.47 -18.40 -3.66
N ASP A 89 6.31 -17.45 -4.08
CA ASP A 89 7.55 -17.78 -4.79
C ASP A 89 8.69 -18.00 -3.82
N SER A 90 8.48 -18.90 -2.87
CA SER A 90 9.50 -19.21 -1.86
C SER A 90 9.90 -20.68 -1.94
N GLY A 91 8.91 -21.56 -2.02
CA GLY A 91 9.17 -22.98 -2.10
C GLY A 91 8.89 -23.70 -0.80
N PRO A 92 8.46 -24.96 -0.90
CA PRO A 92 8.14 -25.78 0.28
C PRO A 92 9.39 -26.17 1.07
N SER A 93 10.51 -26.24 0.38
CA SER A 93 11.78 -26.61 1.01
C SER A 93 12.31 -25.47 1.86
N SER A 94 12.70 -25.78 3.09
CA SER A 94 13.22 -24.78 4.01
C SER A 94 14.42 -24.06 3.40
N GLY A 95 14.57 -22.78 3.74
CA GLY A 95 15.67 -21.99 3.23
C GLY A 95 17.01 -22.71 3.36
N GLY A 1 -25.85 2.91 -18.36
CA GLY A 1 -26.29 4.27 -18.05
C GLY A 1 -26.05 4.62 -16.59
N SER A 2 -26.23 5.91 -16.27
CA SER A 2 -26.03 6.37 -14.91
C SER A 2 -26.49 7.82 -14.76
N SER A 3 -27.16 8.11 -13.65
CA SER A 3 -27.66 9.45 -13.39
C SER A 3 -26.93 10.09 -12.20
N GLY A 4 -26.84 11.41 -12.22
CA GLY A 4 -26.17 12.12 -11.15
C GLY A 4 -24.69 12.35 -11.44
N SER A 5 -24.30 13.62 -11.51
CA SER A 5 -22.91 13.96 -11.79
C SER A 5 -22.05 13.81 -10.54
N SER A 6 -21.29 12.71 -10.49
CA SER A 6 -20.42 12.45 -9.34
C SER A 6 -18.98 12.23 -9.80
N GLY A 7 -18.05 12.91 -9.14
CA GLY A 7 -16.64 12.77 -9.49
C GLY A 7 -15.79 12.36 -8.31
N ARG A 8 -14.54 12.01 -8.58
CA ARG A 8 -13.62 11.59 -7.53
C ARG A 8 -12.90 12.80 -6.92
N ILE A 9 -12.18 12.57 -5.84
CA ILE A 9 -11.44 13.64 -5.17
C ILE A 9 -10.34 13.08 -4.29
N VAL A 10 -9.45 13.96 -3.82
CA VAL A 10 -8.34 13.54 -2.97
C VAL A 10 -8.75 13.56 -1.50
N GLY A 11 -9.54 14.56 -1.12
CA GLY A 11 -9.99 14.67 0.27
C GLY A 11 -9.28 15.77 1.02
N GLU A 12 -9.57 15.90 2.30
CA GLU A 12 -8.96 16.93 3.14
C GLU A 12 -7.68 16.42 3.78
N LEU A 13 -6.68 17.30 3.88
CA LEU A 13 -5.41 16.93 4.47
C LEU A 13 -5.57 16.51 5.93
N GLU A 14 -6.06 17.45 6.75
CA GLU A 14 -6.27 17.18 8.16
C GLU A 14 -7.20 15.99 8.37
N GLN A 15 -7.96 15.66 7.32
CA GLN A 15 -8.90 14.55 7.38
C GLN A 15 -8.17 13.21 7.22
N MET A 16 -7.20 13.19 6.31
CA MET A 16 -6.43 11.97 6.06
C MET A 16 -5.98 11.33 7.37
N VAL A 17 -5.79 10.02 7.36
CA VAL A 17 -5.37 9.28 8.55
C VAL A 17 -4.25 8.30 8.21
N SER A 18 -3.21 8.29 9.05
CA SER A 18 -2.08 7.40 8.84
C SER A 18 -2.27 6.10 9.60
N GLU A 19 -2.20 4.98 8.88
CA GLU A 19 -2.37 3.67 9.49
C GLU A 19 -1.11 2.82 9.31
N ASP A 20 -1.01 1.75 10.09
CA ASP A 20 0.15 0.86 10.02
C ASP A 20 -0.23 -0.46 9.36
N VAL A 21 0.45 -0.79 8.26
CA VAL A 21 0.18 -2.02 7.54
C VAL A 21 1.36 -2.97 7.62
N PRO A 22 1.14 -4.16 8.19
CA PRO A 22 2.17 -5.19 8.34
C PRO A 22 2.59 -5.80 7.00
N LEU A 23 3.73 -5.37 6.49
CA LEU A 23 4.25 -5.87 5.23
C LEU A 23 5.62 -6.53 5.40
N ASP A 24 5.69 -7.81 5.08
CA ASP A 24 6.94 -8.55 5.20
C ASP A 24 8.02 -7.96 4.31
N HIS A 25 9.26 -7.93 4.81
CA HIS A 25 10.38 -7.38 4.05
C HIS A 25 10.71 -8.27 2.85
N ARG A 26 10.12 -9.47 2.82
CA ARG A 26 10.35 -10.40 1.73
C ARG A 26 9.60 -9.96 0.47
N VAL A 27 8.63 -9.05 0.65
CA VAL A 27 7.84 -8.56 -0.47
C VAL A 27 8.01 -7.05 -0.63
N HIS A 28 8.50 -6.40 0.42
CA HIS A 28 8.71 -4.95 0.40
C HIS A 28 9.14 -4.49 -0.99
N ALA A 29 10.37 -4.84 -1.37
CA ALA A 29 10.90 -4.45 -2.68
C ALA A 29 9.96 -4.88 -3.80
N ARG A 30 9.55 -6.14 -3.78
CA ARG A 30 8.65 -6.67 -4.79
C ARG A 30 7.51 -5.70 -5.07
N ILE A 31 6.99 -5.09 -4.01
CA ILE A 31 5.90 -4.13 -4.15
C ILE A 31 6.42 -2.75 -4.56
N ILE A 32 7.44 -2.28 -3.86
CA ILE A 32 8.03 -0.98 -4.15
C ILE A 32 8.24 -0.80 -5.65
N GLY A 33 8.89 -1.78 -6.27
CA GLY A 33 9.15 -1.71 -7.69
C GLY A 33 10.58 -1.32 -8.01
N ALA A 34 11.08 -1.79 -9.14
CA ALA A 34 12.44 -1.49 -9.56
C ALA A 34 12.79 -0.02 -9.29
N ARG A 35 12.08 0.88 -9.98
CA ARG A 35 12.30 2.31 -9.83
C ARG A 35 11.18 2.94 -9.02
N GLY A 36 10.51 2.15 -8.20
CA GLY A 36 9.43 2.65 -7.39
C GLY A 36 8.18 2.93 -8.20
N LYS A 37 7.98 2.16 -9.26
CA LYS A 37 6.81 2.33 -10.12
C LYS A 37 5.67 1.43 -9.69
N ALA A 38 6.02 0.25 -9.18
CA ALA A 38 5.02 -0.71 -8.71
C ALA A 38 4.17 -0.12 -7.59
N ILE A 39 4.80 0.74 -6.78
CA ILE A 39 4.11 1.37 -5.66
C ILE A 39 3.37 2.63 -6.11
N ARG A 40 3.96 3.33 -7.08
CA ARG A 40 3.37 4.56 -7.60
C ARG A 40 1.94 4.33 -8.04
N LYS A 41 1.72 3.28 -8.83
CA LYS A 41 0.38 2.95 -9.32
C LYS A 41 -0.57 2.69 -8.16
N ILE A 42 -0.10 1.95 -7.16
CA ILE A 42 -0.91 1.63 -6.00
C ILE A 42 -1.36 2.90 -5.28
N MET A 43 -0.43 3.82 -5.08
CA MET A 43 -0.73 5.09 -4.41
C MET A 43 -1.80 5.86 -5.18
N ASP A 44 -1.57 6.06 -6.47
CA ASP A 44 -2.52 6.78 -7.31
C ASP A 44 -3.87 6.07 -7.34
N GLU A 45 -3.84 4.74 -7.29
CA GLU A 45 -5.06 3.96 -7.31
C GLU A 45 -6.04 4.42 -6.23
N PHE A 46 -5.56 4.45 -4.99
CA PHE A 46 -6.39 4.87 -3.87
C PHE A 46 -6.03 6.29 -3.43
N LYS A 47 -5.18 6.95 -4.20
CA LYS A 47 -4.75 8.31 -3.89
C LYS A 47 -4.18 8.39 -2.48
N VAL A 48 -3.48 7.34 -2.06
CA VAL A 48 -2.88 7.30 -0.73
C VAL A 48 -1.37 7.44 -0.80
N ASP A 49 -0.74 7.55 0.36
CA ASP A 49 0.71 7.70 0.43
C ASP A 49 1.33 6.58 1.28
N ILE A 50 1.96 5.62 0.62
CA ILE A 50 2.59 4.50 1.31
C ILE A 50 4.05 4.80 1.63
N ARG A 51 4.34 5.02 2.91
CA ARG A 51 5.69 5.32 3.35
C ARG A 51 6.34 4.08 3.98
N PHE A 52 7.31 3.50 3.28
CA PHE A 52 8.00 2.32 3.77
C PHE A 52 8.97 2.69 4.88
N PRO A 53 9.31 1.70 5.73
CA PRO A 53 10.24 1.89 6.85
C PRO A 53 11.68 2.11 6.38
N GLN A 54 12.25 3.26 6.74
CA GLN A 54 13.61 3.59 6.35
C GLN A 54 14.61 2.72 7.11
N SER A 55 15.89 2.84 6.74
CA SER A 55 16.94 2.07 7.38
C SER A 55 16.99 2.35 8.89
N GLY A 56 16.30 3.41 9.30
CA GLY A 56 16.28 3.77 10.70
C GLY A 56 14.87 3.74 11.29
N ALA A 57 13.98 3.01 10.63
CA ALA A 57 12.60 2.89 11.09
C ALA A 57 12.47 1.85 12.20
N PRO A 58 11.52 2.06 13.11
CA PRO A 58 11.29 1.15 14.24
C PRO A 58 10.68 -0.17 13.79
N ASP A 59 10.01 -0.14 12.64
CA ASP A 59 9.38 -1.35 12.10
C ASP A 59 9.78 -1.56 10.64
N PRO A 60 10.88 -2.29 10.43
CA PRO A 60 11.39 -2.58 9.09
C PRO A 60 10.49 -3.55 8.32
N ASN A 61 9.38 -3.94 8.95
CA ASN A 61 8.43 -4.86 8.33
C ASN A 61 7.03 -4.26 8.31
N CYS A 62 6.94 -2.98 8.66
CA CYS A 62 5.65 -2.28 8.68
C CYS A 62 5.72 -0.99 7.87
N VAL A 63 4.63 -0.68 7.17
CA VAL A 63 4.57 0.53 6.36
C VAL A 63 3.53 1.51 6.91
N THR A 64 3.72 2.79 6.60
CA THR A 64 2.80 3.82 7.07
C THR A 64 1.99 4.39 5.91
N VAL A 65 0.75 3.94 5.78
CA VAL A 65 -0.13 4.40 4.71
C VAL A 65 -0.96 5.60 5.17
N THR A 66 -0.94 6.67 4.39
CA THR A 66 -1.70 7.86 4.72
C THR A 66 -2.90 8.04 3.79
N GLY A 67 -3.86 8.83 4.22
CA GLY A 67 -5.05 9.06 3.41
C GLY A 67 -6.33 8.81 4.17
N LEU A 68 -7.46 9.22 3.60
CA LEU A 68 -8.76 9.02 4.23
C LEU A 68 -8.91 7.59 4.74
N PRO A 69 -9.72 7.43 5.79
CA PRO A 69 -9.98 6.11 6.40
C PRO A 69 -10.81 5.21 5.49
N GLU A 70 -11.47 5.82 4.50
CA GLU A 70 -12.30 5.07 3.57
C GLU A 70 -11.47 4.55 2.40
N ASN A 71 -10.38 5.26 2.10
CA ASN A 71 -9.51 4.88 0.99
C ASN A 71 -8.38 3.97 1.48
N VAL A 72 -7.87 4.26 2.66
CA VAL A 72 -6.79 3.47 3.24
C VAL A 72 -7.18 2.00 3.34
N GLU A 73 -8.31 1.73 3.99
CA GLU A 73 -8.80 0.36 4.14
C GLU A 73 -8.68 -0.41 2.84
N GLU A 74 -9.14 0.21 1.75
CA GLU A 74 -9.09 -0.42 0.44
C GLU A 74 -7.64 -0.74 0.04
N ALA A 75 -6.76 0.23 0.22
CA ALA A 75 -5.36 0.05 -0.12
C ALA A 75 -4.76 -1.14 0.62
N ILE A 76 -4.84 -1.11 1.94
CA ILE A 76 -4.30 -2.19 2.76
C ILE A 76 -4.69 -3.55 2.20
N ASP A 77 -5.99 -3.78 2.05
CA ASP A 77 -6.48 -5.04 1.51
C ASP A 77 -5.75 -5.41 0.22
N HIS A 78 -5.55 -4.43 -0.65
CA HIS A 78 -4.87 -4.65 -1.92
C HIS A 78 -3.37 -4.91 -1.69
N ILE A 79 -2.84 -4.33 -0.63
CA ILE A 79 -1.42 -4.50 -0.30
C ILE A 79 -1.14 -5.92 0.16
N LEU A 80 -1.83 -6.34 1.22
CA LEU A 80 -1.65 -7.68 1.77
C LEU A 80 -1.91 -8.74 0.70
N ASN A 81 -2.85 -8.47 -0.19
CA ASN A 81 -3.18 -9.39 -1.26
C ASN A 81 -1.95 -9.79 -2.05
N LEU A 82 -1.15 -8.81 -2.44
CA LEU A 82 0.07 -9.06 -3.20
C LEU A 82 1.07 -9.85 -2.36
N GLU A 83 1.31 -9.40 -1.14
CA GLU A 83 2.24 -10.07 -0.24
C GLU A 83 2.15 -11.59 -0.38
N GLU A 84 0.93 -12.11 -0.24
CA GLU A 84 0.71 -13.55 -0.35
C GLU A 84 1.19 -14.08 -1.70
N GLU A 85 0.87 -13.34 -2.76
CA GLU A 85 1.27 -13.72 -4.11
C GLU A 85 2.78 -13.82 -4.21
N TYR A 86 3.46 -12.72 -3.90
CA TYR A 86 4.92 -12.67 -3.98
C TYR A 86 5.54 -13.79 -3.14
N LEU A 87 5.33 -13.71 -1.83
CA LEU A 87 5.87 -14.71 -0.92
C LEU A 87 5.72 -16.11 -1.49
N ALA A 88 4.51 -16.43 -1.95
CA ALA A 88 4.23 -17.74 -2.52
C ALA A 88 5.42 -18.26 -3.32
N ASP A 89 6.09 -17.36 -4.03
CA ASP A 89 7.24 -17.73 -4.84
C ASP A 89 8.53 -17.39 -4.10
N SER A 90 8.83 -18.13 -3.04
CA SER A 90 10.03 -17.90 -2.25
C SER A 90 11.06 -19.00 -2.49
N GLY A 91 10.60 -20.25 -2.46
CA GLY A 91 11.49 -21.37 -2.68
C GLY A 91 12.41 -21.16 -3.86
N PRO A 92 12.00 -21.67 -5.03
CA PRO A 92 12.79 -21.56 -6.26
C PRO A 92 12.82 -20.12 -6.79
N SER A 93 13.81 -19.82 -7.61
CA SER A 93 13.96 -18.48 -8.19
C SER A 93 12.77 -18.14 -9.08
N SER A 94 12.46 -16.86 -9.19
CA SER A 94 11.35 -16.40 -10.01
C SER A 94 11.83 -16.01 -11.40
N GLY A 95 10.88 -15.92 -12.34
CA GLY A 95 11.23 -15.56 -13.71
C GLY A 95 10.15 -15.94 -14.70
N GLY A 1 -35.44 15.68 -14.04
CA GLY A 1 -34.24 14.86 -14.15
C GLY A 1 -33.49 14.77 -12.84
N SER A 2 -32.30 14.17 -12.88
CA SER A 2 -31.48 14.02 -11.68
C SER A 2 -30.02 14.38 -11.98
N SER A 3 -29.35 14.93 -10.97
CA SER A 3 -27.95 15.33 -11.12
C SER A 3 -27.04 14.46 -10.26
N GLY A 4 -27.30 13.15 -10.26
CA GLY A 4 -26.49 12.23 -9.49
C GLY A 4 -25.51 11.46 -10.34
N SER A 5 -24.26 11.41 -9.89
CA SER A 5 -23.21 10.70 -10.62
C SER A 5 -21.96 10.55 -9.76
N SER A 6 -21.12 9.57 -10.10
CA SER A 6 -19.90 9.32 -9.37
C SER A 6 -19.16 10.63 -9.07
N GLY A 7 -18.48 10.67 -7.94
CA GLY A 7 -17.74 11.86 -7.55
C GLY A 7 -16.64 11.57 -6.55
N ARG A 8 -15.43 11.33 -7.06
CA ARG A 8 -14.29 11.03 -6.21
C ARG A 8 -13.54 12.31 -5.84
N ILE A 9 -12.71 12.23 -4.81
CA ILE A 9 -11.93 13.38 -4.36
C ILE A 9 -10.70 12.93 -3.57
N VAL A 10 -9.85 13.89 -3.24
CA VAL A 10 -8.63 13.60 -2.50
C VAL A 10 -8.85 13.79 -1.00
N GLY A 11 -9.39 14.95 -0.63
CA GLY A 11 -9.64 15.23 0.77
C GLY A 11 -8.64 16.21 1.36
N GLU A 12 -8.83 16.56 2.62
CA GLU A 12 -7.93 17.50 3.29
C GLU A 12 -6.91 16.76 4.15
N LEU A 13 -5.68 17.25 4.16
CA LEU A 13 -4.61 16.62 4.93
C LEU A 13 -5.11 16.23 6.32
N GLU A 14 -5.72 17.18 7.02
CA GLU A 14 -6.24 16.94 8.35
C GLU A 14 -7.22 15.76 8.35
N GLN A 15 -8.09 15.73 7.35
CA GLN A 15 -9.08 14.66 7.23
C GLN A 15 -8.40 13.31 7.07
N MET A 16 -7.35 13.27 6.26
CA MET A 16 -6.61 12.02 6.04
C MET A 16 -6.20 11.39 7.35
N VAL A 17 -5.94 10.08 7.33
CA VAL A 17 -5.53 9.36 8.52
C VAL A 17 -4.35 8.45 8.23
N SER A 18 -3.40 8.39 9.16
CA SER A 18 -2.22 7.56 9.00
C SER A 18 -2.39 6.23 9.75
N GLU A 19 -2.37 5.13 8.99
CA GLU A 19 -2.52 3.80 9.57
C GLU A 19 -1.26 2.98 9.36
N ASP A 20 -1.14 1.90 10.13
CA ASP A 20 0.02 1.02 10.04
C ASP A 20 -0.37 -0.32 9.42
N VAL A 21 0.38 -0.75 8.41
CA VAL A 21 0.12 -2.01 7.74
C VAL A 21 1.34 -2.93 7.78
N PRO A 22 1.18 -4.10 8.40
CA PRO A 22 2.26 -5.08 8.53
C PRO A 22 2.61 -5.73 7.20
N LEU A 23 3.67 -5.24 6.57
CA LEU A 23 4.11 -5.77 5.28
C LEU A 23 5.51 -6.39 5.39
N ASP A 24 5.59 -7.69 5.15
CA ASP A 24 6.88 -8.39 5.22
C ASP A 24 7.95 -7.63 4.45
N HIS A 25 9.18 -7.64 4.99
CA HIS A 25 10.30 -6.96 4.36
C HIS A 25 10.79 -7.73 3.15
N ARG A 26 10.37 -8.99 3.04
CA ARG A 26 10.78 -9.83 1.93
C ARG A 26 10.01 -9.47 0.66
N VAL A 27 8.90 -8.78 0.82
CA VAL A 27 8.07 -8.37 -0.31
C VAL A 27 8.09 -6.85 -0.47
N HIS A 28 8.91 -6.18 0.32
CA HIS A 28 9.02 -4.73 0.26
C HIS A 28 9.46 -4.27 -1.12
N ALA A 29 10.64 -4.73 -1.54
CA ALA A 29 11.17 -4.37 -2.85
C ALA A 29 10.28 -4.88 -3.97
N ARG A 30 9.80 -6.11 -3.83
CA ARG A 30 8.94 -6.71 -4.84
C ARG A 30 7.74 -5.82 -5.13
N ILE A 31 7.24 -5.15 -4.10
CA ILE A 31 6.10 -4.25 -4.25
C ILE A 31 6.54 -2.86 -4.69
N ILE A 32 7.52 -2.30 -3.99
CA ILE A 32 8.03 -0.98 -4.32
C ILE A 32 8.20 -0.82 -5.83
N GLY A 33 8.88 -1.77 -6.45
CA GLY A 33 9.10 -1.71 -7.89
C GLY A 33 10.50 -1.24 -8.24
N ALA A 34 10.98 -1.65 -9.40
CA ALA A 34 12.32 -1.27 -9.86
C ALA A 34 12.55 0.23 -9.68
N ARG A 35 11.74 1.03 -10.36
CA ARG A 35 11.85 2.48 -10.28
C ARG A 35 10.73 3.07 -9.43
N GLY A 36 10.16 2.24 -8.56
CA GLY A 36 9.09 2.70 -7.69
C GLY A 36 7.80 2.93 -8.46
N LYS A 37 7.66 2.26 -9.61
CA LYS A 37 6.47 2.40 -10.43
C LYS A 37 5.33 1.51 -9.89
N ALA A 38 5.65 0.26 -9.60
CA ALA A 38 4.67 -0.67 -9.08
C ALA A 38 3.88 -0.06 -7.92
N ILE A 39 4.60 0.63 -7.04
CA ILE A 39 3.97 1.28 -5.89
C ILE A 39 3.32 2.60 -6.28
N ARG A 40 3.69 3.11 -7.45
CA ARG A 40 3.14 4.37 -7.93
C ARG A 40 1.71 4.19 -8.43
N LYS A 41 1.48 3.10 -9.16
CA LYS A 41 0.15 2.80 -9.69
C LYS A 41 -0.83 2.54 -8.56
N ILE A 42 -0.35 1.95 -7.48
CA ILE A 42 -1.19 1.65 -6.33
C ILE A 42 -1.62 2.92 -5.60
N MET A 43 -0.64 3.74 -5.25
CA MET A 43 -0.91 5.00 -4.55
C MET A 43 -1.94 5.82 -5.31
N ASP A 44 -1.77 5.92 -6.63
CA ASP A 44 -2.69 6.68 -7.46
C ASP A 44 -4.07 6.04 -7.50
N GLU A 45 -4.08 4.71 -7.54
CA GLU A 45 -5.34 3.95 -7.58
C GLU A 45 -6.28 4.45 -6.48
N PHE A 46 -5.85 4.31 -5.23
CA PHE A 46 -6.67 4.73 -4.09
C PHE A 46 -6.29 6.14 -3.65
N LYS A 47 -5.38 6.77 -4.40
CA LYS A 47 -4.94 8.12 -4.08
C LYS A 47 -4.42 8.20 -2.65
N VAL A 48 -3.55 7.26 -2.29
CA VAL A 48 -2.97 7.24 -0.95
C VAL A 48 -1.46 7.41 -1.00
N ASP A 49 -0.85 7.58 0.17
CA ASP A 49 0.60 7.75 0.26
C ASP A 49 1.22 6.70 1.17
N ILE A 50 1.87 5.72 0.57
CA ILE A 50 2.50 4.65 1.34
C ILE A 50 3.91 5.05 1.78
N ARG A 51 4.30 4.61 2.97
CA ARG A 51 5.62 4.92 3.49
C ARG A 51 6.29 3.67 4.05
N PHE A 52 7.41 3.29 3.44
CA PHE A 52 8.16 2.10 3.87
C PHE A 52 9.17 2.47 4.95
N PRO A 53 9.46 1.49 5.82
CA PRO A 53 10.43 1.68 6.92
C PRO A 53 11.86 1.80 6.42
N GLN A 54 12.52 2.91 6.78
CA GLN A 54 13.89 3.14 6.36
C GLN A 54 14.86 2.24 7.12
N SER A 55 16.14 2.35 6.81
CA SER A 55 17.16 1.54 7.46
C SER A 55 17.25 1.86 8.95
N GLY A 56 16.68 3.00 9.33
CA GLY A 56 16.70 3.41 10.72
C GLY A 56 15.34 3.33 11.38
N ALA A 57 14.37 2.76 10.66
CA ALA A 57 13.02 2.62 11.17
C ALA A 57 12.93 1.48 12.19
N PRO A 58 12.04 1.64 13.17
CA PRO A 58 11.83 0.63 14.22
C PRO A 58 11.17 -0.63 13.69
N ASP A 59 10.20 -0.45 12.80
CA ASP A 59 9.49 -1.58 12.21
C ASP A 59 9.83 -1.73 10.73
N PRO A 60 10.88 -2.53 10.45
CA PRO A 60 11.33 -2.77 9.08
C PRO A 60 10.34 -3.62 8.29
N ASN A 61 9.28 -4.06 8.95
CA ASN A 61 8.26 -4.89 8.30
C ASN A 61 6.89 -4.22 8.38
N CYS A 62 6.89 -2.95 8.77
CA CYS A 62 5.64 -2.20 8.89
C CYS A 62 5.67 -0.95 8.03
N VAL A 63 4.55 -0.65 7.37
CA VAL A 63 4.45 0.52 6.51
C VAL A 63 3.35 1.46 6.99
N THR A 64 3.54 2.75 6.73
CA THR A 64 2.56 3.76 7.14
C THR A 64 1.80 4.29 5.94
N VAL A 65 0.51 3.95 5.85
CA VAL A 65 -0.34 4.41 4.75
C VAL A 65 -1.18 5.61 5.17
N THR A 66 -1.03 6.70 4.43
CA THR A 66 -1.78 7.92 4.73
C THR A 66 -2.99 8.06 3.81
N GLY A 67 -3.96 8.87 4.21
CA GLY A 67 -5.15 9.07 3.41
C GLY A 67 -6.42 8.77 4.19
N LEU A 68 -7.55 9.19 3.64
CA LEU A 68 -8.85 8.96 4.28
C LEU A 68 -8.95 7.53 4.80
N PRO A 69 -9.74 7.35 5.86
CA PRO A 69 -9.95 6.04 6.48
C PRO A 69 -10.76 5.10 5.59
N GLU A 70 -11.51 5.68 4.66
CA GLU A 70 -12.34 4.89 3.75
C GLU A 70 -11.53 4.44 2.54
N ASN A 71 -10.55 5.26 2.15
CA ASN A 71 -9.70 4.94 1.01
C ASN A 71 -8.55 4.03 1.41
N VAL A 72 -8.00 4.27 2.60
CA VAL A 72 -6.89 3.46 3.11
C VAL A 72 -7.30 2.00 3.25
N GLU A 73 -8.38 1.77 3.97
CA GLU A 73 -8.87 0.40 4.19
C GLU A 73 -8.82 -0.41 2.89
N GLU A 74 -9.22 0.24 1.78
CA GLU A 74 -9.23 -0.42 0.48
C GLU A 74 -7.81 -0.74 0.03
N ALA A 75 -6.93 0.26 0.09
CA ALA A 75 -5.54 0.08 -0.31
C ALA A 75 -4.92 -1.13 0.38
N ILE A 76 -4.93 -1.12 1.71
CA ILE A 76 -4.38 -2.22 2.49
C ILE A 76 -4.73 -3.56 1.87
N ASP A 77 -6.02 -3.78 1.63
CA ASP A 77 -6.50 -5.03 1.04
C ASP A 77 -5.69 -5.38 -0.20
N HIS A 78 -5.39 -4.37 -1.02
CA HIS A 78 -4.63 -4.58 -2.25
C HIS A 78 -3.16 -4.87 -1.93
N ILE A 79 -2.64 -4.23 -0.89
CA ILE A 79 -1.26 -4.42 -0.48
C ILE A 79 -1.02 -5.85 0.01
N LEU A 80 -1.69 -6.21 1.10
CA LEU A 80 -1.57 -7.55 1.67
C LEU A 80 -1.79 -8.62 0.60
N ASN A 81 -2.73 -8.35 -0.31
CA ASN A 81 -3.05 -9.29 -1.38
C ASN A 81 -1.78 -9.71 -2.12
N LEU A 82 -0.95 -8.73 -2.46
CA LEU A 82 0.29 -9.00 -3.17
C LEU A 82 1.31 -9.69 -2.27
N GLU A 83 1.35 -9.28 -1.00
CA GLU A 83 2.27 -9.87 -0.04
C GLU A 83 2.30 -11.39 -0.18
N GLU A 84 1.15 -12.03 0.02
CA GLU A 84 1.04 -13.48 -0.09
C GLU A 84 1.58 -13.97 -1.43
N GLU A 85 1.11 -13.35 -2.50
CA GLU A 85 1.54 -13.72 -3.85
C GLU A 85 3.06 -13.83 -3.93
N TYR A 86 3.74 -12.74 -3.57
CA TYR A 86 5.20 -12.71 -3.59
C TYR A 86 5.79 -13.76 -2.65
N LEU A 87 5.27 -13.80 -1.42
CA LEU A 87 5.74 -14.75 -0.43
C LEU A 87 5.70 -16.17 -0.98
N ALA A 88 4.73 -16.46 -1.83
CA ALA A 88 4.59 -17.78 -2.43
C ALA A 88 5.90 -18.24 -3.05
N ASP A 89 6.72 -17.28 -3.46
CA ASP A 89 8.01 -17.58 -4.06
C ASP A 89 9.13 -17.56 -3.03
N SER A 90 9.02 -18.43 -2.02
CA SER A 90 10.02 -18.50 -0.97
C SER A 90 11.39 -18.85 -1.54
N GLY A 91 11.43 -19.82 -2.44
CA GLY A 91 12.69 -20.23 -3.05
C GLY A 91 12.61 -21.61 -3.65
N PRO A 92 12.97 -22.64 -2.87
CA PRO A 92 12.95 -24.04 -3.31
C PRO A 92 11.54 -24.56 -3.51
N SER A 93 10.58 -23.96 -2.78
CA SER A 93 9.18 -24.38 -2.87
C SER A 93 8.62 -24.06 -4.25
N SER A 94 8.80 -22.83 -4.70
CA SER A 94 8.30 -22.40 -6.00
C SER A 94 9.33 -22.67 -7.09
N GLY A 95 8.91 -23.41 -8.12
CA GLY A 95 9.80 -23.73 -9.21
C GLY A 95 9.16 -24.66 -10.23
N GLY A 1 -24.26 25.02 -9.05
CA GLY A 1 -25.54 24.36 -9.25
C GLY A 1 -25.39 22.97 -9.82
N SER A 2 -24.63 22.12 -9.12
CA SER A 2 -24.41 20.76 -9.57
C SER A 2 -24.13 19.84 -8.40
N SER A 3 -24.35 18.54 -8.59
CA SER A 3 -24.12 17.55 -7.55
C SER A 3 -23.90 16.16 -8.15
N GLY A 4 -22.70 15.62 -7.94
CA GLY A 4 -22.37 14.31 -8.45
C GLY A 4 -22.20 13.28 -7.36
N SER A 5 -23.31 12.64 -6.97
CA SER A 5 -23.28 11.64 -5.91
C SER A 5 -22.15 10.64 -6.15
N SER A 6 -22.10 10.09 -7.37
CA SER A 6 -21.06 9.12 -7.71
C SER A 6 -19.84 9.82 -8.30
N GLY A 7 -18.77 9.92 -7.51
CA GLY A 7 -17.56 10.57 -7.95
C GLY A 7 -16.45 10.47 -6.94
N ARG A 8 -15.22 10.26 -7.43
CA ARG A 8 -14.06 10.15 -6.55
C ARG A 8 -13.52 11.53 -6.19
N ILE A 9 -12.65 11.57 -5.18
CA ILE A 9 -12.06 12.82 -4.73
C ILE A 9 -10.77 12.59 -3.96
N VAL A 10 -10.09 13.67 -3.59
CA VAL A 10 -8.84 13.57 -2.85
C VAL A 10 -9.06 13.85 -1.36
N GLY A 11 -9.99 14.75 -1.06
CA GLY A 11 -10.28 15.08 0.31
C GLY A 11 -9.33 16.11 0.88
N GLU A 12 -9.36 16.30 2.20
CA GLU A 12 -8.49 17.26 2.86
C GLU A 12 -7.32 16.57 3.53
N LEU A 13 -6.23 17.32 3.74
CA LEU A 13 -5.04 16.77 4.38
C LEU A 13 -5.36 16.28 5.78
N GLU A 14 -5.85 17.18 6.63
CA GLU A 14 -6.20 16.84 8.00
C GLU A 14 -7.14 15.63 8.04
N GLN A 15 -8.06 15.57 7.08
CA GLN A 15 -9.01 14.47 7.01
C GLN A 15 -8.29 13.13 6.93
N MET A 16 -7.22 13.09 6.14
CA MET A 16 -6.44 11.86 5.97
C MET A 16 -6.08 11.26 7.34
N VAL A 17 -5.87 9.95 7.36
CA VAL A 17 -5.51 9.27 8.60
C VAL A 17 -4.31 8.34 8.37
N SER A 18 -3.42 8.29 9.37
CA SER A 18 -2.23 7.45 9.28
C SER A 18 -2.46 6.12 9.99
N GLU A 19 -2.31 5.03 9.24
CA GLU A 19 -2.49 3.69 9.80
C GLU A 19 -1.22 2.86 9.67
N ASP A 20 -1.11 1.82 10.47
CA ASP A 20 0.06 0.94 10.45
C ASP A 20 -0.29 -0.41 9.85
N VAL A 21 0.24 -0.69 8.66
CA VAL A 21 -0.01 -1.95 7.98
C VAL A 21 1.23 -2.85 8.02
N PRO A 22 1.08 -4.03 8.64
CA PRO A 22 2.16 -5.01 8.76
C PRO A 22 2.52 -5.65 7.42
N LEU A 23 3.58 -5.15 6.80
CA LEU A 23 4.02 -5.67 5.51
C LEU A 23 5.41 -6.32 5.64
N ASP A 24 5.50 -7.59 5.25
CA ASP A 24 6.76 -8.32 5.32
C ASP A 24 7.84 -7.59 4.53
N HIS A 25 9.06 -7.61 5.06
CA HIS A 25 10.19 -6.95 4.40
C HIS A 25 10.63 -7.74 3.17
N ARG A 26 10.12 -8.96 3.04
CA ARG A 26 10.47 -9.81 1.91
C ARG A 26 9.66 -9.43 0.67
N VAL A 27 8.48 -8.87 0.89
CA VAL A 27 7.61 -8.45 -0.21
C VAL A 27 7.67 -6.94 -0.41
N HIS A 28 8.50 -6.27 0.39
CA HIS A 28 8.65 -4.83 0.30
C HIS A 28 9.13 -4.41 -1.09
N ALA A 29 10.33 -4.87 -1.46
CA ALA A 29 10.89 -4.55 -2.76
C ALA A 29 9.98 -5.02 -3.89
N ARG A 30 9.43 -6.22 -3.74
CA ARG A 30 8.55 -6.79 -4.74
C ARG A 30 7.42 -5.82 -5.09
N ILE A 31 7.01 -5.02 -4.11
CA ILE A 31 5.95 -4.05 -4.31
C ILE A 31 6.51 -2.70 -4.73
N ILE A 32 7.52 -2.23 -3.99
CA ILE A 32 8.14 -0.95 -4.29
C ILE A 32 8.49 -0.83 -5.77
N GLY A 33 9.16 -1.85 -6.28
CA GLY A 33 9.55 -1.85 -7.69
C GLY A 33 10.93 -1.27 -7.91
N ALA A 34 11.75 -1.98 -8.68
CA ALA A 34 13.10 -1.53 -8.96
C ALA A 34 13.16 -0.02 -9.12
N ARG A 35 12.37 0.50 -10.06
CA ARG A 35 12.33 1.95 -10.31
C ARG A 35 11.55 2.66 -9.21
N GLY A 36 10.58 1.97 -8.62
CA GLY A 36 9.78 2.56 -7.58
C GLY A 36 8.43 3.06 -8.08
N LYS A 37 8.12 2.73 -9.33
CA LYS A 37 6.86 3.14 -9.93
C LYS A 37 5.72 2.22 -9.52
N ALA A 38 6.02 0.93 -9.43
CA ALA A 38 5.03 -0.06 -9.04
C ALA A 38 4.15 0.45 -7.91
N ILE A 39 4.78 0.89 -6.82
CA ILE A 39 4.07 1.40 -5.67
C ILE A 39 3.27 2.66 -6.04
N ARG A 40 3.77 3.39 -7.01
CA ARG A 40 3.11 4.61 -7.46
C ARG A 40 1.73 4.31 -8.05
N LYS A 41 1.62 3.16 -8.70
CA LYS A 41 0.36 2.75 -9.32
C LYS A 41 -0.73 2.61 -8.26
N ILE A 42 -0.42 1.96 -7.15
CA ILE A 42 -1.37 1.77 -6.07
C ILE A 42 -1.68 3.09 -5.38
N MET A 43 -0.63 3.84 -5.06
CA MET A 43 -0.79 5.13 -4.39
C MET A 43 -1.76 6.02 -5.15
N ASP A 44 -1.76 5.88 -6.48
CA ASP A 44 -2.64 6.67 -7.33
C ASP A 44 -4.04 6.07 -7.39
N GLU A 45 -4.10 4.74 -7.44
CA GLU A 45 -5.38 4.04 -7.51
C GLU A 45 -6.29 4.49 -6.37
N PHE A 46 -5.79 4.42 -5.15
CA PHE A 46 -6.57 4.80 -3.97
C PHE A 46 -6.13 6.19 -3.48
N LYS A 47 -5.33 6.88 -4.28
CA LYS A 47 -4.85 8.20 -3.92
C LYS A 47 -4.34 8.23 -2.48
N VAL A 48 -3.51 7.24 -2.14
CA VAL A 48 -2.95 7.15 -0.80
C VAL A 48 -1.43 7.29 -0.83
N ASP A 49 -0.84 7.47 0.35
CA ASP A 49 0.61 7.62 0.45
C ASP A 49 1.20 6.55 1.35
N ILE A 50 1.87 5.57 0.74
CA ILE A 50 2.47 4.47 1.48
C ILE A 50 3.92 4.80 1.84
N ARG A 51 4.20 4.91 3.14
CA ARG A 51 5.55 5.21 3.60
C ARG A 51 6.24 3.96 4.14
N PHE A 52 7.25 3.49 3.42
CA PHE A 52 7.98 2.30 3.83
C PHE A 52 9.02 2.63 4.90
N PRO A 53 9.33 1.65 5.75
CA PRO A 53 10.30 1.81 6.83
C PRO A 53 11.74 1.95 6.32
N GLN A 54 12.38 3.05 6.68
CA GLN A 54 13.74 3.30 6.24
C GLN A 54 14.69 2.23 6.79
N SER A 55 15.92 2.23 6.28
CA SER A 55 16.92 1.26 6.70
C SER A 55 16.98 1.18 8.22
N GLY A 56 17.22 2.32 8.86
CA GLY A 56 17.31 2.36 10.32
C GLY A 56 15.95 2.53 10.97
N ALA A 57 14.89 2.12 10.26
CA ALA A 57 13.54 2.23 10.78
C ALA A 57 13.31 1.26 11.92
N PRO A 58 12.40 1.63 12.84
CA PRO A 58 12.07 0.81 14.01
C PRO A 58 11.31 -0.46 13.63
N ASP A 59 10.56 -0.38 12.54
CA ASP A 59 9.78 -1.52 12.07
C ASP A 59 9.94 -1.70 10.56
N PRO A 60 10.94 -2.49 10.16
CA PRO A 60 11.22 -2.75 8.74
C PRO A 60 10.15 -3.62 8.09
N ASN A 61 9.16 -4.02 8.89
CA ASN A 61 8.07 -4.85 8.39
C ASN A 61 6.73 -4.14 8.52
N CYS A 62 6.79 -2.84 8.80
CA CYS A 62 5.57 -2.04 8.96
C CYS A 62 5.62 -0.80 8.08
N VAL A 63 4.51 -0.50 7.43
CA VAL A 63 4.43 0.66 6.56
C VAL A 63 3.36 1.64 7.03
N THR A 64 3.59 2.93 6.81
CA THR A 64 2.65 3.97 7.23
C THR A 64 1.83 4.47 6.04
N VAL A 65 0.57 4.06 5.97
CA VAL A 65 -0.32 4.47 4.89
C VAL A 65 -1.15 5.69 5.29
N THR A 66 -0.98 6.78 4.56
CA THR A 66 -1.71 8.01 4.85
C THR A 66 -2.85 8.21 3.86
N GLY A 67 -3.91 8.86 4.32
CA GLY A 67 -5.06 9.10 3.46
C GLY A 67 -6.37 8.80 4.15
N LEU A 68 -7.47 9.24 3.55
CA LEU A 68 -8.80 9.02 4.11
C LEU A 68 -8.91 7.60 4.69
N PRO A 69 -9.72 7.46 5.75
CA PRO A 69 -9.94 6.17 6.41
C PRO A 69 -10.74 5.21 5.55
N GLU A 70 -11.35 5.73 4.49
CA GLU A 70 -12.15 4.91 3.59
C GLU A 70 -11.30 4.40 2.43
N ASN A 71 -10.27 5.15 2.09
CA ASN A 71 -9.38 4.78 0.99
C ASN A 71 -8.23 3.91 1.50
N VAL A 72 -7.75 4.21 2.69
CA VAL A 72 -6.66 3.46 3.29
C VAL A 72 -7.02 1.98 3.43
N GLU A 73 -8.14 1.72 4.10
CA GLU A 73 -8.59 0.35 4.31
C GLU A 73 -8.54 -0.45 3.01
N GLU A 74 -8.99 0.17 1.92
CA GLU A 74 -9.00 -0.47 0.62
C GLU A 74 -7.57 -0.74 0.13
N ALA A 75 -6.76 0.31 0.13
CA ALA A 75 -5.37 0.18 -0.31
C ALA A 75 -4.69 -1.02 0.35
N ILE A 76 -4.87 -1.15 1.66
CA ILE A 76 -4.27 -2.24 2.41
C ILE A 76 -4.60 -3.59 1.76
N ASP A 77 -5.89 -3.85 1.59
CA ASP A 77 -6.34 -5.10 0.98
C ASP A 77 -5.48 -5.46 -0.23
N HIS A 78 -5.15 -4.46 -1.03
CA HIS A 78 -4.33 -4.66 -2.22
C HIS A 78 -2.91 -5.02 -1.84
N ILE A 79 -2.36 -4.31 -0.87
CA ILE A 79 -1.00 -4.55 -0.41
C ILE A 79 -0.83 -5.99 0.07
N LEU A 80 -1.60 -6.35 1.09
CA LEU A 80 -1.54 -7.70 1.65
C LEU A 80 -1.79 -8.75 0.57
N ASN A 81 -2.71 -8.45 -0.35
CA ASN A 81 -3.04 -9.36 -1.44
C ASN A 81 -1.77 -9.79 -2.18
N LEU A 82 -0.94 -8.82 -2.52
CA LEU A 82 0.30 -9.09 -3.23
C LEU A 82 1.30 -9.82 -2.34
N GLU A 83 1.50 -9.29 -1.13
CA GLU A 83 2.43 -9.90 -0.18
C GLU A 83 2.32 -11.42 -0.20
N GLU A 84 1.09 -11.91 -0.32
CA GLU A 84 0.85 -13.35 -0.35
C GLU A 84 1.33 -13.95 -1.67
N GLU A 85 0.97 -13.30 -2.77
CA GLU A 85 1.36 -13.77 -4.10
C GLU A 85 2.86 -13.89 -4.21
N TYR A 86 3.57 -12.81 -3.88
CA TYR A 86 5.02 -12.80 -3.95
C TYR A 86 5.62 -13.89 -3.07
N LEU A 87 5.25 -13.88 -1.79
CA LEU A 87 5.75 -14.86 -0.84
C LEU A 87 5.60 -16.28 -1.39
N ALA A 88 4.39 -16.59 -1.85
CA ALA A 88 4.10 -17.91 -2.41
C ALA A 88 5.22 -18.37 -3.33
N ASP A 89 5.81 -17.43 -4.05
CA ASP A 89 6.90 -17.73 -4.98
C ASP A 89 8.23 -17.20 -4.45
N SER A 90 8.49 -17.44 -3.17
CA SER A 90 9.72 -16.98 -2.54
C SER A 90 10.81 -18.05 -2.63
N GLY A 91 10.44 -19.29 -2.32
CA GLY A 91 11.39 -20.38 -2.38
C GLY A 91 10.72 -21.74 -2.37
N PRO A 92 10.21 -22.16 -3.54
CA PRO A 92 9.53 -23.45 -3.69
C PRO A 92 10.50 -24.63 -3.56
N SER A 93 10.64 -25.15 -2.34
CA SER A 93 11.52 -26.27 -2.09
C SER A 93 10.76 -27.58 -2.08
N SER A 94 10.93 -28.38 -3.14
CA SER A 94 10.25 -29.66 -3.25
C SER A 94 11.17 -30.71 -3.86
N GLY A 95 10.98 -31.96 -3.44
CA GLY A 95 11.80 -33.04 -3.94
C GLY A 95 11.03 -33.97 -4.86
N GLY A 1 -34.40 8.47 -13.82
CA GLY A 1 -33.04 7.95 -13.79
C GLY A 1 -32.65 7.46 -12.41
N SER A 2 -31.36 7.15 -12.24
CA SER A 2 -30.86 6.66 -10.96
C SER A 2 -29.45 7.20 -10.70
N SER A 3 -29.11 7.30 -9.42
CA SER A 3 -27.80 7.81 -9.02
C SER A 3 -27.37 7.23 -7.67
N GLY A 4 -26.21 6.57 -7.65
CA GLY A 4 -25.72 5.97 -6.43
C GLY A 4 -24.21 5.82 -6.43
N SER A 5 -23.50 6.93 -6.66
CA SER A 5 -22.04 6.91 -6.69
C SER A 5 -21.46 7.77 -5.57
N SER A 6 -20.13 7.79 -5.47
CA SER A 6 -19.45 8.57 -4.46
C SER A 6 -18.48 9.56 -5.09
N GLY A 7 -17.62 9.04 -5.96
CA GLY A 7 -16.64 9.89 -6.63
C GLY A 7 -15.39 10.08 -5.81
N ARG A 8 -14.47 9.13 -5.92
CA ARG A 8 -13.22 9.19 -5.17
C ARG A 8 -12.57 10.57 -5.31
N ILE A 9 -11.96 11.04 -4.22
CA ILE A 9 -11.31 12.35 -4.23
C ILE A 9 -10.08 12.35 -3.33
N VAL A 10 -9.42 13.49 -3.24
CA VAL A 10 -8.22 13.62 -2.42
C VAL A 10 -8.58 13.93 -0.97
N GLY A 11 -9.53 14.84 -0.78
CA GLY A 11 -9.95 15.19 0.57
C GLY A 11 -9.05 16.24 1.20
N GLU A 12 -9.24 16.47 2.50
CA GLU A 12 -8.44 17.45 3.22
C GLU A 12 -7.27 16.78 3.94
N LEU A 13 -6.16 17.49 4.03
CA LEU A 13 -4.97 16.94 4.69
C LEU A 13 -5.31 16.44 6.09
N GLU A 14 -5.89 17.31 6.90
CA GLU A 14 -6.27 16.95 8.26
C GLU A 14 -7.21 15.74 8.27
N GLN A 15 -8.13 15.72 7.32
CA GLN A 15 -9.09 14.63 7.20
C GLN A 15 -8.38 13.29 7.05
N MET A 16 -7.32 13.28 6.24
CA MET A 16 -6.55 12.06 6.01
C MET A 16 -6.16 11.41 7.32
N VAL A 17 -5.94 10.09 7.29
CA VAL A 17 -5.55 9.36 8.48
C VAL A 17 -4.39 8.41 8.18
N SER A 18 -3.48 8.29 9.14
CA SER A 18 -2.32 7.42 9.00
C SER A 18 -2.53 6.09 9.69
N GLU A 19 -2.46 5.00 8.91
CA GLU A 19 -2.65 3.67 9.46
C GLU A 19 -1.37 2.84 9.34
N ASP A 20 -1.24 1.84 10.19
CA ASP A 20 -0.06 0.97 10.18
C ASP A 20 -0.40 -0.39 9.58
N VAL A 21 0.24 -0.72 8.47
CA VAL A 21 0.00 -1.99 7.79
C VAL A 21 1.23 -2.89 7.90
N PRO A 22 1.05 -4.06 8.53
CA PRO A 22 2.13 -5.04 8.71
C PRO A 22 2.53 -5.70 7.40
N LEU A 23 3.64 -5.24 6.83
CA LEU A 23 4.15 -5.78 5.58
C LEU A 23 5.55 -6.35 5.75
N ASP A 24 5.76 -7.56 5.24
CA ASP A 24 7.06 -8.23 5.34
C ASP A 24 8.09 -7.52 4.45
N HIS A 25 9.35 -7.58 4.86
CA HIS A 25 10.43 -6.96 4.12
C HIS A 25 10.76 -7.76 2.86
N ARG A 26 10.26 -8.99 2.81
CA ARG A 26 10.50 -9.87 1.67
C ARG A 26 9.72 -9.41 0.45
N VAL A 27 8.49 -8.94 0.67
CA VAL A 27 7.65 -8.46 -0.42
C VAL A 27 7.77 -6.95 -0.59
N HIS A 28 8.51 -6.31 0.32
CA HIS A 28 8.71 -4.88 0.26
C HIS A 28 9.17 -4.44 -1.13
N ALA A 29 10.38 -4.82 -1.50
CA ALA A 29 10.93 -4.48 -2.80
C ALA A 29 10.03 -4.98 -3.93
N ARG A 30 9.59 -6.23 -3.81
CA ARG A 30 8.72 -6.83 -4.82
C ARG A 30 7.56 -5.91 -5.17
N ILE A 31 7.12 -5.13 -4.19
CA ILE A 31 6.02 -4.19 -4.40
C ILE A 31 6.54 -2.83 -4.84
N ILE A 32 7.49 -2.28 -4.09
CA ILE A 32 8.07 -0.99 -4.41
C ILE A 32 8.37 -0.86 -5.90
N GLY A 33 9.07 -1.86 -6.44
CA GLY A 33 9.41 -1.85 -7.85
C GLY A 33 10.76 -1.21 -8.12
N ALA A 34 11.61 -1.90 -8.87
CA ALA A 34 12.93 -1.41 -9.20
C ALA A 34 12.91 0.12 -9.39
N ARG A 35 12.15 0.56 -10.37
CA ARG A 35 12.03 1.98 -10.67
C ARG A 35 11.17 2.69 -9.62
N GLY A 36 10.26 1.95 -9.01
CA GLY A 36 9.39 2.51 -8.01
C GLY A 36 8.04 2.91 -8.57
N LYS A 37 7.66 2.29 -9.68
CA LYS A 37 6.38 2.58 -10.32
C LYS A 37 5.27 1.69 -9.77
N ALA A 38 5.60 0.43 -9.51
CA ALA A 38 4.63 -0.51 -8.96
C ALA A 38 3.95 0.05 -7.72
N ILE A 39 4.68 0.85 -6.95
CA ILE A 39 4.14 1.45 -5.74
C ILE A 39 3.35 2.71 -6.06
N ARG A 40 3.73 3.40 -7.13
CA ARG A 40 3.06 4.61 -7.54
C ARG A 40 1.61 4.33 -7.93
N LYS A 41 1.43 3.42 -8.88
CA LYS A 41 0.09 3.06 -9.34
C LYS A 41 -0.83 2.76 -8.17
N ILE A 42 -0.31 2.01 -7.19
CA ILE A 42 -1.09 1.65 -6.01
C ILE A 42 -1.55 2.89 -5.27
N MET A 43 -0.62 3.80 -4.99
CA MET A 43 -0.94 5.03 -4.28
C MET A 43 -2.07 5.77 -4.98
N ASP A 44 -1.89 6.08 -6.26
CA ASP A 44 -2.90 6.79 -7.03
C ASP A 44 -4.22 6.02 -7.04
N GLU A 45 -4.13 4.72 -7.30
CA GLU A 45 -5.32 3.87 -7.34
C GLU A 45 -6.31 4.26 -6.24
N PHE A 46 -5.79 4.43 -5.03
CA PHE A 46 -6.61 4.80 -3.89
C PHE A 46 -6.34 6.24 -3.45
N LYS A 47 -5.42 6.89 -4.15
CA LYS A 47 -5.05 8.27 -3.84
C LYS A 47 -4.50 8.38 -2.43
N VAL A 48 -3.62 7.45 -2.07
CA VAL A 48 -3.01 7.44 -0.74
C VAL A 48 -1.49 7.61 -0.82
N ASP A 49 -0.86 7.72 0.33
CA ASP A 49 0.59 7.89 0.38
C ASP A 49 1.24 6.79 1.24
N ILE A 50 1.77 5.78 0.57
CA ILE A 50 2.41 4.67 1.26
C ILE A 50 3.86 5.00 1.62
N ARG A 51 4.24 4.71 2.86
CA ARG A 51 5.59 4.99 3.33
C ARG A 51 6.24 3.72 3.89
N PHE A 52 7.37 3.34 3.31
CA PHE A 52 8.08 2.14 3.75
C PHE A 52 9.14 2.50 4.80
N PRO A 53 9.46 1.52 5.66
CA PRO A 53 10.45 1.71 6.73
C PRO A 53 11.87 1.82 6.18
N GLN A 54 12.47 2.99 6.36
CA GLN A 54 13.83 3.24 5.89
C GLN A 54 14.84 2.43 6.70
N SER A 55 16.12 2.61 6.38
CA SER A 55 17.18 1.88 7.07
C SER A 55 17.14 2.16 8.57
N GLY A 56 16.85 3.41 8.93
CA GLY A 56 16.79 3.79 10.33
C GLY A 56 15.37 3.80 10.85
N ALA A 57 14.61 2.75 10.55
CA ALA A 57 13.23 2.64 11.00
C ALA A 57 13.10 1.62 12.13
N PRO A 58 12.17 1.90 13.07
CA PRO A 58 11.94 1.02 14.21
C PRO A 58 11.26 -0.29 13.81
N ASP A 59 10.39 -0.22 12.81
CA ASP A 59 9.70 -1.41 12.33
C ASP A 59 9.94 -1.61 10.83
N PRO A 60 10.99 -2.38 10.49
CA PRO A 60 11.35 -2.67 9.11
C PRO A 60 10.34 -3.58 8.42
N ASN A 61 9.32 -3.99 9.16
CA ASN A 61 8.28 -4.86 8.62
C ASN A 61 6.92 -4.19 8.70
N CYS A 62 6.91 -2.88 8.94
CA CYS A 62 5.67 -2.12 9.02
C CYS A 62 5.71 -0.92 8.09
N VAL A 63 4.56 -0.57 7.54
CA VAL A 63 4.45 0.56 6.63
C VAL A 63 3.39 1.55 7.09
N THR A 64 3.61 2.82 6.80
CA THR A 64 2.67 3.87 7.19
C THR A 64 1.92 4.43 5.98
N VAL A 65 0.62 4.18 5.93
CA VAL A 65 -0.21 4.66 4.83
C VAL A 65 -1.08 5.83 5.26
N THR A 66 -1.01 6.92 4.49
CA THR A 66 -1.80 8.11 4.79
C THR A 66 -2.96 8.26 3.82
N GLY A 67 -4.01 8.95 4.26
CA GLY A 67 -5.18 9.17 3.42
C GLY A 67 -6.47 8.80 4.12
N LEU A 68 -7.59 9.25 3.56
CA LEU A 68 -8.89 8.97 4.14
C LEU A 68 -8.98 7.51 4.60
N PRO A 69 -9.80 7.27 5.63
CA PRO A 69 -10.00 5.92 6.19
C PRO A 69 -10.77 5.02 5.23
N GLU A 70 -11.36 5.60 4.19
CA GLU A 70 -12.12 4.85 3.21
C GLU A 70 -11.23 4.39 2.06
N ASN A 71 -10.20 5.18 1.78
CA ASN A 71 -9.28 4.87 0.69
C ASN A 71 -8.16 3.94 1.18
N VAL A 72 -7.67 4.21 2.39
CA VAL A 72 -6.61 3.40 2.98
C VAL A 72 -7.03 1.95 3.12
N GLU A 73 -8.16 1.72 3.79
CA GLU A 73 -8.67 0.37 3.99
C GLU A 73 -8.58 -0.44 2.71
N GLU A 74 -9.02 0.16 1.61
CA GLU A 74 -9.00 -0.52 0.32
C GLU A 74 -7.56 -0.77 -0.15
N ALA A 75 -6.70 0.22 0.08
CA ALA A 75 -5.29 0.11 -0.30
C ALA A 75 -4.63 -1.07 0.40
N ILE A 76 -4.87 -1.19 1.70
CA ILE A 76 -4.29 -2.27 2.49
C ILE A 76 -4.58 -3.63 1.86
N ASP A 77 -5.86 -3.94 1.69
CA ASP A 77 -6.27 -5.21 1.10
C ASP A 77 -5.44 -5.52 -0.14
N HIS A 78 -5.14 -4.49 -0.93
CA HIS A 78 -4.35 -4.66 -2.14
C HIS A 78 -2.90 -4.99 -1.80
N ILE A 79 -2.36 -4.30 -0.80
CA ILE A 79 -0.99 -4.52 -0.37
C ILE A 79 -0.78 -5.96 0.09
N LEU A 80 -1.58 -6.38 1.06
CA LEU A 80 -1.49 -7.75 1.60
C LEU A 80 -1.76 -8.78 0.52
N ASN A 81 -2.67 -8.44 -0.40
CA ASN A 81 -3.03 -9.35 -1.48
C ASN A 81 -1.78 -9.79 -2.25
N LEU A 82 -0.93 -8.82 -2.58
CA LEU A 82 0.30 -9.10 -3.31
C LEU A 82 1.34 -9.77 -2.40
N GLU A 83 1.33 -9.40 -1.13
CA GLU A 83 2.27 -9.96 -0.17
C GLU A 83 2.26 -11.49 -0.23
N GLU A 84 1.07 -12.07 -0.27
CA GLU A 84 0.93 -13.51 -0.34
C GLU A 84 1.35 -14.05 -1.70
N GLU A 85 0.97 -13.32 -2.75
CA GLU A 85 1.31 -13.72 -4.12
C GLU A 85 2.82 -13.85 -4.28
N TYR A 86 3.56 -12.91 -3.71
CA TYR A 86 5.01 -12.92 -3.80
C TYR A 86 5.61 -13.93 -2.82
N LEU A 87 5.13 -13.90 -1.58
CA LEU A 87 5.62 -14.82 -0.56
C LEU A 87 5.43 -16.26 -0.98
N ALA A 88 4.34 -16.54 -1.69
CA ALA A 88 4.05 -17.88 -2.16
C ALA A 88 5.29 -18.53 -2.79
N ASP A 89 6.09 -17.71 -3.47
CA ASP A 89 7.31 -18.20 -4.11
C ASP A 89 8.53 -17.90 -3.25
N SER A 90 8.51 -18.39 -2.01
CA SER A 90 9.62 -18.16 -1.09
C SER A 90 10.69 -19.24 -1.26
N GLY A 91 11.49 -19.13 -2.30
CA GLY A 91 12.54 -20.09 -2.55
C GLY A 91 13.80 -19.81 -1.75
N PRO A 92 14.94 -20.33 -2.23
CA PRO A 92 16.22 -20.14 -1.56
C PRO A 92 16.74 -18.70 -1.67
N SER A 93 15.92 -17.84 -2.27
CA SER A 93 16.29 -16.43 -2.43
C SER A 93 16.82 -15.86 -1.12
N SER A 94 18.12 -15.60 -1.08
CA SER A 94 18.76 -15.05 0.10
C SER A 94 20.03 -14.28 -0.27
N GLY A 95 20.54 -13.51 0.68
CA GLY A 95 21.74 -12.74 0.44
C GLY A 95 22.93 -13.25 1.21
N GLY A 1 -28.01 10.41 -16.54
CA GLY A 1 -28.40 11.76 -16.19
C GLY A 1 -28.23 12.04 -14.71
N SER A 2 -29.16 12.80 -14.13
CA SER A 2 -29.11 13.15 -12.72
C SER A 2 -28.63 11.96 -11.89
N SER A 3 -27.60 12.19 -11.08
CA SER A 3 -27.05 11.15 -10.23
C SER A 3 -26.71 11.68 -8.85
N GLY A 4 -26.69 10.80 -7.86
CA GLY A 4 -26.38 11.20 -6.50
C GLY A 4 -25.19 12.14 -6.43
N SER A 5 -24.01 11.56 -6.20
CA SER A 5 -22.78 12.36 -6.10
C SER A 5 -21.98 12.26 -7.39
N SER A 6 -20.97 13.13 -7.51
CA SER A 6 -20.12 13.15 -8.69
C SER A 6 -19.38 11.82 -8.85
N GLY A 7 -18.81 11.33 -7.75
CA GLY A 7 -18.08 10.08 -7.79
C GLY A 7 -16.98 10.01 -6.74
N ARG A 8 -15.78 9.65 -7.17
CA ARG A 8 -14.65 9.55 -6.24
C ARG A 8 -14.24 10.92 -5.72
N ILE A 9 -13.20 10.95 -4.91
CA ILE A 9 -12.71 12.20 -4.34
C ILE A 9 -11.29 12.04 -3.79
N VAL A 10 -10.78 13.10 -3.17
CA VAL A 10 -9.44 13.08 -2.61
C VAL A 10 -9.48 13.29 -1.10
N GLY A 11 -10.33 14.20 -0.65
CA GLY A 11 -10.45 14.47 0.77
C GLY A 11 -9.57 15.62 1.21
N GLU A 12 -9.59 15.91 2.51
CA GLU A 12 -8.78 16.99 3.06
C GLU A 12 -7.52 16.45 3.73
N LEU A 13 -6.44 17.21 3.64
CA LEU A 13 -5.17 16.81 4.24
C LEU A 13 -5.35 16.44 5.71
N GLU A 14 -5.64 17.44 6.53
CA GLU A 14 -5.84 17.22 7.96
C GLU A 14 -6.74 16.00 8.21
N GLN A 15 -7.77 15.87 7.38
CA GLN A 15 -8.71 14.76 7.50
C GLN A 15 -8.00 13.42 7.36
N MET A 16 -7.11 13.33 6.37
CA MET A 16 -6.36 12.11 6.11
C MET A 16 -5.89 11.48 7.43
N VAL A 17 -5.83 10.16 7.45
CA VAL A 17 -5.39 9.44 8.63
C VAL A 17 -4.23 8.49 8.33
N SER A 18 -3.26 8.44 9.23
CA SER A 18 -2.10 7.58 9.05
C SER A 18 -2.30 6.24 9.75
N GLU A 19 -2.34 5.17 8.96
CA GLU A 19 -2.52 3.83 9.50
C GLU A 19 -1.27 2.97 9.27
N ASP A 20 -1.12 1.93 10.07
CA ASP A 20 0.02 1.03 9.96
C ASP A 20 -0.40 -0.32 9.36
N VAL A 21 0.37 -0.78 8.38
CA VAL A 21 0.07 -2.06 7.73
C VAL A 21 1.25 -3.00 7.82
N PRO A 22 1.02 -4.20 8.38
CA PRO A 22 2.06 -5.21 8.54
C PRO A 22 2.49 -5.82 7.21
N LEU A 23 3.64 -5.38 6.71
CA LEU A 23 4.16 -5.88 5.44
C LEU A 23 5.53 -6.51 5.64
N ASP A 24 5.68 -7.76 5.19
CA ASP A 24 6.94 -8.47 5.31
C ASP A 24 7.99 -7.88 4.37
N HIS A 25 9.21 -7.76 4.88
CA HIS A 25 10.31 -7.20 4.09
C HIS A 25 10.61 -8.08 2.88
N ARG A 26 10.20 -9.34 2.96
CA ARG A 26 10.42 -10.29 1.86
C ARG A 26 9.59 -9.91 0.64
N VAL A 27 8.60 -9.06 0.85
CA VAL A 27 7.73 -8.62 -0.24
C VAL A 27 7.87 -7.12 -0.47
N HIS A 28 8.43 -6.42 0.50
CA HIS A 28 8.63 -4.98 0.41
C HIS A 28 9.08 -4.59 -1.00
N ALA A 29 10.31 -4.99 -1.35
CA ALA A 29 10.86 -4.69 -2.66
C ALA A 29 9.94 -5.18 -3.77
N ARG A 30 9.47 -6.41 -3.64
CA ARG A 30 8.58 -7.00 -4.64
C ARG A 30 7.44 -6.05 -4.99
N ILE A 31 7.04 -5.24 -4.02
CA ILE A 31 5.96 -4.27 -4.23
C ILE A 31 6.51 -2.92 -4.67
N ILE A 32 7.47 -2.40 -3.92
CA ILE A 32 8.08 -1.12 -4.24
C ILE A 32 8.37 -0.99 -5.73
N GLY A 33 9.07 -1.99 -6.27
CA GLY A 33 9.39 -1.99 -7.68
C GLY A 33 10.77 -1.41 -7.96
N ALA A 34 11.60 -2.18 -8.65
CA ALA A 34 12.95 -1.75 -8.99
C ALA A 34 13.00 -0.25 -9.21
N ARG A 35 12.18 0.23 -10.15
CA ARG A 35 12.13 1.65 -10.48
C ARG A 35 11.28 2.40 -9.47
N GLY A 36 10.35 1.71 -8.84
CA GLY A 36 9.48 2.33 -7.86
C GLY A 36 8.16 2.78 -8.45
N LYS A 37 7.78 2.17 -9.57
CA LYS A 37 6.53 2.52 -10.24
C LYS A 37 5.38 1.66 -9.73
N ALA A 38 5.69 0.42 -9.36
CA ALA A 38 4.69 -0.50 -8.85
C ALA A 38 3.97 0.07 -7.64
N ILE A 39 4.71 0.82 -6.82
CA ILE A 39 4.14 1.43 -5.63
C ILE A 39 3.46 2.74 -5.96
N ARG A 40 3.87 3.36 -7.07
CA ARG A 40 3.29 4.63 -7.50
C ARG A 40 1.84 4.45 -7.93
N LYS A 41 1.61 3.45 -8.78
CA LYS A 41 0.27 3.17 -9.28
C LYS A 41 -0.69 2.87 -8.14
N ILE A 42 -0.24 2.05 -7.19
CA ILE A 42 -1.06 1.69 -6.04
C ILE A 42 -1.49 2.93 -5.26
N MET A 43 -0.57 3.88 -5.10
CA MET A 43 -0.86 5.11 -4.39
C MET A 43 -1.89 5.95 -5.12
N ASP A 44 -1.61 6.25 -6.39
CA ASP A 44 -2.53 7.03 -7.21
C ASP A 44 -3.88 6.34 -7.33
N GLU A 45 -3.86 5.02 -7.43
CA GLU A 45 -5.09 4.24 -7.55
C GLU A 45 -6.11 4.66 -6.50
N PHE A 46 -5.71 4.63 -5.23
CA PHE A 46 -6.58 5.00 -4.14
C PHE A 46 -6.27 6.42 -3.65
N LYS A 47 -5.34 7.08 -4.34
CA LYS A 47 -4.95 8.43 -3.98
C LYS A 47 -4.40 8.49 -2.56
N VAL A 48 -3.56 7.51 -2.22
CA VAL A 48 -2.96 7.44 -0.90
C VAL A 48 -1.44 7.52 -0.98
N ASP A 49 -0.81 7.76 0.17
CA ASP A 49 0.64 7.86 0.22
C ASP A 49 1.23 6.80 1.16
N ILE A 50 1.78 5.74 0.56
CA ILE A 50 2.36 4.65 1.34
C ILE A 50 3.81 4.97 1.72
N ARG A 51 4.11 4.87 3.00
CA ARG A 51 5.46 5.14 3.50
C ARG A 51 6.11 3.87 4.02
N PHE A 52 7.20 3.46 3.38
CA PHE A 52 7.91 2.26 3.78
C PHE A 52 8.96 2.58 4.84
N PRO A 53 9.25 1.59 5.71
CA PRO A 53 10.23 1.75 6.79
C PRO A 53 11.65 1.84 6.27
N GLN A 54 12.23 3.03 6.34
CA GLN A 54 13.59 3.25 5.87
C GLN A 54 14.59 2.52 6.75
N SER A 55 15.87 2.71 6.47
CA SER A 55 16.93 2.07 7.24
C SER A 55 16.77 2.35 8.73
N GLY A 56 16.67 3.63 9.08
CA GLY A 56 16.51 4.02 10.46
C GLY A 56 15.07 3.98 10.92
N ALA A 57 14.35 2.95 10.49
CA ALA A 57 12.94 2.80 10.85
C ALA A 57 12.79 1.84 12.04
N PRO A 58 11.83 2.15 12.91
CA PRO A 58 11.55 1.33 14.11
C PRO A 58 10.95 -0.02 13.75
N ASP A 59 10.21 -0.07 12.64
CA ASP A 59 9.59 -1.31 12.19
C ASP A 59 9.86 -1.55 10.71
N PRO A 60 10.92 -2.31 10.43
CA PRO A 60 11.32 -2.64 9.05
C PRO A 60 10.33 -3.58 8.38
N ASN A 61 9.30 -3.99 9.11
CA ASN A 61 8.29 -4.89 8.59
C ASN A 61 6.90 -4.26 8.64
N CYS A 62 6.87 -2.95 8.91
CA CYS A 62 5.61 -2.22 8.99
C CYS A 62 5.64 -0.98 8.10
N VAL A 63 4.51 -0.68 7.46
CA VAL A 63 4.41 0.48 6.59
C VAL A 63 3.35 1.46 7.09
N THR A 64 3.51 2.73 6.72
CA THR A 64 2.57 3.77 7.14
C THR A 64 1.79 4.31 5.94
N VAL A 65 0.55 3.88 5.79
CA VAL A 65 -0.28 4.34 4.68
C VAL A 65 -1.07 5.58 5.07
N THR A 66 -0.89 6.65 4.30
CA THR A 66 -1.59 7.90 4.55
C THR A 66 -2.83 8.04 3.68
N GLY A 67 -3.83 8.75 4.19
CA GLY A 67 -5.06 8.95 3.44
C GLY A 67 -6.30 8.70 4.27
N LEU A 68 -7.46 9.04 3.71
CA LEU A 68 -8.72 8.85 4.42
C LEU A 68 -8.88 7.41 4.89
N PRO A 69 -9.68 7.21 5.95
CA PRO A 69 -9.93 5.88 6.51
C PRO A 69 -10.77 5.01 5.59
N GLU A 70 -11.39 5.63 4.59
CA GLU A 70 -12.23 4.91 3.65
C GLU A 70 -11.41 4.45 2.45
N ASN A 71 -10.36 5.20 2.11
CA ASN A 71 -9.49 4.86 0.99
C ASN A 71 -8.37 3.93 1.44
N VAL A 72 -7.73 4.28 2.55
CA VAL A 72 -6.63 3.48 3.08
C VAL A 72 -7.05 2.02 3.22
N GLU A 73 -8.06 1.76 4.03
CA GLU A 73 -8.55 0.40 4.24
C GLU A 73 -8.49 -0.40 2.94
N GLU A 74 -8.92 0.20 1.85
CA GLU A 74 -8.92 -0.46 0.55
C GLU A 74 -7.49 -0.73 0.09
N ALA A 75 -6.66 0.31 0.11
CA ALA A 75 -5.28 0.18 -0.30
C ALA A 75 -4.60 -1.01 0.36
N ILE A 76 -4.75 -1.11 1.68
CA ILE A 76 -4.16 -2.21 2.44
C ILE A 76 -4.52 -3.56 1.83
N ASP A 77 -5.82 -3.76 1.58
CA ASP A 77 -6.29 -5.01 1.00
C ASP A 77 -5.50 -5.36 -0.25
N HIS A 78 -5.20 -4.36 -1.06
CA HIS A 78 -4.44 -4.57 -2.29
C HIS A 78 -2.98 -4.88 -1.98
N ILE A 79 -2.46 -4.26 -0.92
CA ILE A 79 -1.08 -4.47 -0.52
C ILE A 79 -0.85 -5.90 -0.04
N LEU A 80 -1.62 -6.30 0.97
CA LEU A 80 -1.50 -7.64 1.52
C LEU A 80 -1.76 -8.70 0.44
N ASN A 81 -2.66 -8.39 -0.47
CA ASN A 81 -3.00 -9.30 -1.56
C ASN A 81 -1.74 -9.73 -2.32
N LEU A 82 -0.89 -8.77 -2.62
CA LEU A 82 0.35 -9.03 -3.35
C LEU A 82 1.38 -9.67 -2.43
N GLU A 83 1.33 -9.32 -1.15
CA GLU A 83 2.26 -9.86 -0.17
C GLU A 83 2.31 -11.38 -0.24
N GLU A 84 1.14 -12.01 -0.15
CA GLU A 84 1.06 -13.46 -0.20
C GLU A 84 1.45 -13.98 -1.59
N GLU A 85 0.93 -13.33 -2.62
CA GLU A 85 1.22 -13.73 -4.00
C GLU A 85 2.72 -13.86 -4.22
N TYR A 86 3.48 -12.94 -3.62
CA TYR A 86 4.93 -12.95 -3.76
C TYR A 86 5.56 -14.01 -2.86
N LEU A 87 5.13 -14.05 -1.60
CA LEU A 87 5.65 -15.02 -0.65
C LEU A 87 5.58 -16.43 -1.21
N ALA A 88 4.47 -16.74 -1.87
CA ALA A 88 4.28 -18.06 -2.46
C ALA A 88 5.55 -18.54 -3.15
N ASP A 89 6.25 -17.61 -3.80
CA ASP A 89 7.48 -17.94 -4.51
C ASP A 89 8.63 -17.05 -4.04
N SER A 90 8.70 -16.81 -2.73
CA SER A 90 9.74 -15.96 -2.16
C SER A 90 9.94 -16.29 -0.69
N GLY A 91 11.11 -16.86 -0.37
CA GLY A 91 11.42 -17.20 1.00
C GLY A 91 12.46 -18.29 1.11
N PRO A 92 13.10 -18.40 2.28
CA PRO A 92 14.13 -19.41 2.53
C PRO A 92 13.55 -20.81 2.62
N SER A 93 14.26 -21.78 2.02
CA SER A 93 13.81 -23.17 2.03
C SER A 93 15.00 -24.11 1.90
N SER A 94 14.78 -25.38 2.26
CA SER A 94 15.83 -26.38 2.19
C SER A 94 16.63 -26.24 0.90
N GLY A 95 17.95 -26.31 1.01
CA GLY A 95 18.81 -26.18 -0.15
C GLY A 95 19.82 -25.07 -0.01
N GLY A 1 -33.98 6.08 -1.49
CA GLY A 1 -33.78 7.50 -1.77
C GLY A 1 -32.37 7.95 -1.48
N SER A 2 -31.39 7.28 -2.08
CA SER A 2 -29.99 7.63 -1.88
C SER A 2 -29.67 8.99 -2.50
N SER A 3 -29.66 10.02 -1.66
CA SER A 3 -29.36 11.37 -2.11
C SER A 3 -27.89 11.52 -2.47
N GLY A 4 -27.52 12.70 -2.94
CA GLY A 4 -26.14 12.96 -3.30
C GLY A 4 -25.87 12.67 -4.77
N SER A 5 -24.59 12.67 -5.15
CA SER A 5 -24.20 12.41 -6.53
C SER A 5 -22.97 11.52 -6.59
N SER A 6 -22.86 10.74 -7.66
CA SER A 6 -21.73 9.84 -7.84
C SER A 6 -20.46 10.61 -8.14
N GLY A 7 -19.31 9.94 -8.01
CA GLY A 7 -18.03 10.58 -8.27
C GLY A 7 -17.04 10.38 -7.15
N ARG A 8 -15.81 10.06 -7.50
CA ARG A 8 -14.76 9.84 -6.52
C ARG A 8 -13.98 11.12 -6.25
N ILE A 9 -13.21 11.13 -5.17
CA ILE A 9 -12.42 12.29 -4.80
C ILE A 9 -11.25 11.90 -3.88
N VAL A 10 -10.37 12.86 -3.62
CA VAL A 10 -9.21 12.62 -2.76
C VAL A 10 -9.56 12.88 -1.30
N GLY A 11 -10.35 13.92 -1.05
CA GLY A 11 -10.73 14.26 0.30
C GLY A 11 -9.97 15.45 0.84
N GLU A 12 -9.92 15.56 2.17
CA GLU A 12 -9.21 16.67 2.82
C GLU A 12 -7.88 16.19 3.37
N LEU A 13 -6.91 17.10 3.45
CA LEU A 13 -5.59 16.77 3.97
C LEU A 13 -5.65 16.47 5.46
N GLU A 14 -6.09 17.45 6.24
CA GLU A 14 -6.21 17.29 7.67
C GLU A 14 -7.13 16.14 8.03
N GLN A 15 -8.03 15.80 7.10
CA GLN A 15 -8.97 14.71 7.31
C GLN A 15 -8.28 13.36 7.19
N MET A 16 -7.24 13.29 6.37
CA MET A 16 -6.50 12.06 6.17
C MET A 16 -6.06 11.46 7.51
N VAL A 17 -5.84 10.15 7.53
CA VAL A 17 -5.42 9.46 8.74
C VAL A 17 -4.26 8.51 8.45
N SER A 18 -3.25 8.54 9.31
CA SER A 18 -2.09 7.68 9.16
C SER A 18 -2.30 6.34 9.86
N GLU A 19 -2.13 5.26 9.12
CA GLU A 19 -2.30 3.92 9.67
C GLU A 19 -1.07 3.06 9.42
N ASP A 20 -0.92 1.99 10.19
CA ASP A 20 0.21 1.08 10.06
C ASP A 20 -0.23 -0.26 9.50
N VAL A 21 0.44 -0.70 8.43
CA VAL A 21 0.12 -1.97 7.80
C VAL A 21 1.30 -2.92 7.85
N PRO A 22 1.09 -4.10 8.45
CA PRO A 22 2.14 -5.13 8.58
C PRO A 22 2.48 -5.76 7.23
N LEU A 23 3.60 -5.32 6.65
CA LEU A 23 4.05 -5.84 5.37
C LEU A 23 5.40 -6.54 5.51
N ASP A 24 5.46 -7.80 5.10
CA ASP A 24 6.69 -8.57 5.18
C ASP A 24 7.79 -7.94 4.32
N HIS A 25 8.96 -7.74 4.91
CA HIS A 25 10.08 -7.14 4.19
C HIS A 25 10.46 -7.98 2.98
N ARG A 26 9.93 -9.19 2.91
CA ARG A 26 10.21 -10.10 1.80
C ARG A 26 9.38 -9.73 0.58
N VAL A 27 8.43 -8.82 0.77
CA VAL A 27 7.56 -8.38 -0.32
C VAL A 27 7.73 -6.89 -0.59
N HIS A 28 8.38 -6.20 0.35
CA HIS A 28 8.61 -4.76 0.22
C HIS A 28 9.15 -4.43 -1.17
N ALA A 29 10.38 -4.87 -1.44
CA ALA A 29 11.01 -4.61 -2.73
C ALA A 29 10.10 -5.01 -3.88
N ARG A 30 9.61 -6.25 -3.86
CA ARG A 30 8.73 -6.74 -4.89
C ARG A 30 7.59 -5.76 -5.17
N ILE A 31 7.19 -5.03 -4.13
CA ILE A 31 6.12 -4.05 -4.25
C ILE A 31 6.66 -2.70 -4.70
N ILE A 32 7.84 -2.34 -4.20
CA ILE A 32 8.47 -1.08 -4.54
C ILE A 32 8.81 -1.01 -6.02
N GLY A 33 9.31 -2.12 -6.55
CA GLY A 33 9.67 -2.18 -7.96
C GLY A 33 11.10 -1.77 -8.21
N ALA A 34 11.33 -1.09 -9.34
CA ALA A 34 12.67 -0.64 -9.69
C ALA A 34 12.89 0.80 -9.26
N ARG A 35 12.14 1.72 -9.89
CA ARG A 35 12.26 3.14 -9.58
C ARG A 35 11.07 3.61 -8.75
N GLY A 36 10.34 2.66 -8.18
CA GLY A 36 9.18 3.00 -7.36
C GLY A 36 7.94 3.25 -8.20
N LYS A 37 7.79 2.49 -9.28
CA LYS A 37 6.64 2.64 -10.17
C LYS A 37 5.52 1.69 -9.76
N ALA A 38 5.85 0.41 -9.60
CA ALA A 38 4.88 -0.60 -9.22
C ALA A 38 4.13 -0.18 -7.95
N ILE A 39 4.81 0.57 -7.09
CA ILE A 39 4.20 1.04 -5.85
C ILE A 39 3.43 2.34 -6.07
N ARG A 40 3.87 3.13 -7.05
CA ARG A 40 3.22 4.39 -7.36
C ARG A 40 1.78 4.16 -7.80
N LYS A 41 1.61 3.34 -8.83
CA LYS A 41 0.28 3.04 -9.36
C LYS A 41 -0.70 2.74 -8.22
N ILE A 42 -0.20 2.06 -7.20
CA ILE A 42 -1.02 1.70 -6.05
C ILE A 42 -1.41 2.94 -5.24
N MET A 43 -0.48 3.89 -5.15
CA MET A 43 -0.73 5.12 -4.41
C MET A 43 -1.80 5.96 -5.09
N ASP A 44 -1.61 6.25 -6.37
CA ASP A 44 -2.57 7.04 -7.13
C ASP A 44 -3.90 6.31 -7.26
N GLU A 45 -3.85 4.98 -7.19
CA GLU A 45 -5.06 4.16 -7.30
C GLU A 45 -6.11 4.60 -6.28
N PHE A 46 -5.69 4.74 -5.03
CA PHE A 46 -6.59 5.15 -3.96
C PHE A 46 -6.20 6.52 -3.41
N LYS A 47 -5.24 7.15 -4.05
CA LYS A 47 -4.76 8.46 -3.63
C LYS A 47 -4.18 8.40 -2.22
N VAL A 48 -3.39 7.37 -1.96
CA VAL A 48 -2.77 7.19 -0.65
C VAL A 48 -1.26 7.30 -0.74
N ASP A 49 -0.62 7.62 0.38
CA ASP A 49 0.84 7.75 0.43
C ASP A 49 1.46 6.63 1.26
N ILE A 50 2.19 5.75 0.59
CA ILE A 50 2.83 4.63 1.26
C ILE A 50 4.28 4.96 1.63
N ARG A 51 4.64 4.72 2.88
CA ARG A 51 5.99 4.99 3.35
C ARG A 51 6.62 3.74 3.96
N PHE A 52 7.64 3.22 3.29
CA PHE A 52 8.34 2.02 3.76
C PHE A 52 9.32 2.38 4.87
N PRO A 53 9.60 1.38 5.74
CA PRO A 53 10.53 1.55 6.85
C PRO A 53 11.98 1.69 6.40
N GLN A 54 12.61 2.80 6.77
CA GLN A 54 13.99 3.06 6.39
C GLN A 54 14.94 2.13 7.16
N SER A 55 16.22 2.19 6.81
CA SER A 55 17.22 1.36 7.45
C SER A 55 17.30 1.67 8.95
N GLY A 56 16.72 2.79 9.35
CA GLY A 56 16.74 3.19 10.75
C GLY A 56 15.37 3.09 11.39
N ALA A 57 14.39 2.64 10.61
CA ALA A 57 13.02 2.50 11.12
C ALA A 57 12.94 1.40 12.17
N PRO A 58 12.03 1.58 13.13
CA PRO A 58 11.82 0.62 14.22
C PRO A 58 11.19 -0.67 13.73
N ASP A 59 10.19 -0.55 12.86
CA ASP A 59 9.50 -1.70 12.32
C ASP A 59 9.80 -1.87 10.83
N PRO A 60 10.86 -2.63 10.53
CA PRO A 60 11.28 -2.88 9.15
C PRO A 60 10.29 -3.78 8.40
N ASN A 61 9.21 -4.14 9.06
CA ASN A 61 8.18 -4.99 8.46
C ASN A 61 6.82 -4.30 8.46
N CYS A 62 6.82 -3.01 8.77
CA CYS A 62 5.59 -2.24 8.81
C CYS A 62 5.69 -1.01 7.91
N VAL A 63 4.57 -0.64 7.30
CA VAL A 63 4.53 0.52 6.41
C VAL A 63 3.46 1.52 6.84
N THR A 64 3.77 2.80 6.72
CA THR A 64 2.84 3.85 7.10
C THR A 64 2.04 4.34 5.90
N VAL A 65 0.75 3.99 5.87
CA VAL A 65 -0.12 4.40 4.78
C VAL A 65 -1.01 5.57 5.19
N THR A 66 -0.93 6.65 4.43
CA THR A 66 -1.72 7.85 4.70
C THR A 66 -2.93 7.94 3.78
N GLY A 67 -3.91 8.76 4.18
CA GLY A 67 -5.10 8.91 3.38
C GLY A 67 -6.37 8.68 4.18
N LEU A 68 -7.50 9.11 3.64
CA LEU A 68 -8.79 8.94 4.32
C LEU A 68 -8.94 7.53 4.85
N PRO A 69 -9.77 7.37 5.90
CA PRO A 69 -10.03 6.07 6.52
C PRO A 69 -10.83 5.14 5.62
N GLU A 70 -11.45 5.71 4.59
CA GLU A 70 -12.25 4.92 3.65
C GLU A 70 -11.39 4.47 2.47
N ASN A 71 -10.38 5.25 2.14
CA ASN A 71 -9.50 4.92 1.02
C ASN A 71 -8.34 4.04 1.49
N VAL A 72 -7.83 4.32 2.68
CA VAL A 72 -6.73 3.55 3.24
C VAL A 72 -7.09 2.08 3.38
N GLU A 73 -8.27 1.82 3.96
CA GLU A 73 -8.74 0.46 4.15
C GLU A 73 -8.70 -0.32 2.83
N GLU A 74 -9.16 0.32 1.76
CA GLU A 74 -9.18 -0.31 0.45
C GLU A 74 -7.76 -0.53 -0.07
N ALA A 75 -6.86 0.37 0.30
CA ALA A 75 -5.47 0.28 -0.14
C ALA A 75 -4.76 -0.90 0.54
N ILE A 76 -4.95 -1.02 1.84
CA ILE A 76 -4.33 -2.10 2.60
C ILE A 76 -4.67 -3.46 2.00
N ASP A 77 -5.96 -3.73 1.89
CA ASP A 77 -6.43 -5.00 1.33
C ASP A 77 -5.67 -5.35 0.06
N HIS A 78 -5.39 -4.33 -0.76
CA HIS A 78 -4.66 -4.53 -2.00
C HIS A 78 -3.19 -4.82 -1.74
N ILE A 79 -2.63 -4.13 -0.75
CA ILE A 79 -1.23 -4.31 -0.39
C ILE A 79 -0.95 -5.74 0.06
N LEU A 80 -1.66 -6.18 1.09
CA LEU A 80 -1.49 -7.54 1.61
C LEU A 80 -1.78 -8.58 0.53
N ASN A 81 -2.69 -8.24 -0.37
CA ASN A 81 -3.05 -9.15 -1.46
C ASN A 81 -1.83 -9.54 -2.27
N LEU A 82 -0.99 -8.55 -2.60
CA LEU A 82 0.21 -8.79 -3.37
C LEU A 82 1.30 -9.43 -2.51
N GLU A 83 1.24 -9.17 -1.21
CA GLU A 83 2.22 -9.72 -0.27
C GLU A 83 2.17 -11.24 -0.27
N GLU A 84 0.96 -11.78 -0.23
CA GLU A 84 0.78 -13.24 -0.23
C GLU A 84 1.22 -13.84 -1.55
N GLU A 85 0.79 -13.23 -2.65
CA GLU A 85 1.13 -13.72 -3.98
C GLU A 85 2.65 -13.73 -4.17
N TYR A 86 3.31 -12.71 -3.64
CA TYR A 86 4.76 -12.60 -3.76
C TYR A 86 5.46 -13.67 -2.93
N LEU A 87 5.20 -13.65 -1.63
CA LEU A 87 5.80 -14.62 -0.72
C LEU A 87 5.62 -16.04 -1.23
N ALA A 88 4.41 -16.35 -1.70
CA ALA A 88 4.11 -17.67 -2.22
C ALA A 88 5.23 -18.17 -3.13
N ASP A 89 5.81 -17.26 -3.90
CA ASP A 89 6.89 -17.61 -4.81
C ASP A 89 8.24 -17.19 -4.23
N SER A 90 8.65 -17.85 -3.15
CA SER A 90 9.92 -17.54 -2.49
C SER A 90 10.81 -18.78 -2.45
N GLY A 91 11.92 -18.73 -3.17
CA GLY A 91 12.83 -19.85 -3.20
C GLY A 91 12.18 -21.13 -3.67
N PRO A 92 12.79 -22.28 -3.32
CA PRO A 92 12.28 -23.60 -3.71
C PRO A 92 10.98 -23.95 -2.97
N SER A 93 9.98 -24.35 -3.73
CA SER A 93 8.69 -24.73 -3.15
C SER A 93 8.44 -26.22 -3.27
N SER A 94 8.66 -26.76 -4.47
CA SER A 94 8.47 -28.18 -4.72
C SER A 94 9.65 -28.99 -4.23
N GLY A 95 9.54 -29.51 -3.01
CA GLY A 95 10.62 -30.30 -2.44
C GLY A 95 10.40 -30.62 -0.98
N GLY A 1 -33.22 0.83 -14.69
CA GLY A 1 -33.17 2.27 -14.64
C GLY A 1 -32.31 2.78 -13.50
N SER A 2 -31.16 2.15 -13.29
CA SER A 2 -30.26 2.54 -12.21
C SER A 2 -29.97 4.04 -12.26
N SER A 3 -29.95 4.66 -11.09
CA SER A 3 -29.69 6.10 -11.00
C SER A 3 -28.70 6.40 -9.88
N GLY A 4 -27.59 7.04 -10.24
CA GLY A 4 -26.58 7.37 -9.26
C GLY A 4 -25.17 7.14 -9.78
N SER A 5 -24.48 8.23 -10.13
CA SER A 5 -23.13 8.14 -10.65
C SER A 5 -22.14 8.89 -9.75
N SER A 6 -21.75 8.25 -8.65
CA SER A 6 -20.82 8.85 -7.70
C SER A 6 -19.52 9.25 -8.40
N GLY A 7 -18.73 10.09 -7.72
CA GLY A 7 -17.47 10.52 -8.29
C GLY A 7 -16.33 10.44 -7.29
N ARG A 8 -15.13 10.21 -7.81
CA ARG A 8 -13.95 10.10 -6.95
C ARG A 8 -13.65 11.42 -6.25
N ILE A 9 -12.79 11.37 -5.25
CA ILE A 9 -12.42 12.58 -4.50
C ILE A 9 -11.02 12.44 -3.91
N VAL A 10 -10.61 13.46 -3.14
CA VAL A 10 -9.30 13.45 -2.50
C VAL A 10 -9.41 13.67 -1.00
N GLY A 11 -10.18 14.69 -0.62
CA GLY A 11 -10.37 14.99 0.78
C GLY A 11 -9.41 16.06 1.27
N GLU A 12 -9.49 16.38 2.57
CA GLU A 12 -8.62 17.39 3.15
C GLU A 12 -7.39 16.76 3.80
N LEU A 13 -6.29 17.50 3.82
CA LEU A 13 -5.06 17.00 4.41
C LEU A 13 -5.28 16.52 5.85
N GLU A 14 -5.91 17.38 6.65
CA GLU A 14 -6.19 17.04 8.04
C GLU A 14 -7.15 15.87 8.14
N GLN A 15 -8.11 15.80 7.21
CA GLN A 15 -9.08 14.72 7.19
C GLN A 15 -8.40 13.37 7.09
N MET A 16 -7.37 13.29 6.25
CA MET A 16 -6.63 12.05 6.06
C MET A 16 -6.23 11.45 7.40
N VAL A 17 -5.92 10.16 7.40
CA VAL A 17 -5.52 9.46 8.62
C VAL A 17 -4.37 8.50 8.35
N SER A 18 -3.34 8.57 9.19
CA SER A 18 -2.17 7.72 9.04
C SER A 18 -2.39 6.37 9.74
N GLU A 19 -2.24 5.29 8.98
CA GLU A 19 -2.42 3.95 9.52
C GLU A 19 -1.19 3.08 9.25
N ASP A 20 -1.04 2.02 10.04
CA ASP A 20 0.09 1.11 9.89
C ASP A 20 -0.36 -0.23 9.32
N VAL A 21 0.41 -0.74 8.36
CA VAL A 21 0.08 -2.02 7.73
C VAL A 21 1.27 -2.97 7.78
N PRO A 22 1.07 -4.13 8.45
CA PRO A 22 2.13 -5.14 8.59
C PRO A 22 2.43 -5.84 7.27
N LEU A 23 3.53 -5.45 6.63
CA LEU A 23 3.94 -6.04 5.36
C LEU A 23 5.31 -6.70 5.48
N ASP A 24 5.37 -7.98 5.13
CA ASP A 24 6.63 -8.72 5.20
C ASP A 24 7.70 -8.04 4.34
N HIS A 25 8.85 -7.75 4.97
CA HIS A 25 9.94 -7.10 4.28
C HIS A 25 10.45 -7.97 3.13
N ARG A 26 10.07 -9.25 3.14
CA ARG A 26 10.48 -10.18 2.10
C ARG A 26 9.82 -9.84 0.78
N VAL A 27 8.75 -9.06 0.83
CA VAL A 27 8.02 -8.65 -0.36
C VAL A 27 8.05 -7.14 -0.55
N HIS A 28 8.55 -6.44 0.46
CA HIS A 28 8.64 -4.99 0.41
C HIS A 28 9.20 -4.53 -0.93
N ALA A 29 10.47 -4.82 -1.17
CA ALA A 29 11.12 -4.43 -2.41
C ALA A 29 10.32 -4.91 -3.62
N ARG A 30 9.99 -6.19 -3.65
CA ARG A 30 9.22 -6.76 -4.75
C ARG A 30 8.09 -5.83 -5.17
N ILE A 31 7.38 -5.29 -4.17
CA ILE A 31 6.27 -4.38 -4.44
C ILE A 31 6.78 -3.01 -4.86
N ILE A 32 7.65 -2.44 -4.05
CA ILE A 32 8.22 -1.12 -4.35
C ILE A 32 8.56 -0.99 -5.83
N GLY A 33 9.32 -1.95 -6.34
CA GLY A 33 9.71 -1.92 -7.74
C GLY A 33 11.03 -1.22 -7.96
N ALA A 34 11.92 -1.86 -8.72
CA ALA A 34 13.24 -1.29 -9.01
C ALA A 34 13.14 0.22 -9.24
N ARG A 35 12.37 0.61 -10.25
CA ARG A 35 12.19 2.02 -10.58
C ARG A 35 11.31 2.71 -9.55
N GLY A 36 10.48 1.93 -8.87
CA GLY A 36 9.59 2.49 -7.86
C GLY A 36 8.25 2.91 -8.44
N LYS A 37 7.88 2.30 -9.56
CA LYS A 37 6.61 2.63 -10.22
C LYS A 37 5.50 1.69 -9.76
N ALA A 38 5.88 0.46 -9.41
CA ALA A 38 4.92 -0.52 -8.95
C ALA A 38 4.16 -0.03 -7.73
N ILE A 39 4.84 0.75 -6.89
CA ILE A 39 4.21 1.30 -5.69
C ILE A 39 3.49 2.61 -5.99
N ARG A 40 3.90 3.28 -7.06
CA ARG A 40 3.29 4.54 -7.46
C ARG A 40 1.87 4.33 -7.92
N LYS A 41 1.67 3.36 -8.82
CA LYS A 41 0.35 3.05 -9.35
C LYS A 41 -0.65 2.81 -8.22
N ILE A 42 -0.21 2.08 -7.20
CA ILE A 42 -1.06 1.78 -6.06
C ILE A 42 -1.47 3.05 -5.32
N MET A 43 -0.49 3.90 -5.03
CA MET A 43 -0.75 5.16 -4.34
C MET A 43 -1.79 5.98 -5.08
N ASP A 44 -1.60 6.13 -6.39
CA ASP A 44 -2.53 6.90 -7.21
C ASP A 44 -3.89 6.21 -7.29
N GLU A 45 -3.87 4.88 -7.30
CA GLU A 45 -5.10 4.11 -7.37
C GLU A 45 -6.09 4.53 -6.29
N PHE A 46 -5.66 4.43 -5.03
CA PHE A 46 -6.50 4.80 -3.91
C PHE A 46 -6.18 6.22 -3.43
N LYS A 47 -5.35 6.92 -4.21
CA LYS A 47 -4.96 8.28 -3.87
C LYS A 47 -4.40 8.36 -2.45
N VAL A 48 -3.57 7.39 -2.11
CA VAL A 48 -2.96 7.34 -0.78
C VAL A 48 -1.44 7.54 -0.87
N ASP A 49 -0.81 7.61 0.30
CA ASP A 49 0.64 7.79 0.35
C ASP A 49 1.29 6.70 1.19
N ILE A 50 1.82 5.68 0.53
CA ILE A 50 2.47 4.57 1.22
C ILE A 50 3.92 4.92 1.55
N ARG A 51 4.30 4.67 2.81
CA ARG A 51 5.66 4.95 3.26
C ARG A 51 6.31 3.70 3.84
N PHE A 52 7.44 3.30 3.26
CA PHE A 52 8.16 2.12 3.71
C PHE A 52 9.15 2.47 4.82
N PRO A 53 9.48 1.49 5.66
CA PRO A 53 10.41 1.67 6.77
C PRO A 53 11.85 1.87 6.30
N GLN A 54 12.40 3.04 6.58
CA GLN A 54 13.77 3.35 6.18
C GLN A 54 14.78 2.62 7.05
N SER A 55 16.05 2.82 6.76
CA SER A 55 17.13 2.17 7.52
C SER A 55 17.06 2.57 9.00
N GLY A 56 16.34 3.66 9.28
CA GLY A 56 16.22 4.13 10.65
C GLY A 56 14.82 3.92 11.20
N ALA A 57 14.05 3.05 10.56
CA ALA A 57 12.69 2.77 11.00
C ALA A 57 12.68 1.65 12.05
N PRO A 58 11.77 1.77 13.03
CA PRO A 58 11.62 0.79 14.10
C PRO A 58 11.05 -0.53 13.61
N ASP A 59 10.11 -0.44 12.67
CA ASP A 59 9.48 -1.64 12.11
C ASP A 59 9.81 -1.79 10.63
N PRO A 60 10.88 -2.53 10.34
CA PRO A 60 11.33 -2.76 8.96
C PRO A 60 10.38 -3.66 8.19
N ASN A 61 9.35 -4.15 8.86
CA ASN A 61 8.36 -5.02 8.24
C ASN A 61 6.97 -4.40 8.29
N CYS A 62 6.93 -3.10 8.58
CA CYS A 62 5.66 -2.38 8.65
C CYS A 62 5.71 -1.11 7.81
N VAL A 63 4.57 -0.76 7.21
CA VAL A 63 4.49 0.42 6.37
C VAL A 63 3.45 1.40 6.91
N THR A 64 3.61 2.67 6.55
CA THR A 64 2.68 3.71 7.00
C THR A 64 1.92 4.31 5.83
N VAL A 65 0.63 4.01 5.73
CA VAL A 65 -0.20 4.52 4.65
C VAL A 65 -0.93 5.78 5.08
N THR A 66 -1.01 6.76 4.18
CA THR A 66 -1.69 8.01 4.47
C THR A 66 -2.91 8.20 3.57
N GLY A 67 -3.94 8.85 4.10
CA GLY A 67 -5.15 9.08 3.33
C GLY A 67 -6.41 8.85 4.15
N LEU A 68 -7.56 9.14 3.55
CA LEU A 68 -8.84 8.97 4.23
C LEU A 68 -8.99 7.53 4.74
N PRO A 69 -9.79 7.36 5.79
CA PRO A 69 -10.05 6.04 6.39
C PRO A 69 -10.88 5.14 5.48
N GLU A 70 -11.47 5.73 4.45
CA GLU A 70 -12.29 4.98 3.51
C GLU A 70 -11.45 4.44 2.36
N ASN A 71 -10.39 5.17 2.00
CA ASN A 71 -9.51 4.76 0.93
C ASN A 71 -8.38 3.89 1.45
N VAL A 72 -7.81 4.29 2.58
CA VAL A 72 -6.71 3.53 3.19
C VAL A 72 -7.11 2.08 3.42
N GLU A 73 -8.26 1.88 4.04
CA GLU A 73 -8.75 0.53 4.31
C GLU A 73 -8.74 -0.33 3.05
N GLU A 74 -9.16 0.27 1.93
CA GLU A 74 -9.19 -0.43 0.65
C GLU A 74 -7.79 -0.77 0.18
N ALA A 75 -6.90 0.22 0.19
CA ALA A 75 -5.52 0.02 -0.23
C ALA A 75 -4.89 -1.17 0.48
N ILE A 76 -4.95 -1.15 1.81
CA ILE A 76 -4.38 -2.22 2.62
C ILE A 76 -4.71 -3.59 2.03
N ASP A 77 -6.01 -3.84 1.84
CA ASP A 77 -6.46 -5.11 1.28
C ASP A 77 -5.68 -5.46 0.02
N HIS A 78 -5.33 -4.44 -0.76
CA HIS A 78 -4.59 -4.63 -2.00
C HIS A 78 -3.14 -4.99 -1.70
N ILE A 79 -2.57 -4.35 -0.68
CA ILE A 79 -1.19 -4.60 -0.30
C ILE A 79 -1.00 -6.03 0.20
N LEU A 80 -1.70 -6.39 1.26
CA LEU A 80 -1.63 -7.73 1.83
C LEU A 80 -1.92 -8.78 0.77
N ASN A 81 -2.84 -8.46 -0.13
CA ASN A 81 -3.22 -9.38 -1.20
C ASN A 81 -1.98 -9.84 -1.98
N LEU A 82 -1.14 -8.88 -2.34
CA LEU A 82 0.07 -9.18 -3.10
C LEU A 82 1.09 -9.91 -2.22
N GLU A 83 1.20 -9.49 -0.96
CA GLU A 83 2.14 -10.12 -0.04
C GLU A 83 2.15 -11.63 -0.21
N GLU A 84 0.98 -12.25 -0.12
CA GLU A 84 0.86 -13.68 -0.27
C GLU A 84 1.36 -14.14 -1.63
N GLU A 85 1.01 -13.38 -2.68
CA GLU A 85 1.42 -13.71 -4.03
C GLU A 85 2.94 -13.72 -4.15
N TYR A 86 3.56 -12.60 -3.81
CA TYR A 86 5.01 -12.49 -3.88
C TYR A 86 5.69 -13.62 -3.11
N LEU A 87 5.45 -13.65 -1.80
CA LEU A 87 6.03 -14.68 -0.95
C LEU A 87 5.86 -16.07 -1.57
N ALA A 88 4.72 -16.28 -2.22
CA ALA A 88 4.43 -17.56 -2.86
C ALA A 88 5.62 -18.05 -3.67
N ASP A 89 6.29 -17.12 -4.35
CA ASP A 89 7.45 -17.46 -5.17
C ASP A 89 8.73 -17.42 -4.34
N SER A 90 8.77 -18.23 -3.28
CA SER A 90 9.93 -18.27 -2.40
C SER A 90 11.00 -19.20 -2.97
N GLY A 91 10.59 -20.39 -3.38
CA GLY A 91 11.53 -21.36 -3.94
C GLY A 91 10.83 -22.53 -4.60
N PRO A 92 10.41 -22.33 -5.87
CA PRO A 92 9.73 -23.37 -6.64
C PRO A 92 10.65 -24.53 -7.00
N SER A 93 11.90 -24.44 -6.56
CA SER A 93 12.88 -25.49 -6.85
C SER A 93 12.51 -26.79 -6.14
N SER A 94 11.68 -27.60 -6.81
CA SER A 94 11.25 -28.87 -6.24
C SER A 94 12.43 -29.82 -6.06
N GLY A 95 12.27 -30.80 -5.18
CA GLY A 95 13.34 -31.75 -4.93
C GLY A 95 12.94 -32.81 -3.91
N GLY A 1 -30.38 -2.87 -16.16
CA GLY A 1 -30.10 -2.62 -14.75
C GLY A 1 -28.62 -2.46 -14.49
N SER A 2 -28.21 -1.23 -14.15
CA SER A 2 -26.81 -0.94 -13.87
C SER A 2 -26.68 0.14 -12.80
N SER A 3 -25.60 0.07 -12.03
CA SER A 3 -25.36 1.05 -10.97
C SER A 3 -23.93 1.57 -11.03
N GLY A 4 -23.72 2.76 -10.47
CA GLY A 4 -22.40 3.36 -10.47
C GLY A 4 -22.28 4.52 -9.51
N SER A 5 -21.06 4.86 -9.14
CA SER A 5 -20.82 5.97 -8.22
C SER A 5 -20.35 7.21 -8.97
N SER A 6 -19.25 7.07 -9.71
CA SER A 6 -18.69 8.17 -10.48
C SER A 6 -18.58 9.42 -9.61
N GLY A 7 -18.16 9.24 -8.35
CA GLY A 7 -18.02 10.37 -7.45
C GLY A 7 -16.82 10.22 -6.54
N ARG A 8 -15.63 10.08 -7.13
CA ARG A 8 -14.40 9.93 -6.36
C ARG A 8 -13.75 11.28 -6.11
N ILE A 9 -12.89 11.34 -5.11
CA ILE A 9 -12.20 12.58 -4.76
C ILE A 9 -10.96 12.30 -3.92
N VAL A 10 -10.18 13.34 -3.67
CA VAL A 10 -8.96 13.21 -2.86
C VAL A 10 -9.26 13.39 -1.38
N GLY A 11 -10.03 14.42 -1.06
CA GLY A 11 -10.38 14.68 0.33
C GLY A 11 -9.58 15.82 0.93
N GLU A 12 -9.56 15.91 2.26
CA GLU A 12 -8.84 16.96 2.95
C GLU A 12 -7.56 16.41 3.57
N LEU A 13 -6.50 17.22 3.56
CA LEU A 13 -5.22 16.81 4.14
C LEU A 13 -5.37 16.47 5.62
N GLU A 14 -5.71 17.47 6.42
CA GLU A 14 -5.89 17.27 7.85
C GLU A 14 -6.89 16.15 8.13
N GLN A 15 -7.72 15.85 7.13
CA GLN A 15 -8.72 14.80 7.26
C GLN A 15 -8.09 13.41 7.07
N MET A 16 -6.98 13.37 6.35
CA MET A 16 -6.29 12.12 6.09
C MET A 16 -5.85 11.46 7.40
N VAL A 17 -5.69 10.14 7.37
CA VAL A 17 -5.26 9.39 8.54
C VAL A 17 -4.24 8.32 8.18
N SER A 18 -3.20 8.22 8.99
CA SER A 18 -2.14 7.24 8.76
C SER A 18 -2.43 5.93 9.50
N GLU A 19 -2.15 4.81 8.83
CA GLU A 19 -2.38 3.50 9.43
C GLU A 19 -1.15 2.61 9.28
N ASP A 20 -1.03 1.64 10.18
CA ASP A 20 0.10 0.72 10.16
C ASP A 20 -0.28 -0.59 9.50
N VAL A 21 0.40 -0.92 8.39
CA VAL A 21 0.12 -2.15 7.66
C VAL A 21 1.32 -3.10 7.71
N PRO A 22 1.11 -4.30 8.26
CA PRO A 22 2.17 -5.31 8.37
C PRO A 22 2.57 -5.88 7.02
N LEU A 23 3.66 -5.39 6.46
CA LEU A 23 4.15 -5.85 5.17
C LEU A 23 5.56 -6.41 5.29
N ASP A 24 5.68 -7.73 5.15
CA ASP A 24 6.99 -8.39 5.25
C ASP A 24 8.02 -7.67 4.39
N HIS A 25 9.28 -7.80 4.76
CA HIS A 25 10.37 -7.16 4.03
C HIS A 25 10.69 -7.94 2.75
N ARG A 26 10.41 -9.24 2.77
CA ARG A 26 10.67 -10.09 1.62
C ARG A 26 9.73 -9.74 0.46
N VAL A 27 8.81 -8.82 0.71
CA VAL A 27 7.86 -8.39 -0.31
C VAL A 27 7.91 -6.88 -0.51
N HIS A 28 8.67 -6.20 0.34
CA HIS A 28 8.80 -4.75 0.26
C HIS A 28 9.21 -4.33 -1.15
N ALA A 29 10.43 -4.66 -1.54
CA ALA A 29 10.94 -4.31 -2.86
C ALA A 29 10.00 -4.81 -3.95
N ARG A 30 9.50 -6.03 -3.79
CA ARG A 30 8.58 -6.61 -4.76
C ARG A 30 7.41 -5.67 -5.06
N ILE A 31 7.02 -4.91 -4.05
CA ILE A 31 5.92 -3.96 -4.20
C ILE A 31 6.42 -2.60 -4.65
N ILE A 32 7.40 -2.06 -3.93
CA ILE A 32 7.97 -0.77 -4.26
C ILE A 32 8.23 -0.64 -5.75
N GLY A 33 8.84 -1.68 -6.33
CA GLY A 33 9.14 -1.67 -7.75
C GLY A 33 10.60 -1.38 -8.03
N ALA A 34 11.01 -1.60 -9.28
CA ALA A 34 12.40 -1.37 -9.67
C ALA A 34 12.77 0.10 -9.50
N ARG A 35 11.97 0.99 -10.10
CA ARG A 35 12.22 2.42 -10.01
C ARG A 35 11.17 3.10 -9.14
N GLY A 36 10.32 2.30 -8.50
CA GLY A 36 9.29 2.85 -7.65
C GLY A 36 7.98 3.06 -8.38
N LYS A 37 7.71 2.18 -9.35
CA LYS A 37 6.49 2.26 -10.14
C LYS A 37 5.40 1.36 -9.55
N ALA A 38 5.73 0.09 -9.36
CA ALA A 38 4.79 -0.87 -8.81
C ALA A 38 3.97 -0.25 -7.69
N ILE A 39 4.57 0.67 -6.95
CA ILE A 39 3.89 1.34 -5.85
C ILE A 39 3.21 2.62 -6.32
N ARG A 40 3.78 3.24 -7.35
CA ARG A 40 3.21 4.46 -7.90
C ARG A 40 1.76 4.25 -8.34
N LYS A 41 1.48 3.07 -8.87
CA LYS A 41 0.13 2.75 -9.32
C LYS A 41 -0.81 2.55 -8.14
N ILE A 42 -0.29 1.93 -7.08
CA ILE A 42 -1.08 1.69 -5.88
C ILE A 42 -1.46 3.00 -5.19
N MET A 43 -0.48 3.89 -5.07
CA MET A 43 -0.71 5.18 -4.43
C MET A 43 -1.83 5.94 -5.13
N ASP A 44 -1.67 6.16 -6.43
CA ASP A 44 -2.67 6.88 -7.21
C ASP A 44 -4.00 6.12 -7.23
N GLU A 45 -3.91 4.79 -7.19
CA GLU A 45 -5.10 3.96 -7.20
C GLU A 45 -6.15 4.47 -6.21
N PHE A 46 -5.73 4.68 -4.97
CA PHE A 46 -6.63 5.17 -3.94
C PHE A 46 -6.17 6.53 -3.43
N LYS A 47 -5.17 7.11 -4.09
CA LYS A 47 -4.64 8.40 -3.71
C LYS A 47 -4.05 8.36 -2.30
N VAL A 48 -3.35 7.28 -2.00
CA VAL A 48 -2.72 7.12 -0.69
C VAL A 48 -1.20 7.21 -0.78
N ASP A 49 -0.57 7.60 0.32
CA ASP A 49 0.88 7.72 0.35
C ASP A 49 1.50 6.65 1.24
N ILE A 50 2.02 5.60 0.61
CA ILE A 50 2.64 4.50 1.34
C ILE A 50 4.06 4.85 1.77
N ARG A 51 4.28 4.88 3.08
CA ARG A 51 5.60 5.20 3.63
C ARG A 51 6.29 3.95 4.15
N PHE A 52 7.35 3.53 3.46
CA PHE A 52 8.11 2.35 3.85
C PHE A 52 9.07 2.67 4.99
N PRO A 53 9.39 1.65 5.81
CA PRO A 53 10.30 1.80 6.95
C PRO A 53 11.74 2.04 6.51
N GLN A 54 12.33 3.12 6.99
CA GLN A 54 13.70 3.45 6.65
C GLN A 54 14.66 2.40 7.19
N SER A 55 15.97 2.61 6.96
CA SER A 55 16.99 1.69 7.42
C SER A 55 17.06 1.68 8.94
N GLY A 56 16.59 2.75 9.57
CA GLY A 56 16.62 2.85 11.01
C GLY A 56 15.22 2.94 11.61
N ALA A 57 14.23 2.48 10.85
CA ALA A 57 12.85 2.51 11.32
C ALA A 57 12.62 1.48 12.42
N PRO A 58 11.62 1.74 13.29
CA PRO A 58 11.28 0.84 14.39
C PRO A 58 10.64 -0.45 13.91
N ASP A 59 10.02 -0.39 12.74
CA ASP A 59 9.37 -1.56 12.17
C ASP A 59 9.73 -1.72 10.69
N PRO A 60 10.82 -2.46 10.43
CA PRO A 60 11.30 -2.70 9.06
C PRO A 60 10.36 -3.62 8.27
N ASN A 61 9.27 -4.02 8.91
CA ASN A 61 8.29 -4.90 8.27
C ASN A 61 6.90 -4.27 8.27
N CYS A 62 6.84 -3.00 8.67
CA CYS A 62 5.57 -2.28 8.72
C CYS A 62 5.65 -1.00 7.89
N VAL A 63 4.53 -0.66 7.24
CA VAL A 63 4.47 0.54 6.41
C VAL A 63 3.39 1.48 6.91
N THR A 64 3.62 2.79 6.73
CA THR A 64 2.65 3.79 7.16
C THR A 64 1.89 4.37 5.97
N VAL A 65 0.66 3.89 5.77
CA VAL A 65 -0.16 4.35 4.67
C VAL A 65 -1.01 5.54 5.09
N THR A 66 -0.81 6.67 4.42
CA THR A 66 -1.56 7.88 4.72
C THR A 66 -2.78 8.02 3.82
N GLY A 67 -3.77 8.78 4.28
CA GLY A 67 -4.98 8.97 3.51
C GLY A 67 -6.24 8.72 4.31
N LEU A 68 -7.37 9.13 3.77
CA LEU A 68 -8.66 8.95 4.45
C LEU A 68 -8.82 7.51 4.92
N PRO A 69 -9.64 7.32 5.96
CA PRO A 69 -9.91 5.99 6.53
C PRO A 69 -10.74 5.12 5.60
N GLU A 70 -11.38 5.75 4.61
CA GLU A 70 -12.20 5.03 3.65
C GLU A 70 -11.37 4.56 2.46
N ASN A 71 -10.27 5.26 2.20
CA ASN A 71 -9.39 4.91 1.09
C ASN A 71 -8.28 3.96 1.55
N VAL A 72 -7.67 4.28 2.70
CA VAL A 72 -6.61 3.46 3.24
C VAL A 72 -7.04 2.00 3.37
N GLU A 73 -8.15 1.77 4.07
CA GLU A 73 -8.65 0.42 4.25
C GLU A 73 -8.60 -0.37 2.95
N GLU A 74 -9.10 0.25 1.88
CA GLU A 74 -9.11 -0.40 0.57
C GLU A 74 -7.70 -0.69 0.09
N ALA A 75 -6.81 0.30 0.24
CA ALA A 75 -5.43 0.15 -0.17
C ALA A 75 -4.77 -1.04 0.52
N ILE A 76 -4.97 -1.14 1.82
CA ILE A 76 -4.39 -2.24 2.60
C ILE A 76 -4.73 -3.59 1.97
N ASP A 77 -6.02 -3.86 1.82
CA ASP A 77 -6.47 -5.11 1.23
C ASP A 77 -5.68 -5.44 -0.03
N HIS A 78 -5.37 -4.41 -0.81
CA HIS A 78 -4.61 -4.58 -2.05
C HIS A 78 -3.16 -4.91 -1.75
N ILE A 79 -2.59 -4.23 -0.76
CA ILE A 79 -1.20 -4.45 -0.37
C ILE A 79 -0.98 -5.88 0.10
N LEU A 80 -1.73 -6.28 1.13
CA LEU A 80 -1.60 -7.63 1.67
C LEU A 80 -1.88 -8.68 0.60
N ASN A 81 -2.77 -8.34 -0.34
CA ASN A 81 -3.13 -9.25 -1.42
C ASN A 81 -1.89 -9.66 -2.21
N LEU A 82 -1.06 -8.69 -2.57
CA LEU A 82 0.15 -8.94 -3.32
C LEU A 82 1.23 -9.55 -2.43
N GLU A 83 1.19 -9.23 -1.15
CA GLU A 83 2.16 -9.75 -0.19
C GLU A 83 2.18 -11.27 -0.21
N GLU A 84 1.00 -11.88 -0.25
CA GLU A 84 0.89 -13.34 -0.27
C GLU A 84 1.42 -13.89 -1.59
N GLU A 85 1.00 -13.30 -2.70
CA GLU A 85 1.43 -13.74 -4.01
C GLU A 85 2.95 -13.82 -4.09
N TYR A 86 3.62 -12.74 -3.70
CA TYR A 86 5.07 -12.69 -3.72
C TYR A 86 5.67 -13.77 -2.82
N LEU A 87 5.25 -13.80 -1.57
CA LEU A 87 5.73 -14.77 -0.61
C LEU A 87 5.62 -16.19 -1.17
N ALA A 88 4.48 -16.47 -1.81
CA ALA A 88 4.25 -17.79 -2.40
C ALA A 88 5.47 -18.28 -3.16
N ASP A 89 6.29 -17.34 -3.63
CA ASP A 89 7.50 -17.68 -4.37
C ASP A 89 8.72 -17.71 -3.45
N SER A 90 8.65 -18.54 -2.42
CA SER A 90 9.75 -18.66 -1.46
C SER A 90 10.68 -19.81 -1.84
N GLY A 91 10.09 -20.96 -2.13
CA GLY A 91 10.88 -22.13 -2.51
C GLY A 91 10.16 -23.03 -3.49
N PRO A 92 9.49 -24.06 -2.97
CA PRO A 92 8.75 -25.02 -3.80
C PRO A 92 7.50 -24.41 -4.42
N SER A 93 7.48 -24.35 -5.75
CA SER A 93 6.34 -23.79 -6.47
C SER A 93 5.80 -24.77 -7.50
N SER A 94 4.79 -25.53 -7.11
CA SER A 94 4.18 -26.52 -8.00
C SER A 94 2.70 -26.72 -7.66
N GLY A 95 1.86 -26.65 -8.69
CA GLY A 95 0.44 -26.82 -8.49
C GLY A 95 -0.23 -27.52 -9.65
N GLY A 1 -34.67 -2.43 -5.81
CA GLY A 1 -34.04 -1.91 -7.01
C GLY A 1 -32.53 -1.85 -6.89
N SER A 2 -31.99 -0.63 -6.88
CA SER A 2 -30.55 -0.44 -6.78
C SER A 2 -30.22 0.63 -5.74
N SER A 3 -30.78 1.82 -5.93
CA SER A 3 -30.53 2.93 -5.02
C SER A 3 -29.07 3.01 -4.61
N GLY A 4 -28.19 2.85 -5.60
CA GLY A 4 -26.77 2.91 -5.34
C GLY A 4 -26.08 4.06 -6.04
N SER A 5 -25.43 4.93 -5.28
CA SER A 5 -24.74 6.09 -5.84
C SER A 5 -23.33 5.72 -6.25
N SER A 6 -22.63 6.68 -6.86
CA SER A 6 -21.26 6.45 -7.32
C SER A 6 -20.52 7.78 -7.48
N GLY A 7 -19.34 7.87 -6.87
CA GLY A 7 -18.55 9.08 -6.96
C GLY A 7 -17.38 9.09 -5.99
N ARG A 8 -16.17 9.09 -6.55
CA ARG A 8 -14.96 9.08 -5.72
C ARG A 8 -14.60 10.49 -5.29
N ILE A 9 -13.49 10.62 -4.57
CA ILE A 9 -13.02 11.92 -4.11
C ILE A 9 -11.58 11.84 -3.61
N VAL A 10 -11.04 12.99 -3.20
CA VAL A 10 -9.66 13.06 -2.70
C VAL A 10 -9.64 13.39 -1.21
N GLY A 11 -10.57 14.25 -0.79
CA GLY A 11 -10.63 14.63 0.60
C GLY A 11 -9.63 15.72 0.95
N GLU A 12 -9.56 16.07 2.23
CA GLU A 12 -8.64 17.10 2.69
C GLU A 12 -7.39 16.48 3.30
N LEU A 13 -6.28 17.22 3.26
CA LEU A 13 -5.02 16.74 3.81
C LEU A 13 -5.14 16.47 5.31
N GLU A 14 -5.72 17.44 6.03
CA GLU A 14 -5.90 17.29 7.47
C GLU A 14 -6.87 16.17 7.80
N GLN A 15 -7.81 15.92 6.87
CA GLN A 15 -8.80 14.86 7.06
C GLN A 15 -8.17 13.49 6.90
N MET A 16 -6.97 13.45 6.33
CA MET A 16 -6.26 12.19 6.12
C MET A 16 -5.80 11.60 7.45
N VAL A 17 -5.60 10.29 7.47
CA VAL A 17 -5.16 9.60 8.67
C VAL A 17 -4.00 8.65 8.38
N SER A 18 -3.16 8.43 9.38
CA SER A 18 -2.01 7.54 9.23
C SER A 18 -2.27 6.19 9.89
N GLU A 19 -2.18 5.12 9.10
CA GLU A 19 -2.40 3.78 9.61
C GLU A 19 -1.17 2.91 9.41
N ASP A 20 -1.13 1.78 10.11
CA ASP A 20 -0.01 0.86 10.01
C ASP A 20 -0.45 -0.47 9.39
N VAL A 21 0.25 -0.88 8.33
CA VAL A 21 -0.06 -2.13 7.65
C VAL A 21 1.11 -3.09 7.70
N PRO A 22 0.87 -4.30 8.22
CA PRO A 22 1.90 -5.34 8.33
C PRO A 22 2.31 -5.90 6.98
N LEU A 23 3.44 -5.43 6.46
CA LEU A 23 3.94 -5.88 5.18
C LEU A 23 5.33 -6.50 5.32
N ASP A 24 5.47 -7.75 4.88
CA ASP A 24 6.74 -8.46 4.96
C ASP A 24 7.84 -7.66 4.27
N HIS A 25 9.01 -7.60 4.91
CA HIS A 25 10.15 -6.88 4.36
C HIS A 25 10.79 -7.65 3.22
N ARG A 26 10.49 -8.95 3.14
CA ARG A 26 11.03 -9.80 2.10
C ARG A 26 10.41 -9.48 0.75
N VAL A 27 9.27 -8.81 0.77
CA VAL A 27 8.58 -8.44 -0.46
C VAL A 27 8.43 -6.92 -0.57
N HIS A 28 9.15 -6.20 0.28
CA HIS A 28 9.11 -4.74 0.27
C HIS A 28 9.71 -4.18 -1.01
N ALA A 29 10.99 -4.47 -1.23
CA ALA A 29 11.68 -4.00 -2.43
C ALA A 29 11.03 -4.55 -3.69
N ARG A 30 10.40 -5.71 -3.57
CA ARG A 30 9.74 -6.34 -4.71
C ARG A 30 8.50 -5.56 -5.12
N ILE A 31 7.69 -5.17 -4.15
CA ILE A 31 6.48 -4.41 -4.40
C ILE A 31 6.80 -2.96 -4.72
N ILE A 32 7.79 -2.41 -4.01
CA ILE A 32 8.20 -1.02 -4.22
C ILE A 32 8.42 -0.73 -5.71
N GLY A 33 9.24 -1.55 -6.34
CA GLY A 33 9.53 -1.36 -7.75
C GLY A 33 10.88 -0.73 -7.99
N ALA A 34 11.46 -1.00 -9.16
CA ALA A 34 12.77 -0.45 -9.51
C ALA A 34 12.87 1.02 -9.13
N ARG A 35 12.08 1.85 -9.81
CA ARG A 35 12.07 3.29 -9.55
C ARG A 35 10.84 3.68 -8.74
N GLY A 36 10.30 2.73 -7.98
CA GLY A 36 9.13 2.99 -7.16
C GLY A 36 7.87 3.17 -7.99
N LYS A 37 7.74 2.37 -9.04
CA LYS A 37 6.58 2.44 -9.91
C LYS A 37 5.49 1.49 -9.43
N ALA A 38 5.83 0.22 -9.28
CA ALA A 38 4.88 -0.79 -8.82
C ALA A 38 4.07 -0.28 -7.63
N ILE A 39 4.71 0.55 -6.81
CA ILE A 39 4.06 1.10 -5.63
C ILE A 39 3.34 2.41 -5.96
N ARG A 40 3.78 3.05 -7.04
CA ARG A 40 3.18 4.32 -7.46
C ARG A 40 1.73 4.11 -7.90
N LYS A 41 1.49 3.07 -8.70
CA LYS A 41 0.15 2.77 -9.19
C LYS A 41 -0.80 2.50 -8.03
N ILE A 42 -0.29 1.83 -7.00
CA ILE A 42 -1.10 1.52 -5.82
C ILE A 42 -1.56 2.79 -5.11
N MET A 43 -0.64 3.74 -4.97
CA MET A 43 -0.96 5.01 -4.32
C MET A 43 -2.02 5.78 -5.11
N ASP A 44 -1.74 6.00 -6.39
CA ASP A 44 -2.66 6.73 -7.25
C ASP A 44 -3.98 5.98 -7.40
N GLU A 45 -3.91 4.65 -7.29
CA GLU A 45 -5.09 3.81 -7.41
C GLU A 45 -6.17 4.24 -6.42
N PHE A 46 -5.79 4.31 -5.14
CA PHE A 46 -6.72 4.71 -4.10
C PHE A 46 -6.44 6.13 -3.63
N LYS A 47 -5.49 6.79 -4.28
CA LYS A 47 -5.13 8.15 -3.93
C LYS A 47 -4.62 8.23 -2.49
N VAL A 48 -3.63 7.40 -2.18
CA VAL A 48 -3.04 7.38 -0.84
C VAL A 48 -1.52 7.49 -0.90
N ASP A 49 -0.92 7.83 0.23
CA ASP A 49 0.53 7.98 0.31
C ASP A 49 1.13 6.93 1.24
N ILE A 50 1.70 5.89 0.64
CA ILE A 50 2.31 4.81 1.42
C ILE A 50 3.74 5.17 1.82
N ARG A 51 4.14 4.73 3.01
CA ARG A 51 5.48 5.01 3.51
C ARG A 51 6.13 3.73 4.04
N PHE A 52 7.26 3.37 3.47
CA PHE A 52 7.98 2.17 3.88
C PHE A 52 8.97 2.49 5.00
N PRO A 53 9.35 1.46 5.76
CA PRO A 53 10.28 1.60 6.87
C PRO A 53 11.71 1.89 6.40
N GLN A 54 12.22 3.07 6.78
CA GLN A 54 13.57 3.47 6.39
C GLN A 54 14.62 2.65 7.13
N SER A 55 15.85 2.69 6.64
CA SER A 55 16.94 1.94 7.26
C SER A 55 16.82 1.97 8.78
N GLY A 56 16.83 3.16 9.35
CA GLY A 56 16.72 3.29 10.80
C GLY A 56 15.27 3.24 11.27
N ALA A 57 14.51 2.30 10.74
CA ALA A 57 13.11 2.15 11.12
C ALA A 57 12.94 1.05 12.16
N PRO A 58 12.00 1.25 13.09
CA PRO A 58 11.71 0.28 14.15
C PRO A 58 11.05 -0.98 13.62
N ASP A 59 10.08 -0.81 12.73
CA ASP A 59 9.37 -1.94 12.13
C ASP A 59 9.63 -2.03 10.64
N PRO A 60 10.67 -2.78 10.26
CA PRO A 60 11.04 -2.95 8.84
C PRO A 60 10.03 -3.79 8.08
N ASN A 61 9.01 -4.27 8.79
CA ASN A 61 7.96 -5.09 8.16
C ASN A 61 6.61 -4.38 8.23
N CYS A 62 6.64 -3.09 8.53
CA CYS A 62 5.42 -2.30 8.61
C CYS A 62 5.51 -1.06 7.73
N VAL A 63 4.40 -0.75 7.07
CA VAL A 63 4.35 0.41 6.18
C VAL A 63 3.29 1.41 6.64
N THR A 64 3.69 2.66 6.82
CA THR A 64 2.77 3.71 7.26
C THR A 64 2.03 4.31 6.07
N VAL A 65 0.75 3.98 5.95
CA VAL A 65 -0.07 4.50 4.87
C VAL A 65 -0.86 5.74 5.31
N THR A 66 -0.86 6.76 4.46
CA THR A 66 -1.58 7.99 4.76
C THR A 66 -2.79 8.16 3.85
N GLY A 67 -3.79 8.90 4.33
CA GLY A 67 -4.99 9.13 3.55
C GLY A 67 -6.25 8.86 4.34
N LEU A 68 -7.39 9.28 3.80
CA LEU A 68 -8.68 9.08 4.46
C LEU A 68 -8.79 7.66 5.01
N PRO A 69 -9.56 7.51 6.09
CA PRO A 69 -9.77 6.22 6.75
C PRO A 69 -10.62 5.28 5.89
N GLU A 70 -11.37 5.84 4.96
CA GLU A 70 -12.22 5.06 4.07
C GLU A 70 -11.44 4.56 2.86
N ASN A 71 -10.41 5.30 2.49
CA ASN A 71 -9.59 4.93 1.35
C ASN A 71 -8.46 4.00 1.77
N VAL A 72 -7.77 4.35 2.85
CA VAL A 72 -6.67 3.55 3.36
C VAL A 72 -7.06 2.07 3.44
N GLU A 73 -8.17 1.80 4.13
CA GLU A 73 -8.64 0.42 4.28
C GLU A 73 -8.62 -0.31 2.94
N GLU A 74 -9.14 0.34 1.91
CA GLU A 74 -9.18 -0.25 0.58
C GLU A 74 -7.76 -0.57 0.08
N ALA A 75 -6.84 0.36 0.32
CA ALA A 75 -5.46 0.17 -0.10
C ALA A 75 -4.83 -1.04 0.59
N ILE A 76 -4.98 -1.10 1.91
CA ILE A 76 -4.42 -2.20 2.68
C ILE A 76 -4.74 -3.55 2.04
N ASP A 77 -6.03 -3.81 1.85
CA ASP A 77 -6.48 -5.05 1.24
C ASP A 77 -5.67 -5.37 -0.02
N HIS A 78 -5.31 -4.32 -0.76
CA HIS A 78 -4.53 -4.49 -1.99
C HIS A 78 -3.07 -4.81 -1.66
N ILE A 79 -2.58 -4.27 -0.55
CA ILE A 79 -1.21 -4.49 -0.13
C ILE A 79 -1.01 -5.94 0.34
N LEU A 80 -1.76 -6.33 1.36
CA LEU A 80 -1.66 -7.67 1.90
C LEU A 80 -1.92 -8.72 0.82
N ASN A 81 -2.75 -8.35 -0.17
CA ASN A 81 -3.07 -9.25 -1.26
C ASN A 81 -1.81 -9.68 -2.01
N LEU A 82 -1.02 -8.69 -2.43
CA LEU A 82 0.21 -8.96 -3.16
C LEU A 82 1.19 -9.77 -2.31
N GLU A 83 1.38 -9.33 -1.07
CA GLU A 83 2.29 -10.00 -0.15
C GLU A 83 2.25 -11.51 -0.36
N GLU A 84 1.04 -12.08 -0.35
CA GLU A 84 0.86 -13.51 -0.53
C GLU A 84 1.31 -13.93 -1.93
N GLU A 85 0.92 -13.15 -2.93
CA GLU A 85 1.28 -13.44 -4.31
C GLU A 85 2.79 -13.48 -4.49
N TYR A 86 3.49 -12.60 -3.77
CA TYR A 86 4.95 -12.52 -3.85
C TYR A 86 5.59 -13.67 -3.08
N LEU A 87 5.22 -13.81 -1.81
CA LEU A 87 5.76 -14.86 -0.97
C LEU A 87 5.50 -16.24 -1.58
N ALA A 88 4.36 -16.37 -2.24
CA ALA A 88 4.00 -17.63 -2.88
C ALA A 88 5.10 -18.12 -3.81
N ASP A 89 5.89 -17.19 -4.34
CA ASP A 89 6.98 -17.53 -5.24
C ASP A 89 8.27 -16.80 -4.83
N SER A 90 8.59 -16.86 -3.54
CA SER A 90 9.78 -16.20 -3.02
C SER A 90 10.73 -17.21 -2.39
N GLY A 91 11.53 -17.86 -3.22
CA GLY A 91 12.47 -18.85 -2.72
C GLY A 91 13.49 -19.26 -3.77
N PRO A 92 13.05 -20.04 -4.76
CA PRO A 92 13.93 -20.52 -5.83
C PRO A 92 14.33 -19.40 -6.78
N SER A 93 15.41 -18.69 -6.43
CA SER A 93 15.89 -17.59 -7.24
C SER A 93 17.37 -17.32 -6.97
N SER A 94 18.11 -16.96 -8.01
CA SER A 94 19.53 -16.68 -7.89
C SER A 94 19.78 -15.18 -7.77
N GLY A 95 20.66 -14.79 -6.86
CA GLY A 95 20.98 -13.38 -6.67
C GLY A 95 22.43 -13.16 -6.31
N GLY A 1 -34.91 12.76 -8.44
CA GLY A 1 -34.20 14.03 -8.27
C GLY A 1 -32.74 13.83 -7.91
N SER A 2 -32.24 14.67 -7.03
CA SER A 2 -30.84 14.59 -6.60
C SER A 2 -29.94 14.24 -7.79
N SER A 3 -30.20 14.87 -8.93
CA SER A 3 -29.42 14.63 -10.14
C SER A 3 -28.28 15.64 -10.26
N GLY A 4 -27.62 15.91 -9.14
CA GLY A 4 -26.52 16.86 -9.13
C GLY A 4 -25.19 16.22 -9.51
N SER A 5 -24.14 17.02 -9.55
CA SER A 5 -22.81 16.53 -9.90
C SER A 5 -22.14 15.87 -8.69
N SER A 6 -21.97 14.55 -8.77
CA SER A 6 -21.34 13.79 -7.69
C SER A 6 -20.26 12.87 -8.23
N GLY A 7 -19.02 13.13 -7.82
CA GLY A 7 -17.91 12.31 -8.26
C GLY A 7 -16.91 12.04 -7.17
N ARG A 8 -15.83 11.33 -7.50
CA ARG A 8 -14.80 10.99 -6.53
C ARG A 8 -13.94 12.21 -6.21
N ILE A 9 -13.16 12.12 -5.14
CA ILE A 9 -12.28 13.20 -4.73
C ILE A 9 -11.05 12.68 -3.99
N VAL A 10 -10.20 13.61 -3.56
CA VAL A 10 -8.99 13.23 -2.83
C VAL A 10 -9.11 13.55 -1.34
N GLY A 11 -9.98 14.50 -1.02
CA GLY A 11 -10.19 14.88 0.37
C GLY A 11 -9.17 15.89 0.85
N GLU A 12 -9.22 16.22 2.13
CA GLU A 12 -8.29 17.19 2.72
C GLU A 12 -7.17 16.49 3.46
N LEU A 13 -6.05 17.16 3.60
CA LEU A 13 -4.89 16.61 4.31
C LEU A 13 -5.27 16.21 5.73
N GLU A 14 -5.64 17.20 6.53
CA GLU A 14 -6.02 16.96 7.92
C GLU A 14 -6.97 15.76 8.03
N GLN A 15 -7.88 15.66 7.06
CA GLN A 15 -8.85 14.56 7.04
C GLN A 15 -8.13 13.21 6.94
N MET A 16 -7.06 13.18 6.15
CA MET A 16 -6.30 11.95 5.95
C MET A 16 -5.90 11.34 7.30
N VAL A 17 -5.75 10.03 7.33
CA VAL A 17 -5.38 9.32 8.56
C VAL A 17 -4.19 8.39 8.30
N SER A 18 -3.25 8.38 9.24
CA SER A 18 -2.06 7.53 9.12
C SER A 18 -2.31 6.17 9.77
N GLU A 19 -2.23 5.12 8.96
CA GLU A 19 -2.44 3.77 9.45
C GLU A 19 -1.18 2.93 9.28
N ASP A 20 -1.07 1.88 10.08
CA ASP A 20 0.09 0.99 10.04
C ASP A 20 -0.29 -0.37 9.48
N VAL A 21 0.34 -0.75 8.37
CA VAL A 21 0.07 -2.03 7.74
C VAL A 21 1.27 -2.97 7.83
N PRO A 22 1.08 -4.12 8.50
CA PRO A 22 2.14 -5.11 8.68
C PRO A 22 2.50 -5.81 7.37
N LEU A 23 3.62 -5.40 6.78
CA LEU A 23 4.08 -5.98 5.52
C LEU A 23 5.45 -6.63 5.69
N ASP A 24 5.57 -7.87 5.28
CA ASP A 24 6.84 -8.59 5.38
C ASP A 24 7.89 -7.98 4.46
N HIS A 25 9.11 -7.84 4.97
CA HIS A 25 10.20 -7.27 4.19
C HIS A 25 10.52 -8.13 2.98
N ARG A 26 9.96 -9.34 2.96
CA ARG A 26 10.20 -10.27 1.86
C ARG A 26 9.35 -9.89 0.64
N VAL A 27 8.48 -8.89 0.82
CA VAL A 27 7.62 -8.43 -0.26
C VAL A 27 7.81 -6.94 -0.52
N HIS A 28 8.27 -6.22 0.49
CA HIS A 28 8.51 -4.80 0.38
C HIS A 28 8.97 -4.43 -1.03
N ALA A 29 10.17 -4.90 -1.38
CA ALA A 29 10.74 -4.63 -2.69
C ALA A 29 9.79 -5.08 -3.81
N ARG A 30 9.28 -6.30 -3.69
CA ARG A 30 8.37 -6.84 -4.68
C ARG A 30 7.27 -5.85 -5.01
N ILE A 31 6.93 -5.00 -4.05
CA ILE A 31 5.89 -3.99 -4.24
C ILE A 31 6.49 -2.67 -4.69
N ILE A 32 7.52 -2.21 -3.98
CA ILE A 32 8.18 -0.96 -4.31
C ILE A 32 8.55 -0.91 -5.80
N GLY A 33 9.19 -1.97 -6.27
CA GLY A 33 9.58 -2.02 -7.67
C GLY A 33 11.02 -1.61 -7.88
N ALA A 34 11.31 -1.04 -9.05
CA ALA A 34 12.66 -0.60 -9.38
C ALA A 34 12.87 0.84 -8.96
N ARG A 35 12.14 1.75 -9.59
CA ARG A 35 12.25 3.18 -9.29
C ARG A 35 11.01 3.67 -8.55
N GLY A 36 10.28 2.75 -7.92
CA GLY A 36 9.09 3.11 -7.19
C GLY A 36 7.90 3.34 -8.09
N LYS A 37 7.95 2.77 -9.30
CA LYS A 37 6.87 2.91 -10.26
C LYS A 37 5.77 1.90 -10.01
N ALA A 38 6.16 0.73 -9.49
CA ALA A 38 5.20 -0.33 -9.20
C ALA A 38 4.27 0.07 -8.06
N ILE A 39 4.83 0.74 -7.06
CA ILE A 39 4.06 1.18 -5.90
C ILE A 39 3.18 2.39 -6.25
N ARG A 40 3.72 3.26 -7.09
CA ARG A 40 3.00 4.46 -7.50
C ARG A 40 1.58 4.11 -7.97
N LYS A 41 1.43 2.90 -8.50
CA LYS A 41 0.13 2.44 -8.98
C LYS A 41 -0.89 2.41 -7.86
N ILE A 42 -0.55 1.70 -6.77
CA ILE A 42 -1.44 1.60 -5.63
C ILE A 42 -1.72 2.96 -5.02
N MET A 43 -0.69 3.79 -4.92
CA MET A 43 -0.82 5.12 -4.36
C MET A 43 -1.86 5.93 -5.12
N ASP A 44 -1.85 5.82 -6.45
CA ASP A 44 -2.79 6.53 -7.29
C ASP A 44 -4.15 5.84 -7.31
N GLU A 45 -4.12 4.51 -7.14
CA GLU A 45 -5.35 3.72 -7.14
C GLU A 45 -6.36 4.29 -6.15
N PHE A 46 -5.93 4.48 -4.92
CA PHE A 46 -6.80 5.03 -3.87
C PHE A 46 -6.33 6.40 -3.43
N LYS A 47 -5.32 6.94 -4.12
CA LYS A 47 -4.77 8.24 -3.80
C LYS A 47 -4.19 8.26 -2.39
N VAL A 48 -3.44 7.21 -2.05
CA VAL A 48 -2.82 7.10 -0.73
C VAL A 48 -1.30 7.19 -0.83
N ASP A 49 -0.66 7.44 0.31
CA ASP A 49 0.80 7.54 0.35
C ASP A 49 1.39 6.45 1.24
N ILE A 50 2.06 5.49 0.62
CA ILE A 50 2.69 4.39 1.36
C ILE A 50 4.11 4.74 1.76
N ARG A 51 4.36 4.79 3.07
CA ARG A 51 5.68 5.10 3.58
C ARG A 51 6.37 3.85 4.12
N PHE A 52 7.43 3.43 3.45
CA PHE A 52 8.17 2.24 3.86
C PHE A 52 9.18 2.58 4.96
N PRO A 53 9.46 1.60 5.84
CA PRO A 53 10.40 1.77 6.94
C PRO A 53 11.84 1.90 6.47
N GLN A 54 12.52 2.95 6.92
CA GLN A 54 13.90 3.19 6.53
C GLN A 54 14.85 2.37 7.41
N SER A 55 16.09 2.24 6.96
CA SER A 55 17.10 1.48 7.70
C SER A 55 17.09 1.87 9.18
N GLY A 56 16.65 3.10 9.46
CA GLY A 56 16.60 3.57 10.83
C GLY A 56 15.18 3.63 11.36
N ALA A 57 14.33 2.71 10.91
CA ALA A 57 12.95 2.67 11.35
C ALA A 57 12.74 1.61 12.43
N PRO A 58 11.79 1.87 13.34
CA PRO A 58 11.48 0.96 14.44
C PRO A 58 10.82 -0.33 13.96
N ASP A 59 10.05 -0.23 12.88
CA ASP A 59 9.37 -1.39 12.31
C ASP A 59 9.74 -1.58 10.84
N PRO A 60 10.80 -2.35 10.60
CA PRO A 60 11.28 -2.63 9.23
C PRO A 60 10.32 -3.52 8.46
N ASN A 61 9.27 -3.99 9.13
CA ASN A 61 8.29 -4.86 8.50
C ASN A 61 6.91 -4.21 8.52
N CYS A 62 6.87 -2.91 8.81
CA CYS A 62 5.61 -2.17 8.86
C CYS A 62 5.68 -0.92 7.99
N VAL A 63 4.58 -0.64 7.30
CA VAL A 63 4.51 0.52 6.43
C VAL A 63 3.43 1.50 6.89
N THR A 64 3.71 2.79 6.79
CA THR A 64 2.77 3.82 7.20
C THR A 64 2.05 4.40 5.99
N VAL A 65 0.78 4.04 5.83
CA VAL A 65 -0.03 4.54 4.72
C VAL A 65 -0.85 5.76 5.13
N THR A 66 -0.89 6.76 4.26
CA THR A 66 -1.64 7.98 4.54
C THR A 66 -2.81 8.14 3.57
N GLY A 67 -3.90 8.72 4.07
CA GLY A 67 -5.07 8.91 3.24
C GLY A 67 -6.36 8.65 3.99
N LEU A 68 -7.47 9.15 3.46
CA LEU A 68 -8.77 8.97 4.09
C LEU A 68 -8.90 7.59 4.70
N PRO A 69 -9.73 7.46 5.74
CA PRO A 69 -9.96 6.19 6.43
C PRO A 69 -10.73 5.19 5.57
N GLU A 70 -11.46 5.71 4.59
CA GLU A 70 -12.25 4.86 3.71
C GLU A 70 -11.42 4.41 2.50
N ASN A 71 -10.42 5.21 2.15
CA ASN A 71 -9.55 4.90 1.03
C ASN A 71 -8.39 4.02 1.46
N VAL A 72 -7.91 4.24 2.69
CA VAL A 72 -6.80 3.46 3.23
C VAL A 72 -7.20 2.01 3.43
N GLU A 73 -8.33 1.79 4.08
CA GLU A 73 -8.82 0.44 4.33
C GLU A 73 -8.82 -0.39 3.06
N GLU A 74 -9.21 0.24 1.95
CA GLU A 74 -9.26 -0.44 0.65
C GLU A 74 -7.85 -0.71 0.14
N ALA A 75 -6.95 0.24 0.34
CA ALA A 75 -5.56 0.10 -0.10
C ALA A 75 -4.88 -1.06 0.60
N ILE A 76 -5.03 -1.12 1.91
CA ILE A 76 -4.42 -2.20 2.70
C ILE A 76 -4.73 -3.56 2.11
N ASP A 77 -6.01 -3.85 1.93
CA ASP A 77 -6.44 -5.12 1.37
C ASP A 77 -5.67 -5.44 0.10
N HIS A 78 -5.42 -4.42 -0.71
CA HIS A 78 -4.68 -4.59 -1.96
C HIS A 78 -3.22 -4.91 -1.69
N ILE A 79 -2.67 -4.32 -0.63
CA ILE A 79 -1.27 -4.54 -0.27
C ILE A 79 -1.05 -5.99 0.16
N LEU A 80 -1.86 -6.46 1.11
CA LEU A 80 -1.75 -7.82 1.61
C LEU A 80 -1.99 -8.83 0.49
N ASN A 81 -2.83 -8.45 -0.47
CA ASN A 81 -3.15 -9.33 -1.60
C ASN A 81 -1.89 -9.69 -2.38
N LEU A 82 -1.06 -8.68 -2.65
CA LEU A 82 0.17 -8.89 -3.39
C LEU A 82 1.26 -9.48 -2.49
N GLU A 83 1.19 -9.15 -1.21
CA GLU A 83 2.17 -9.65 -0.24
C GLU A 83 2.29 -11.17 -0.34
N GLU A 84 1.15 -11.85 -0.43
CA GLU A 84 1.14 -13.30 -0.53
C GLU A 84 1.59 -13.77 -1.91
N GLU A 85 1.00 -13.18 -2.94
CA GLU A 85 1.34 -13.53 -4.31
C GLU A 85 2.85 -13.48 -4.53
N TYR A 86 3.49 -12.48 -3.93
CA TYR A 86 4.93 -12.32 -4.06
C TYR A 86 5.68 -13.36 -3.23
N LEU A 87 5.27 -13.50 -1.97
CA LEU A 87 5.90 -14.46 -1.07
C LEU A 87 5.98 -15.84 -1.72
N ALA A 88 4.95 -16.20 -2.47
CA ALA A 88 4.92 -17.50 -3.15
C ALA A 88 6.21 -17.75 -3.92
N ASP A 89 6.86 -16.67 -4.36
CA ASP A 89 8.10 -16.77 -5.10
C ASP A 89 9.29 -16.95 -4.15
N SER A 90 9.14 -17.85 -3.18
CA SER A 90 10.19 -18.12 -2.21
C SER A 90 10.55 -19.60 -2.19
N GLY A 91 10.68 -20.18 -3.38
CA GLY A 91 11.02 -21.59 -3.48
C GLY A 91 10.83 -22.14 -4.87
N PRO A 92 10.71 -23.47 -4.98
CA PRO A 92 10.50 -24.15 -6.27
C PRO A 92 9.13 -23.87 -6.86
N SER A 93 9.11 -23.45 -8.12
CA SER A 93 7.86 -23.15 -8.80
C SER A 93 7.44 -24.31 -9.71
N SER A 94 8.34 -24.70 -10.61
CA SER A 94 8.07 -25.79 -11.55
C SER A 94 9.37 -26.44 -12.01
N GLY A 95 9.42 -27.76 -11.94
CA GLY A 95 10.61 -28.48 -12.37
C GLY A 95 10.32 -29.46 -13.49
N GLY A 1 -29.19 -2.66 -17.07
CA GLY A 1 -28.25 -2.53 -15.98
C GLY A 1 -27.28 -1.38 -16.18
N SER A 2 -26.86 -0.77 -15.08
CA SER A 2 -25.93 0.35 -15.15
C SER A 2 -25.42 0.72 -13.75
N SER A 3 -24.11 0.87 -13.63
CA SER A 3 -23.50 1.22 -12.35
C SER A 3 -23.79 2.67 -11.98
N GLY A 4 -23.83 2.95 -10.68
CA GLY A 4 -24.10 4.29 -10.22
C GLY A 4 -24.19 4.39 -8.71
N SER A 5 -24.79 5.46 -8.22
CA SER A 5 -24.92 5.67 -6.78
C SER A 5 -23.57 5.59 -6.08
N SER A 6 -22.56 6.22 -6.68
CA SER A 6 -21.22 6.22 -6.13
C SER A 6 -20.44 7.45 -6.57
N GLY A 7 -19.31 7.69 -5.93
CA GLY A 7 -18.49 8.85 -6.28
C GLY A 7 -17.16 8.84 -5.56
N ARG A 8 -16.13 9.35 -6.23
CA ARG A 8 -14.79 9.40 -5.65
C ARG A 8 -14.50 10.78 -5.07
N ILE A 9 -13.48 10.86 -4.22
CA ILE A 9 -13.10 12.12 -3.60
C ILE A 9 -11.66 12.08 -3.11
N VAL A 10 -11.09 13.25 -2.86
CA VAL A 10 -9.71 13.35 -2.38
C VAL A 10 -9.67 13.61 -0.88
N GLY A 11 -10.51 14.54 -0.42
CA GLY A 11 -10.56 14.86 1.00
C GLY A 11 -9.49 15.87 1.39
N GLU A 12 -9.57 16.35 2.62
CA GLU A 12 -8.60 17.32 3.12
C GLU A 12 -7.43 16.62 3.79
N LEU A 13 -6.29 17.31 3.84
CA LEU A 13 -5.08 16.76 4.45
C LEU A 13 -5.35 16.32 5.88
N GLU A 14 -5.80 17.26 6.71
CA GLU A 14 -6.10 16.97 8.10
C GLU A 14 -7.05 15.78 8.23
N GLN A 15 -8.04 15.72 7.35
CA GLN A 15 -9.00 14.63 7.35
C GLN A 15 -8.31 13.29 7.17
N MET A 16 -7.27 13.27 6.35
CA MET A 16 -6.53 12.04 6.09
C MET A 16 -6.08 11.39 7.40
N VAL A 17 -5.92 10.07 7.37
CA VAL A 17 -5.51 9.33 8.56
C VAL A 17 -4.34 8.39 8.23
N SER A 18 -3.40 8.29 9.17
CA SER A 18 -2.23 7.42 8.99
C SER A 18 -2.45 6.07 9.64
N GLU A 19 -2.42 5.02 8.82
CA GLU A 19 -2.62 3.66 9.33
C GLU A 19 -1.35 2.82 9.14
N ASP A 20 -1.06 1.97 10.12
CA ASP A 20 0.12 1.12 10.05
C ASP A 20 -0.24 -0.25 9.51
N VAL A 21 0.23 -0.55 8.30
CA VAL A 21 -0.04 -1.83 7.67
C VAL A 21 1.17 -2.77 7.78
N PRO A 22 0.95 -3.92 8.44
CA PRO A 22 2.00 -4.92 8.64
C PRO A 22 2.40 -5.62 7.34
N LEU A 23 3.49 -5.17 6.74
CA LEU A 23 3.97 -5.75 5.48
C LEU A 23 5.39 -6.29 5.65
N ASP A 24 5.57 -7.56 5.34
CA ASP A 24 6.87 -8.20 5.44
C ASP A 24 7.89 -7.54 4.51
N HIS A 25 9.13 -7.45 4.95
CA HIS A 25 10.19 -6.83 4.16
C HIS A 25 10.60 -7.75 3.02
N ARG A 26 10.13 -8.98 3.05
CA ARG A 26 10.45 -9.96 2.01
C ARG A 26 9.63 -9.70 0.76
N VAL A 27 8.60 -8.87 0.88
CA VAL A 27 7.73 -8.54 -0.24
C VAL A 27 7.77 -7.04 -0.54
N HIS A 28 8.38 -6.28 0.36
CA HIS A 28 8.49 -4.84 0.19
C HIS A 28 9.01 -4.49 -1.19
N ALA A 29 10.29 -4.75 -1.42
CA ALA A 29 10.92 -4.46 -2.69
C ALA A 29 10.11 -5.04 -3.85
N ARG A 30 9.60 -6.25 -3.65
CA ARG A 30 8.81 -6.92 -4.68
C ARG A 30 7.65 -6.05 -5.13
N ILE A 31 6.97 -5.43 -4.17
CA ILE A 31 5.84 -4.56 -4.48
C ILE A 31 6.32 -3.21 -5.02
N ILE A 32 7.42 -2.72 -4.47
CA ILE A 32 7.98 -1.44 -4.90
C ILE A 32 8.55 -1.54 -6.31
N GLY A 33 8.99 -2.73 -6.68
CA GLY A 33 9.56 -2.94 -8.00
C GLY A 33 10.60 -1.89 -8.36
N ALA A 34 10.31 -1.09 -9.37
CA ALA A 34 11.23 -0.04 -9.80
C ALA A 34 11.67 0.82 -8.63
N ARG A 35 12.42 1.87 -8.92
CA ARG A 35 12.91 2.78 -7.89
C ARG A 35 11.77 3.27 -7.00
N GLY A 36 10.54 3.09 -7.48
CA GLY A 36 9.37 3.52 -6.72
C GLY A 36 8.15 3.72 -7.60
N LYS A 37 8.04 2.93 -8.65
CA LYS A 37 6.91 3.04 -9.57
C LYS A 37 5.82 2.03 -9.20
N ALA A 38 6.16 0.76 -9.18
CA ALA A 38 5.21 -0.29 -8.84
C ALA A 38 4.37 0.11 -7.63
N ILE A 39 4.97 0.88 -6.72
CA ILE A 39 4.27 1.33 -5.52
C ILE A 39 3.55 2.65 -5.77
N ARG A 40 4.06 3.42 -6.73
CA ARG A 40 3.47 4.71 -7.06
C ARG A 40 2.05 4.54 -7.61
N LYS A 41 1.91 3.65 -8.58
CA LYS A 41 0.61 3.38 -9.19
C LYS A 41 -0.43 3.05 -8.13
N ILE A 42 -0.02 2.28 -7.13
CA ILE A 42 -0.91 1.90 -6.04
C ILE A 42 -1.35 3.10 -5.22
N MET A 43 -0.42 4.01 -4.98
CA MET A 43 -0.70 5.22 -4.21
C MET A 43 -1.77 6.06 -4.91
N ASP A 44 -1.50 6.45 -6.15
CA ASP A 44 -2.43 7.27 -6.92
C ASP A 44 -3.77 6.54 -7.09
N GLU A 45 -3.70 5.22 -7.22
CA GLU A 45 -4.91 4.42 -7.38
C GLU A 45 -5.95 4.77 -6.32
N PHE A 46 -5.55 4.67 -5.06
CA PHE A 46 -6.44 4.97 -3.94
C PHE A 46 -6.16 6.37 -3.38
N LYS A 47 -5.33 7.13 -4.09
CA LYS A 47 -4.97 8.47 -3.66
C LYS A 47 -4.40 8.47 -2.25
N VAL A 48 -3.63 7.43 -1.94
CA VAL A 48 -3.01 7.31 -0.62
C VAL A 48 -1.51 7.51 -0.68
N ASP A 49 -0.84 7.39 0.46
CA ASP A 49 0.60 7.56 0.53
C ASP A 49 1.24 6.41 1.31
N ILE A 50 1.84 5.47 0.59
CA ILE A 50 2.49 4.33 1.21
C ILE A 50 3.98 4.59 1.43
N ARG A 51 4.38 4.73 2.68
CA ARG A 51 5.77 4.98 3.01
C ARG A 51 6.42 3.75 3.63
N PHE A 52 7.33 3.13 2.89
CA PHE A 52 8.02 1.93 3.36
C PHE A 52 9.06 2.29 4.42
N PRO A 53 9.31 1.36 5.35
CA PRO A 53 10.28 1.55 6.42
C PRO A 53 11.71 1.54 5.91
N GLN A 54 12.44 2.63 6.18
CA GLN A 54 13.83 2.75 5.75
C GLN A 54 14.76 2.04 6.72
N SER A 55 16.07 2.12 6.44
CA SER A 55 17.06 1.48 7.29
C SER A 55 16.89 1.92 8.75
N GLY A 56 16.76 3.23 8.95
CA GLY A 56 16.60 3.76 10.29
C GLY A 56 15.14 3.84 10.71
N ALA A 57 14.39 2.79 10.42
CA ALA A 57 12.97 2.75 10.76
C ALA A 57 12.73 1.85 11.97
N PRO A 58 11.74 2.23 12.80
CA PRO A 58 11.38 1.46 13.99
C PRO A 58 10.73 0.12 13.66
N ASP A 59 10.01 0.08 12.54
CA ASP A 59 9.34 -1.14 12.12
C ASP A 59 9.68 -1.46 10.66
N PRO A 60 10.72 -2.27 10.46
CA PRO A 60 11.16 -2.67 9.11
C PRO A 60 10.17 -3.60 8.43
N ASN A 61 9.11 -3.96 9.14
CA ASN A 61 8.08 -4.85 8.60
C ASN A 61 6.71 -4.17 8.61
N CYS A 62 6.71 -2.86 8.84
CA CYS A 62 5.47 -2.10 8.88
C CYS A 62 5.55 -0.89 7.96
N VAL A 63 4.46 -0.61 7.26
CA VAL A 63 4.40 0.52 6.34
C VAL A 63 3.40 1.57 6.81
N THR A 64 3.60 2.82 6.39
CA THR A 64 2.71 3.91 6.78
C THR A 64 1.89 4.38 5.59
N VAL A 65 0.59 4.09 5.62
CA VAL A 65 -0.31 4.49 4.55
C VAL A 65 -1.14 5.70 4.95
N THR A 66 -1.02 6.78 4.18
CA THR A 66 -1.76 8.00 4.46
C THR A 66 -3.00 8.11 3.57
N GLY A 67 -3.97 8.92 4.01
CA GLY A 67 -5.19 9.08 3.25
C GLY A 67 -6.43 8.82 4.07
N LEU A 68 -7.58 9.14 3.50
CA LEU A 68 -8.86 8.94 4.20
C LEU A 68 -9.01 7.49 4.65
N PRO A 69 -9.82 7.28 5.70
CA PRO A 69 -10.07 5.94 6.25
C PRO A 69 -10.90 5.07 5.30
N GLU A 70 -11.56 5.72 4.34
CA GLU A 70 -12.38 5.00 3.37
C GLU A 70 -11.55 4.51 2.19
N ASN A 71 -10.46 5.23 1.92
CA ASN A 71 -9.58 4.88 0.81
C ASN A 71 -8.44 3.98 1.29
N VAL A 72 -7.94 4.26 2.48
CA VAL A 72 -6.85 3.47 3.05
C VAL A 72 -7.26 2.02 3.24
N GLU A 73 -8.35 1.81 3.97
CA GLU A 73 -8.85 0.46 4.22
C GLU A 73 -8.72 -0.41 2.98
N GLU A 74 -9.13 0.14 1.84
CA GLU A 74 -9.06 -0.59 0.58
C GLU A 74 -7.61 -0.84 0.17
N ALA A 75 -6.79 0.20 0.26
CA ALA A 75 -5.38 0.10 -0.10
C ALA A 75 -4.70 -1.02 0.68
N ILE A 76 -4.95 -1.08 1.98
CA ILE A 76 -4.36 -2.10 2.84
C ILE A 76 -4.60 -3.49 2.26
N ASP A 77 -5.84 -3.78 1.92
CA ASP A 77 -6.20 -5.08 1.35
C ASP A 77 -5.33 -5.41 0.13
N HIS A 78 -5.19 -4.44 -0.76
CA HIS A 78 -4.38 -4.62 -1.96
C HIS A 78 -2.93 -4.93 -1.60
N ILE A 79 -2.44 -4.28 -0.56
CA ILE A 79 -1.06 -4.49 -0.11
C ILE A 79 -0.85 -5.93 0.33
N LEU A 80 -1.63 -6.37 1.31
CA LEU A 80 -1.52 -7.73 1.83
C LEU A 80 -1.76 -8.76 0.72
N ASN A 81 -2.62 -8.40 -0.23
CA ASN A 81 -2.92 -9.28 -1.35
C ASN A 81 -1.67 -9.66 -2.11
N LEU A 82 -0.87 -8.66 -2.48
CA LEU A 82 0.37 -8.89 -3.22
C LEU A 82 1.38 -9.64 -2.36
N GLU A 83 1.55 -9.18 -1.12
CA GLU A 83 2.49 -9.81 -0.20
C GLU A 83 2.44 -11.34 -0.33
N GLU A 84 1.24 -11.90 -0.22
CA GLU A 84 1.07 -13.34 -0.33
C GLU A 84 1.52 -13.84 -1.69
N GLU A 85 1.06 -13.17 -2.75
CA GLU A 85 1.43 -13.56 -4.11
C GLU A 85 2.93 -13.74 -4.24
N TYR A 86 3.68 -12.82 -3.67
CA TYR A 86 5.14 -12.86 -3.72
C TYR A 86 5.68 -13.92 -2.77
N LEU A 87 5.14 -13.95 -1.56
CA LEU A 87 5.56 -14.92 -0.54
C LEU A 87 5.56 -16.34 -1.11
N ALA A 88 4.47 -16.70 -1.77
CA ALA A 88 4.35 -18.03 -2.36
C ALA A 88 5.68 -18.49 -2.94
N ASP A 89 6.41 -17.58 -3.55
CA ASP A 89 7.70 -17.90 -4.14
C ASP A 89 8.84 -17.55 -3.19
N SER A 90 8.97 -18.33 -2.12
CA SER A 90 10.03 -18.09 -1.13
C SER A 90 11.35 -18.66 -1.61
N GLY A 91 12.16 -17.81 -2.24
CA GLY A 91 13.46 -18.24 -2.73
C GLY A 91 13.77 -17.68 -4.10
N PRO A 92 14.70 -18.34 -4.82
CA PRO A 92 15.10 -17.92 -6.16
C PRO A 92 14.01 -18.12 -7.19
N SER A 93 14.12 -17.43 -8.32
CA SER A 93 13.14 -17.53 -9.39
C SER A 93 13.75 -18.13 -10.65
N SER A 94 13.37 -19.37 -10.96
CA SER A 94 13.89 -20.05 -12.12
C SER A 94 13.77 -19.19 -13.37
N GLY A 95 14.73 -19.30 -14.27
CA GLY A 95 14.72 -18.52 -15.49
C GLY A 95 14.23 -19.32 -16.68
#